data_3SSN
#
_entry.id   3SSN
#
_cell.length_a   73.113
_cell.length_b   142.111
_cell.length_c   83.857
_cell.angle_alpha   90.000
_cell.angle_beta   105.610
_cell.angle_gamma   90.000
#
_symmetry.space_group_name_H-M   'P 1 21 1'
#
loop_
_entity.id
_entity.type
_entity.pdbx_description
1 polymer Methyltransferase
2 non-polymer 'MAGNESIUM ION'
3 non-polymer S-ADENOSYL-L-HOMOCYSTEINE
4 non-polymer 'Mycinamicin VI'
5 non-polymer 'DIMETHYL SULFOXIDE'
6 non-polymer GLYCEROL
7 water water
#
_entity_poly.entity_id   1
_entity_poly.type   'polypeptide(L)'
_entity_poly.pdbx_seq_one_letter_code
;MGSSHHHHHHSSGLVPRGSHMTAQTEFDEATVQDVVRLAGGHDSELRELTQKYDPAMISRLLVAEILSRCPPPSNDTPVL
VELAIVHGSERFRHFLRVVRDSPIRPVGADEGFVGMLVEYELTELLRELFGVTHERPAGVRGTKLFPYLTDDEEAVEQIG
TYLLAAQQGTEAVLAGCGSRKPDLSELSSRYFTPKFGFLHWFTPHYDRHFRDYRNQQVRVLEIGVGGYKHPEWGGGSLRM
WKSFFPRGQIYGLDIMDKSHVDELRIRTIQGDQNDAEFLDRIARRYGPFDIVIDDGSHINAHVRTSFAALFPHVRPGGLY
VIEDMWTAYWPGFGGQADPQECSGTSLGLLKSLIDAIQHQELPSDPNRSPGYVDRNIVGLHVYHNVAFVEKGRNDEGGIP
TWIPRDFESLVQASSGGAT
;
_entity_poly.pdbx_strand_id   A,B,C,D
#
# COMPACT_ATOMS: atom_id res chain seq x y z
N GLU A 26 17.87 -17.48 -28.69
CA GLU A 26 16.62 -16.84 -28.18
C GLU A 26 16.50 -15.37 -28.61
N PHE A 27 16.21 -14.49 -27.65
CA PHE A 27 16.03 -13.06 -27.89
C PHE A 27 17.22 -12.25 -27.38
N ASP A 28 17.69 -11.33 -28.22
CA ASP A 28 18.81 -10.44 -27.89
C ASP A 28 18.48 -9.53 -26.69
N GLU A 29 19.42 -9.43 -25.75
CA GLU A 29 19.21 -8.67 -24.51
C GLU A 29 18.86 -7.20 -24.77
N ALA A 30 19.65 -6.56 -25.62
CA ALA A 30 19.42 -5.16 -25.99
C ALA A 30 18.00 -4.95 -26.51
N THR A 31 17.48 -5.94 -27.23
CA THR A 31 16.13 -5.88 -27.80
C THR A 31 15.10 -6.00 -26.70
N VAL A 32 15.28 -6.99 -25.82
CA VAL A 32 14.37 -7.22 -24.70
C VAL A 32 14.27 -5.96 -23.84
N GLN A 33 15.41 -5.32 -23.57
CA GLN A 33 15.43 -4.10 -22.75
C GLN A 33 14.76 -2.92 -23.42
N ASP A 34 14.87 -2.86 -24.75
CA ASP A 34 14.26 -1.80 -25.54
C ASP A 34 12.74 -1.96 -25.57
N VAL A 35 12.27 -3.17 -25.86
CA VAL A 35 10.85 -3.50 -25.76
C VAL A 35 10.25 -3.11 -24.41
N VAL A 36 10.98 -3.39 -23.33
CA VAL A 36 10.49 -3.10 -21.97
C VAL A 36 10.42 -1.59 -21.73
N ARG A 37 11.49 -0.90 -22.11
CA ARG A 37 11.54 0.55 -22.15
C ARG A 37 10.29 1.19 -22.80
N LEU A 38 9.96 0.75 -24.00
CA LEU A 38 8.89 1.38 -24.77
C LEU A 38 7.50 0.97 -24.28
N ALA A 39 7.39 -0.28 -23.83
CA ALA A 39 6.16 -0.76 -23.21
C ALA A 39 5.78 0.11 -22.00
N GLY A 40 6.79 0.64 -21.32
CA GLY A 40 6.56 1.55 -20.18
C GLY A 40 6.11 2.96 -20.53
N GLY A 41 6.11 3.33 -21.82
CA GLY A 41 5.72 4.67 -22.24
C GLY A 41 4.23 4.83 -22.52
N HIS A 42 3.90 5.86 -23.29
CA HIS A 42 2.51 6.16 -23.60
C HIS A 42 2.15 5.57 -24.99
N ASP A 43 1.02 5.99 -25.55
CA ASP A 43 0.58 5.48 -26.85
C ASP A 43 1.65 5.59 -27.95
N SER A 44 2.34 6.73 -28.01
CA SER A 44 3.35 6.95 -29.05
C SER A 44 4.48 5.93 -28.97
N GLU A 45 4.84 5.54 -27.75
CA GLU A 45 5.91 4.58 -27.54
C GLU A 45 5.50 3.17 -27.92
N LEU A 46 4.23 2.84 -27.70
CA LEU A 46 3.69 1.54 -28.06
C LEU A 46 3.61 1.37 -29.58
N ARG A 47 3.26 2.46 -30.26
CA ARG A 47 3.30 2.49 -31.72
C ARG A 47 4.73 2.33 -32.24
N GLU A 48 5.64 3.15 -31.71
CA GLU A 48 7.06 3.09 -32.09
C GLU A 48 7.59 1.68 -31.97
N LEU A 49 7.30 1.06 -30.83
CA LEU A 49 7.71 -0.29 -30.54
C LEU A 49 7.24 -1.27 -31.61
N THR A 50 5.94 -1.24 -31.93
CA THR A 50 5.38 -2.24 -32.85
C THR A 50 5.71 -1.97 -34.32
N GLN A 51 6.27 -0.79 -34.60
CA GLN A 51 6.73 -0.45 -35.94
C GLN A 51 8.23 -0.72 -36.09
N LYS A 52 8.97 -0.66 -34.97
CA LYS A 52 10.41 -0.93 -34.98
C LYS A 52 10.69 -2.42 -35.14
N TYR A 53 9.92 -3.26 -34.45
CA TYR A 53 10.14 -4.70 -34.47
C TYR A 53 8.98 -5.43 -35.15
N ASP A 54 9.27 -6.61 -35.66
CA ASP A 54 8.28 -7.50 -36.25
C ASP A 54 7.27 -7.97 -35.18
N PRO A 55 5.97 -7.76 -35.43
CA PRO A 55 4.96 -8.17 -34.45
C PRO A 55 5.00 -9.68 -34.12
N ALA A 56 5.32 -10.50 -35.12
CA ALA A 56 5.52 -11.93 -34.90
C ALA A 56 6.64 -12.21 -33.89
N MET A 57 7.75 -11.50 -34.03
CA MET A 57 8.88 -11.60 -33.11
C MET A 57 8.46 -11.21 -31.69
N ILE A 58 7.80 -10.06 -31.56
CA ILE A 58 7.36 -9.55 -30.26
C ILE A 58 6.39 -10.51 -29.57
N SER A 59 5.51 -11.13 -30.35
CA SER A 59 4.55 -12.11 -29.84
C SER A 59 5.22 -13.32 -29.20
N ARG A 60 6.28 -13.82 -29.82
CA ARG A 60 7.02 -14.95 -29.29
C ARG A 60 7.78 -14.56 -28.02
N LEU A 61 8.29 -13.33 -27.99
CA LEU A 61 8.91 -12.77 -26.79
C LEU A 61 7.92 -12.70 -25.61
N LEU A 62 6.72 -12.20 -25.85
CA LEU A 62 5.72 -12.05 -24.79
C LEU A 62 5.30 -13.41 -24.25
N VAL A 63 5.14 -14.37 -25.16
CA VAL A 63 4.72 -15.72 -24.82
C VAL A 63 5.78 -16.39 -23.97
N ALA A 64 7.04 -16.24 -24.35
CA ALA A 64 8.17 -16.71 -23.54
C ALA A 64 8.08 -16.14 -22.13
N GLU A 65 7.80 -14.84 -22.03
CA GLU A 65 7.67 -14.15 -20.75
C GLU A 65 6.53 -14.74 -19.92
N ILE A 66 5.36 -14.84 -20.55
CA ILE A 66 4.18 -15.45 -19.95
C ILE A 66 4.51 -16.85 -19.40
N LEU A 67 5.23 -17.65 -20.18
CA LEU A 67 5.58 -19.00 -19.72
C LEU A 67 6.31 -19.02 -18.39
N SER A 68 7.24 -18.09 -18.20
CA SER A 68 8.00 -18.00 -16.95
C SER A 68 7.19 -17.36 -15.84
N ARG A 69 6.05 -16.79 -16.21
CA ARG A 69 5.29 -15.97 -15.28
C ARG A 69 4.09 -16.70 -14.69
N CYS A 70 3.62 -17.73 -15.38
CA CYS A 70 2.47 -18.52 -14.94
C CYS A 70 2.74 -19.23 -13.61
N PRO A 71 1.84 -19.12 -12.61
CA PRO A 71 2.02 -19.92 -11.39
C PRO A 71 1.73 -21.39 -11.71
N PRO A 72 2.15 -22.32 -10.82
CA PRO A 72 1.91 -23.71 -11.18
C PRO A 72 0.41 -24.03 -11.15
N PRO A 73 -0.10 -24.63 -12.24
CA PRO A 73 -1.53 -24.92 -12.42
C PRO A 73 -2.00 -25.95 -11.40
N SER A 74 -3.31 -26.00 -11.16
CA SER A 74 -3.84 -26.93 -10.17
C SER A 74 -4.84 -27.92 -10.75
N ASN A 75 -5.10 -27.81 -12.05
CA ASN A 75 -6.08 -28.69 -12.70
C ASN A 75 -5.54 -30.10 -12.90
N ASP A 76 -6.39 -31.07 -12.62
CA ASP A 76 -6.05 -32.49 -12.67
C ASP A 76 -6.02 -33.05 -14.08
N THR A 77 -6.96 -32.59 -14.90
CA THR A 77 -7.11 -33.03 -16.28
C THR A 77 -6.44 -31.99 -17.18
N PRO A 78 -5.56 -32.42 -18.08
CA PRO A 78 -4.84 -31.47 -18.92
C PRO A 78 -5.80 -30.70 -19.81
N VAL A 79 -5.46 -29.43 -20.06
CA VAL A 79 -6.27 -28.55 -20.88
C VAL A 79 -5.36 -27.65 -21.72
N LEU A 80 -5.89 -27.14 -22.83
CA LEU A 80 -5.22 -26.13 -23.63
C LEU A 80 -5.88 -24.75 -23.44
N VAL A 81 -5.07 -23.73 -23.20
CA VAL A 81 -5.54 -22.36 -23.29
C VAL A 81 -4.94 -21.77 -24.58
N GLU A 82 -5.80 -21.38 -25.51
CA GLU A 82 -5.30 -20.69 -26.71
C GLU A 82 -5.13 -19.21 -26.41
N LEU A 83 -3.89 -18.74 -26.60
CA LEU A 83 -3.57 -17.34 -26.54
C LEU A 83 -3.43 -16.85 -27.96
N ALA A 84 -4.32 -15.93 -28.34
CA ALA A 84 -4.27 -15.32 -29.66
C ALA A 84 -3.87 -13.87 -29.50
N ILE A 85 -2.72 -13.51 -30.09
CA ILE A 85 -2.21 -12.15 -30.03
C ILE A 85 -2.48 -11.47 -31.36
N VAL A 86 -3.14 -10.33 -31.30
CA VAL A 86 -3.65 -9.67 -32.48
C VAL A 86 -2.92 -8.35 -32.72
N HIS A 87 -2.42 -8.17 -33.94
CA HIS A 87 -1.89 -6.88 -34.34
C HIS A 87 -2.25 -6.59 -35.78
N GLY A 88 -3.06 -5.55 -35.98
CA GLY A 88 -3.58 -5.21 -37.30
C GLY A 88 -4.33 -6.37 -37.90
N SER A 89 -3.92 -6.79 -39.10
CA SER A 89 -4.57 -7.88 -39.81
C SER A 89 -3.96 -9.24 -39.45
N GLU A 90 -2.85 -9.20 -38.71
CA GLU A 90 -2.17 -10.42 -38.29
C GLU A 90 -2.71 -10.96 -36.97
N ARG A 91 -2.70 -12.28 -36.86
CA ARG A 91 -3.21 -12.96 -35.68
C ARG A 91 -2.26 -14.10 -35.31
N PHE A 92 -1.56 -13.96 -34.19
CA PHE A 92 -0.59 -14.97 -33.75
C PHE A 92 -1.17 -15.90 -32.69
N ARG A 93 -1.30 -17.16 -33.07
CA ARG A 93 -1.99 -18.15 -32.24
C ARG A 93 -0.97 -19.03 -31.54
N HIS A 94 -1.12 -19.14 -30.23
CA HIS A 94 -0.26 -19.96 -29.39
C HIS A 94 -1.11 -20.84 -28.50
N PHE A 95 -0.73 -22.09 -28.38
CA PHE A 95 -1.50 -23.04 -27.62
C PHE A 95 -0.68 -23.53 -26.44
N LEU A 96 -1.15 -23.19 -25.25
CA LEU A 96 -0.44 -23.52 -24.01
C LEU A 96 -1.08 -24.71 -23.32
N ARG A 97 -0.26 -25.73 -23.08
CA ARG A 97 -0.72 -26.91 -22.36
C ARG A 97 -0.63 -26.64 -20.86
N VAL A 98 -1.76 -26.80 -20.17
CA VAL A 98 -1.85 -26.50 -18.75
C VAL A 98 -2.33 -27.72 -17.97
N VAL A 99 -1.47 -28.21 -17.07
CA VAL A 99 -1.84 -29.28 -16.14
C VAL A 99 -0.94 -29.25 -14.92
N ARG A 100 -1.47 -29.62 -13.75
CA ARG A 100 -0.67 -29.61 -12.52
C ARG A 100 0.51 -30.59 -12.60
N ASP A 101 1.60 -30.21 -11.94
CA ASP A 101 2.84 -31.01 -11.87
C ASP A 101 3.74 -30.87 -13.10
N SER A 102 3.21 -30.27 -14.15
CA SER A 102 3.99 -29.99 -15.34
C SER A 102 4.11 -28.48 -15.51
N PRO A 103 5.22 -28.02 -16.10
CA PRO A 103 5.33 -26.63 -16.52
C PRO A 103 4.39 -26.32 -17.68
N ILE A 104 3.88 -25.09 -17.74
CA ILE A 104 3.07 -24.65 -18.86
C ILE A 104 3.99 -24.48 -20.06
N ARG A 105 3.59 -25.04 -21.19
CA ARG A 105 4.44 -25.01 -22.36
C ARG A 105 3.60 -24.86 -23.62
N PRO A 106 4.20 -24.31 -24.68
CA PRO A 106 3.50 -24.21 -25.95
C PRO A 106 3.50 -25.55 -26.68
N VAL A 107 2.37 -25.89 -27.30
CA VAL A 107 2.25 -27.12 -28.07
C VAL A 107 1.49 -26.78 -29.34
N GLY A 108 1.31 -27.77 -30.22
CA GLY A 108 0.50 -27.58 -31.40
C GLY A 108 -0.98 -27.46 -31.10
N ALA A 109 -1.72 -26.88 -32.03
CA ALA A 109 -3.16 -26.66 -31.89
C ALA A 109 -4.02 -27.89 -31.59
N ASP A 110 -3.61 -29.06 -32.11
CA ASP A 110 -4.41 -30.28 -32.00
C ASP A 110 -4.06 -31.10 -30.76
N GLU A 111 -3.06 -30.65 -30.01
CA GLU A 111 -2.45 -31.44 -28.94
C GLU A 111 -3.14 -31.30 -27.58
N GLY A 112 -4.46 -31.20 -27.64
CA GLY A 112 -5.27 -31.15 -26.44
C GLY A 112 -6.66 -30.62 -26.72
N PHE A 113 -7.49 -30.64 -25.68
CA PHE A 113 -8.79 -30.00 -25.70
C PHE A 113 -8.63 -28.52 -25.37
N VAL A 114 -9.12 -27.66 -26.25
CA VAL A 114 -9.01 -26.22 -26.05
C VAL A 114 -10.20 -25.74 -25.21
N GLY A 115 -9.90 -25.39 -23.96
CA GLY A 115 -10.94 -25.04 -23.00
C GLY A 115 -11.31 -23.57 -23.01
N MET A 116 -10.33 -22.72 -23.34
CA MET A 116 -10.51 -21.28 -23.35
C MET A 116 -9.73 -20.68 -24.50
N LEU A 117 -10.34 -19.72 -25.18
CA LEU A 117 -9.60 -18.84 -26.08
C LEU A 117 -9.45 -17.47 -25.38
N VAL A 118 -8.20 -17.00 -25.30
CA VAL A 118 -7.89 -15.71 -24.71
C VAL A 118 -7.29 -14.84 -25.80
N GLU A 119 -7.83 -13.64 -25.98
CA GLU A 119 -7.38 -12.78 -27.07
C GLU A 119 -6.88 -11.45 -26.54
N TYR A 120 -5.71 -11.03 -27.01
CA TYR A 120 -5.12 -9.77 -26.63
C TYR A 120 -4.79 -8.96 -27.88
N GLU A 121 -4.98 -7.64 -27.83
CA GLU A 121 -4.23 -6.77 -28.72
C GLU A 121 -2.77 -6.77 -28.27
N LEU A 122 -1.86 -6.85 -29.23
CA LEU A 122 -0.42 -6.89 -28.95
C LEU A 122 -0.02 -5.78 -27.98
N THR A 123 -0.45 -4.55 -28.28
CA THR A 123 -0.07 -3.37 -27.48
C THR A 123 -0.61 -3.44 -26.06
N GLU A 124 -1.79 -4.03 -25.90
CA GLU A 124 -2.40 -4.23 -24.59
C GLU A 124 -1.62 -5.26 -23.76
N LEU A 125 -1.28 -6.39 -24.38
CA LEU A 125 -0.43 -7.39 -23.74
C LEU A 125 0.93 -6.82 -23.33
N LEU A 126 1.55 -6.01 -24.21
CA LEU A 126 2.78 -5.31 -23.88
C LEU A 126 2.60 -4.46 -22.62
N ARG A 127 1.49 -3.71 -22.57
CA ARG A 127 1.18 -2.88 -21.39
C ARG A 127 1.01 -3.71 -20.12
N GLU A 128 0.33 -4.85 -20.23
CA GLU A 128 0.00 -5.66 -19.04
C GLU A 128 1.24 -6.38 -18.49
N LEU A 129 2.13 -6.78 -19.37
CA LEU A 129 3.34 -7.48 -18.96
C LEU A 129 4.48 -6.53 -18.58
N PHE A 130 4.67 -5.46 -19.36
CA PHE A 130 5.88 -4.63 -19.21
C PHE A 130 5.62 -3.14 -19.05
N GLY A 131 4.36 -2.77 -18.80
CA GLY A 131 4.00 -1.37 -18.76
C GLY A 131 4.15 -0.70 -17.43
N VAL A 132 4.07 0.63 -17.43
CA VAL A 132 3.92 1.39 -16.21
C VAL A 132 2.42 1.64 -16.18
N THR A 133 1.70 0.86 -15.38
CA THR A 133 0.25 0.83 -15.49
C THR A 133 -0.46 0.60 -14.15
N HIS A 134 -1.66 1.15 -14.03
CA HIS A 134 -2.53 0.90 -12.91
C HIS A 134 -3.13 -0.49 -13.09
N GLU A 135 -3.72 -1.02 -12.03
CA GLU A 135 -4.41 -2.29 -12.13
C GLU A 135 -5.70 -2.09 -12.90
N ARG A 136 -5.98 -3.03 -13.77
CA ARG A 136 -7.17 -2.97 -14.61
C ARG A 136 -7.93 -4.26 -14.40
N PRO A 137 -9.03 -4.19 -13.66
CA PRO A 137 -9.86 -5.35 -13.32
C PRO A 137 -10.60 -5.99 -14.50
N ALA A 138 -10.79 -5.26 -15.59
CA ALA A 138 -11.46 -5.80 -16.78
C ALA A 138 -10.96 -5.11 -18.03
N GLY A 139 -11.44 -5.56 -19.19
CA GLY A 139 -11.24 -4.88 -20.45
C GLY A 139 -9.86 -4.89 -21.05
N VAL A 140 -9.02 -5.85 -20.66
CA VAL A 140 -7.68 -5.96 -21.22
C VAL A 140 -7.62 -7.07 -22.28
N ARG A 141 -8.68 -7.86 -22.38
CA ARG A 141 -8.63 -9.06 -23.21
C ARG A 141 -10.04 -9.46 -23.61
N GLY A 142 -10.14 -10.42 -24.52
CA GLY A 142 -11.40 -11.07 -24.81
C GLY A 142 -11.26 -12.54 -24.50
N THR A 143 -12.35 -13.18 -24.11
CA THR A 143 -12.36 -14.61 -23.77
C THR A 143 -13.51 -15.36 -24.43
N LYS A 144 -13.22 -16.55 -24.96
CA LYS A 144 -14.26 -17.44 -25.46
C LYS A 144 -14.06 -18.86 -24.92
N LEU A 145 -14.97 -19.26 -24.04
CA LEU A 145 -14.93 -20.57 -23.41
C LEU A 145 -15.30 -21.67 -24.40
N PHE A 146 -14.74 -22.86 -24.22
CA PHE A 146 -14.97 -24.00 -25.15
C PHE A 146 -15.05 -23.52 -26.61
N PRO A 147 -14.04 -22.76 -27.07
CA PRO A 147 -14.19 -22.00 -28.33
C PRO A 147 -14.56 -22.82 -29.57
N TYR A 148 -14.13 -24.08 -29.64
CA TYR A 148 -14.31 -24.88 -30.87
C TYR A 148 -15.43 -25.91 -30.78
N LEU A 149 -16.23 -25.81 -29.74
CA LEU A 149 -17.43 -26.62 -29.62
C LEU A 149 -18.57 -25.92 -30.33
N THR A 150 -18.84 -26.40 -31.54
CA THR A 150 -19.87 -25.84 -32.44
C THR A 150 -21.28 -25.94 -31.85
N ASP A 151 -21.72 -27.17 -31.62
CA ASP A 151 -23.08 -27.47 -31.21
C ASP A 151 -23.21 -27.57 -29.68
N ASP A 152 -24.38 -27.18 -29.16
CA ASP A 152 -24.63 -27.15 -27.71
C ASP A 152 -24.57 -28.52 -27.04
N GLU A 153 -25.08 -29.54 -27.73
CA GLU A 153 -25.09 -30.92 -27.22
C GLU A 153 -23.67 -31.45 -27.00
N GLU A 154 -22.75 -30.99 -27.85
CA GLU A 154 -21.33 -31.31 -27.76
C GLU A 154 -20.69 -30.71 -26.50
N ALA A 155 -21.07 -29.47 -26.18
CA ALA A 155 -20.53 -28.78 -25.02
C ALA A 155 -21.02 -29.36 -23.69
N VAL A 156 -22.31 -29.73 -23.64
CA VAL A 156 -22.91 -30.32 -22.45
C VAL A 156 -22.18 -31.60 -21.99
N GLU A 157 -21.82 -32.47 -22.93
CA GLU A 157 -21.11 -33.71 -22.59
C GLU A 157 -19.68 -33.46 -22.09
N GLN A 158 -19.18 -32.25 -22.32
CA GLN A 158 -17.82 -31.88 -21.96
C GLN A 158 -17.71 -31.07 -20.65
N ILE A 159 -18.86 -30.74 -20.06
CA ILE A 159 -18.87 -29.99 -18.78
C ILE A 159 -18.24 -30.81 -17.67
N GLY A 160 -18.62 -32.09 -17.58
CA GLY A 160 -18.12 -32.99 -16.54
C GLY A 160 -16.61 -33.11 -16.58
N THR A 161 -16.06 -33.30 -17.77
CA THR A 161 -14.65 -33.56 -17.95
C THR A 161 -13.83 -32.28 -17.90
N TYR A 162 -14.35 -31.21 -18.48
CA TYR A 162 -13.51 -30.04 -18.72
C TYR A 162 -13.86 -28.72 -18.03
N LEU A 163 -15.09 -28.54 -17.54
CA LEU A 163 -15.44 -27.19 -17.03
C LEU A 163 -14.46 -26.71 -15.97
N LEU A 164 -14.32 -27.47 -14.89
CA LEU A 164 -13.39 -27.11 -13.82
C LEU A 164 -11.98 -26.96 -14.37
N ALA A 165 -11.52 -27.96 -15.11
CA ALA A 165 -10.16 -27.97 -15.63
C ALA A 165 -9.87 -26.72 -16.48
N ALA A 166 -10.79 -26.37 -17.39
CA ALA A 166 -10.67 -25.16 -18.21
C ALA A 166 -10.59 -23.89 -17.36
N GLN A 167 -11.42 -23.83 -16.32
CA GLN A 167 -11.44 -22.68 -15.43
C GLN A 167 -10.10 -22.53 -14.68
N GLN A 168 -9.61 -23.61 -14.13
CA GLN A 168 -8.37 -23.58 -13.35
C GLN A 168 -7.18 -23.30 -14.26
N GLY A 169 -7.14 -23.94 -15.42
CA GLY A 169 -6.08 -23.73 -16.39
C GLY A 169 -6.00 -22.30 -16.88
N THR A 170 -7.17 -21.73 -17.18
CA THR A 170 -7.28 -20.34 -17.64
C THR A 170 -6.80 -19.38 -16.56
N GLU A 171 -7.18 -19.68 -15.31
CA GLU A 171 -6.80 -18.87 -14.17
C GLU A 171 -5.28 -18.74 -14.06
N ALA A 172 -4.57 -19.85 -14.27
CA ALA A 172 -3.12 -19.87 -14.17
C ALA A 172 -2.46 -19.09 -15.31
N VAL A 173 -2.93 -19.30 -16.54
CA VAL A 173 -2.42 -18.55 -17.70
C VAL A 173 -2.62 -17.06 -17.56
N LEU A 174 -3.82 -16.65 -17.14
CA LEU A 174 -4.15 -15.24 -17.02
C LEU A 174 -3.25 -14.58 -15.97
N ALA A 175 -2.98 -15.28 -14.87
CA ALA A 175 -2.05 -14.81 -13.86
C ALA A 175 -0.67 -14.54 -14.49
N GLY A 176 -0.30 -15.38 -15.46
CA GLY A 176 0.93 -15.21 -16.21
C GLY A 176 0.92 -14.04 -17.20
N CYS A 177 -0.28 -13.53 -17.51
CA CYS A 177 -0.46 -12.48 -18.51
C CYS A 177 -0.50 -11.07 -17.95
N GLY A 178 -0.29 -10.94 -16.63
CA GLY A 178 -0.29 -9.64 -15.99
C GLY A 178 0.94 -9.37 -15.16
N SER A 179 0.83 -8.37 -14.29
CA SER A 179 1.92 -7.91 -13.45
C SER A 179 1.61 -7.95 -11.94
N ARG A 180 0.64 -8.76 -11.52
CA ARG A 180 0.30 -8.81 -10.09
C ARG A 180 1.51 -9.25 -9.27
N LYS A 181 1.77 -8.54 -8.18
CA LYS A 181 2.91 -8.85 -7.31
C LYS A 181 2.86 -10.27 -6.74
N PRO A 182 3.95 -11.03 -6.89
CA PRO A 182 3.97 -12.37 -6.38
C PRO A 182 4.32 -12.41 -4.88
N ASP A 183 4.17 -13.58 -4.27
CA ASP A 183 4.52 -13.78 -2.87
C ASP A 183 5.92 -14.35 -2.86
N LEU A 184 6.88 -13.57 -2.33
CA LEU A 184 8.29 -13.99 -2.38
C LEU A 184 8.56 -15.26 -1.55
N SER A 185 7.86 -15.38 -0.42
CA SER A 185 8.02 -16.57 0.40
C SER A 185 7.53 -17.82 -0.35
N GLU A 186 6.44 -17.69 -1.11
CA GLU A 186 5.97 -18.76 -2.01
C GLU A 186 6.97 -19.03 -3.15
N LEU A 187 7.53 -17.96 -3.72
CA LEU A 187 8.54 -18.14 -4.78
C LEU A 187 9.77 -18.88 -4.28
N SER A 188 10.09 -18.70 -3.00
CA SER A 188 11.23 -19.37 -2.39
C SER A 188 11.08 -20.88 -2.47
N SER A 189 9.88 -21.37 -2.14
CA SER A 189 9.52 -22.78 -2.26
C SER A 189 9.38 -23.23 -3.73
N ARG A 190 8.87 -22.35 -4.59
CA ARG A 190 8.66 -22.68 -6.00
C ARG A 190 10.00 -22.88 -6.72
N TYR A 191 10.96 -22.00 -6.46
CA TYR A 191 12.23 -22.01 -7.18
C TYR A 191 13.39 -22.64 -6.39
N PHE A 192 13.09 -23.24 -5.26
CA PHE A 192 14.08 -23.95 -4.44
C PHE A 192 15.28 -23.05 -4.13
N THR A 193 15.01 -21.95 -3.43
CA THR A 193 16.06 -21.07 -2.96
C THR A 193 15.92 -20.96 -1.45
N PRO A 194 17.05 -20.94 -0.72
CA PRO A 194 17.00 -20.98 0.75
C PRO A 194 16.69 -19.62 1.43
N LYS A 195 16.12 -18.68 0.68
CA LYS A 195 15.78 -17.35 1.22
C LYS A 195 14.70 -17.37 2.32
N PHE A 196 13.76 -18.30 2.25
CA PHE A 196 12.70 -18.41 3.28
C PHE A 196 12.29 -19.86 3.61
N GLY A 197 12.05 -20.13 4.88
CA GLY A 197 11.36 -21.37 5.27
C GLY A 197 12.12 -22.43 6.05
N PHE A 198 13.46 -22.39 6.00
CA PHE A 198 14.26 -23.38 6.72
C PHE A 198 15.48 -22.79 7.41
N LEU A 199 16.45 -22.29 6.64
CA LEU A 199 17.64 -21.68 7.21
C LEU A 199 17.43 -20.18 7.42
N HIS A 200 16.56 -19.58 6.61
CA HIS A 200 16.43 -18.13 6.58
C HIS A 200 15.00 -17.67 6.47
N TRP A 201 14.77 -16.42 6.83
CA TRP A 201 13.43 -15.86 6.88
C TRP A 201 13.43 -14.46 6.27
N PHE A 202 14.11 -14.35 5.13
CA PHE A 202 14.45 -13.08 4.50
C PHE A 202 13.33 -12.42 3.72
N THR A 203 12.49 -13.23 3.08
CA THR A 203 11.60 -12.70 2.05
C THR A 203 10.64 -11.58 2.50
N PRO A 204 10.18 -11.61 3.78
CA PRO A 204 9.34 -10.46 4.15
C PRO A 204 10.12 -9.12 4.19
N HIS A 205 11.43 -9.19 4.44
CA HIS A 205 12.27 -7.98 4.42
C HIS A 205 12.52 -7.51 3.00
N TYR A 206 12.77 -8.47 2.11
CA TYR A 206 12.93 -8.17 0.70
C TYR A 206 11.69 -7.54 0.10
N ASP A 207 10.53 -8.08 0.45
CA ASP A 207 9.26 -7.55 -0.03
C ASP A 207 9.09 -6.07 0.38
N ARG A 208 9.27 -5.79 1.67
CA ARG A 208 9.19 -4.42 2.18
C ARG A 208 10.15 -3.45 1.51
N HIS A 209 11.39 -3.87 1.29
CA HIS A 209 12.41 -3.00 0.72
C HIS A 209 12.34 -2.85 -0.80
N PHE A 210 11.80 -3.87 -1.48
CA PHE A 210 11.88 -3.99 -2.93
C PHE A 210 10.58 -3.62 -3.64
N ARG A 211 9.44 -3.86 -2.99
CA ARG A 211 8.15 -3.69 -3.68
C ARG A 211 7.88 -2.33 -4.38
N ASP A 212 8.42 -1.25 -3.83
CA ASP A 212 8.19 0.06 -4.42
C ASP A 212 9.01 0.28 -5.69
N TYR A 213 9.89 -0.65 -6.04
CA TYR A 213 10.70 -0.52 -7.26
C TYR A 213 10.03 -1.19 -8.44
N ARG A 214 8.92 -1.87 -8.18
CA ARG A 214 8.35 -2.82 -9.15
C ARG A 214 7.88 -2.21 -10.47
N ASN A 215 7.61 -0.91 -10.43
CA ASN A 215 7.32 -0.10 -11.61
C ASN A 215 8.52 0.13 -12.52
N GLN A 216 9.72 0.05 -11.95
CA GLN A 216 10.90 0.56 -12.62
C GLN A 216 11.61 -0.49 -13.44
N GLN A 217 12.30 -0.04 -14.48
CA GLN A 217 13.09 -0.93 -15.30
C GLN A 217 14.42 -1.15 -14.57
N VAL A 218 14.33 -1.85 -13.45
CA VAL A 218 15.49 -2.06 -12.58
C VAL A 218 16.53 -2.96 -13.20
N ARG A 219 17.77 -2.76 -12.78
CA ARG A 219 18.84 -3.68 -13.08
C ARG A 219 19.30 -4.21 -11.73
N VAL A 220 19.26 -5.53 -11.59
CA VAL A 220 19.56 -6.19 -10.33
C VAL A 220 20.76 -7.11 -10.50
N LEU A 221 21.79 -6.91 -9.67
CA LEU A 221 22.91 -7.86 -9.64
C LEU A 221 22.89 -8.67 -8.34
N GLU A 222 22.80 -9.99 -8.47
CA GLU A 222 23.03 -10.86 -7.32
C GLU A 222 24.33 -11.63 -7.49
N ILE A 223 25.21 -11.47 -6.50
CA ILE A 223 26.44 -12.28 -6.40
C ILE A 223 26.09 -13.61 -5.74
N GLY A 224 26.24 -14.70 -6.49
CA GLY A 224 25.99 -16.04 -5.99
C GLY A 224 24.74 -16.57 -6.66
N VAL A 225 24.94 -17.38 -7.71
CA VAL A 225 23.81 -17.88 -8.49
C VAL A 225 23.21 -19.12 -7.83
N GLY A 226 24.04 -19.88 -7.14
CA GLY A 226 23.61 -21.07 -6.42
C GLY A 226 24.08 -22.35 -7.08
N GLY A 227 24.09 -23.42 -6.29
CA GLY A 227 24.48 -24.75 -6.77
C GLY A 227 25.95 -25.09 -6.60
N TYR A 228 26.78 -24.07 -6.40
CA TYR A 228 28.22 -24.26 -6.21
C TYR A 228 28.80 -25.05 -7.38
N LYS A 229 29.39 -26.22 -7.11
CA LYS A 229 30.03 -27.02 -8.16
C LYS A 229 29.10 -28.07 -8.82
N HIS A 230 27.89 -28.19 -8.32
CA HIS A 230 26.88 -29.09 -8.90
C HIS A 230 26.63 -28.68 -10.36
N PRO A 231 26.57 -29.66 -11.28
CA PRO A 231 26.46 -29.30 -12.69
C PRO A 231 25.09 -28.77 -13.13
N GLU A 232 24.06 -28.95 -12.31
CA GLU A 232 22.67 -28.56 -12.66
C GLU A 232 22.03 -27.48 -11.77
N TRP A 233 22.14 -27.62 -10.45
CA TRP A 233 21.46 -26.74 -9.48
C TRP A 233 21.81 -25.25 -9.62
N GLY A 234 20.89 -24.37 -9.21
CA GLY A 234 21.18 -22.94 -9.09
C GLY A 234 20.29 -22.01 -9.89
N GLY A 235 20.27 -20.74 -9.47
CA GLY A 235 19.54 -19.70 -10.17
C GLY A 235 18.14 -19.46 -9.63
N GLY A 236 17.75 -20.20 -8.60
CA GLY A 236 16.44 -20.04 -7.96
C GLY A 236 16.13 -18.61 -7.55
N SER A 237 17.11 -17.90 -7.00
CA SER A 237 16.89 -16.54 -6.53
C SER A 237 16.85 -15.56 -7.69
N LEU A 238 17.57 -15.86 -8.77
CA LEU A 238 17.48 -15.05 -9.98
C LEU A 238 16.07 -15.15 -10.59
N ARG A 239 15.52 -16.36 -10.63
CA ARG A 239 14.13 -16.56 -11.09
C ARG A 239 13.14 -15.81 -10.18
N MET A 240 13.41 -15.83 -8.89
CA MET A 240 12.64 -15.05 -7.90
C MET A 240 12.59 -13.55 -8.26
N TRP A 241 13.74 -12.91 -8.47
CA TRP A 241 13.79 -11.49 -8.79
C TRP A 241 13.11 -11.16 -10.13
N LYS A 242 13.23 -12.08 -11.10
CA LYS A 242 12.59 -11.92 -12.40
C LYS A 242 11.07 -11.81 -12.28
N SER A 243 10.50 -12.73 -11.48
CA SER A 243 9.09 -12.74 -11.14
C SER A 243 8.69 -11.46 -10.42
N PHE A 244 9.51 -11.06 -9.46
CA PHE A 244 9.17 -9.96 -8.59
C PHE A 244 9.22 -8.62 -9.30
N PHE A 245 10.16 -8.48 -10.25
CA PHE A 245 10.33 -7.24 -11.00
C PHE A 245 9.92 -7.47 -12.44
N PRO A 246 8.66 -7.14 -12.78
CA PRO A 246 8.20 -7.46 -14.12
C PRO A 246 8.94 -6.75 -15.25
N ARG A 247 9.62 -5.64 -14.96
CA ARG A 247 10.29 -4.87 -16.03
C ARG A 247 11.81 -4.94 -15.90
N GLY A 248 12.28 -5.76 -14.96
CA GLY A 248 13.69 -5.78 -14.65
C GLY A 248 14.57 -6.64 -15.52
N GLN A 249 15.87 -6.33 -15.45
CA GLN A 249 16.91 -7.18 -15.96
C GLN A 249 17.67 -7.73 -14.79
N ILE A 250 17.83 -9.04 -14.75
CA ILE A 250 18.52 -9.66 -13.64
C ILE A 250 19.88 -10.15 -14.10
N TYR A 251 20.88 -9.93 -13.27
CA TYR A 251 22.21 -10.49 -13.48
C TYR A 251 22.62 -11.29 -12.27
N GLY A 252 23.15 -12.49 -12.52
CA GLY A 252 23.78 -13.29 -11.48
C GLY A 252 25.25 -13.53 -11.75
N LEU A 253 26.07 -13.33 -10.72
CA LEU A 253 27.50 -13.60 -10.79
C LEU A 253 27.83 -14.85 -9.99
N ASP A 254 28.66 -15.72 -10.56
CA ASP A 254 29.13 -16.90 -9.83
C ASP A 254 30.49 -17.28 -10.33
N ILE A 255 31.33 -17.82 -9.45
CA ILE A 255 32.68 -18.29 -9.80
C ILE A 255 32.60 -19.48 -10.79
N MET A 256 31.50 -20.22 -10.73
CA MET A 256 31.25 -21.37 -11.59
C MET A 256 30.37 -21.00 -12.76
N ASP A 257 30.51 -21.73 -13.88
CA ASP A 257 29.67 -21.55 -15.05
C ASP A 257 28.19 -21.80 -14.68
N LYS A 258 27.31 -20.89 -15.09
CA LYS A 258 25.89 -21.00 -14.80
C LYS A 258 25.03 -20.68 -16.03
N SER A 259 25.63 -20.78 -17.21
CA SER A 259 24.98 -20.49 -18.50
C SER A 259 23.62 -21.17 -18.70
N HIS A 260 23.42 -22.32 -18.09
CA HIS A 260 22.17 -23.07 -18.24
C HIS A 260 20.99 -22.43 -17.49
N VAL A 261 21.29 -21.51 -16.58
CA VAL A 261 20.26 -20.78 -15.84
C VAL A 261 19.65 -19.69 -16.72
N ASP A 262 20.46 -19.15 -17.63
CA ASP A 262 20.05 -18.03 -18.49
C ASP A 262 18.71 -18.26 -19.18
N GLU A 263 17.94 -17.18 -19.24
CA GLU A 263 16.63 -17.17 -19.89
C GLU A 263 16.27 -15.71 -20.10
N LEU A 264 15.16 -15.46 -20.78
CA LEU A 264 14.64 -14.12 -20.91
C LEU A 264 14.75 -13.31 -19.60
N ARG A 265 15.48 -12.20 -19.65
CA ARG A 265 15.61 -11.27 -18.52
C ARG A 265 16.54 -11.78 -17.41
N ILE A 266 17.19 -12.92 -17.63
CA ILE A 266 18.21 -13.40 -16.67
C ILE A 266 19.51 -13.76 -17.35
N ARG A 267 20.59 -13.08 -16.98
CA ARG A 267 21.91 -13.39 -17.53
C ARG A 267 22.91 -13.72 -16.41
N THR A 268 23.61 -14.84 -16.56
CA THR A 268 24.64 -15.23 -15.61
C THR A 268 26.00 -14.79 -16.12
N ILE A 269 26.84 -14.39 -15.16
CA ILE A 269 28.22 -13.98 -15.45
C ILE A 269 29.14 -14.87 -14.64
N GLN A 270 30.23 -15.30 -15.28
CA GLN A 270 31.24 -16.10 -14.61
C GLN A 270 32.41 -15.23 -14.17
N GLY A 271 32.72 -15.27 -12.89
CA GLY A 271 33.84 -14.52 -12.34
C GLY A 271 33.90 -14.50 -10.82
N ASP A 272 34.96 -13.86 -10.31
CA ASP A 272 35.28 -13.82 -8.89
C ASP A 272 34.80 -12.54 -8.21
N GLN A 273 33.92 -12.69 -7.22
CA GLN A 273 33.42 -11.53 -6.47
C GLN A 273 34.54 -10.80 -5.71
N ASN A 274 35.69 -11.45 -5.57
CA ASN A 274 36.85 -10.87 -4.88
C ASN A 274 37.82 -10.14 -5.81
N ASP A 275 37.51 -10.13 -7.10
CA ASP A 275 38.29 -9.43 -8.11
C ASP A 275 37.65 -8.07 -8.40
N ALA A 276 38.19 -7.02 -7.80
CA ALA A 276 37.61 -5.66 -7.83
C ALA A 276 37.64 -4.99 -9.21
N GLU A 277 38.60 -5.40 -10.03
CA GLU A 277 38.77 -4.93 -11.38
C GLU A 277 37.67 -5.54 -12.25
N PHE A 278 37.44 -6.83 -12.05
CA PHE A 278 36.44 -7.56 -12.82
C PHE A 278 35.04 -7.07 -12.49
N LEU A 279 34.81 -6.73 -11.21
CA LEU A 279 33.52 -6.19 -10.79
C LEU A 279 33.26 -4.82 -11.41
N ASP A 280 34.30 -3.99 -11.48
CA ASP A 280 34.18 -2.72 -12.17
C ASP A 280 33.81 -2.92 -13.63
N ARG A 281 34.38 -3.95 -14.25
CA ARG A 281 34.14 -4.27 -15.65
C ARG A 281 32.66 -4.59 -15.91
N ILE A 282 32.11 -5.53 -15.15
CA ILE A 282 30.70 -5.89 -15.34
C ILE A 282 29.73 -4.78 -14.95
N ALA A 283 30.11 -3.99 -13.94
CA ALA A 283 29.33 -2.82 -13.54
C ALA A 283 29.24 -1.81 -14.66
N ARG A 284 30.37 -1.53 -15.31
CA ARG A 284 30.38 -0.61 -16.45
C ARG A 284 29.61 -1.18 -17.66
N ARG A 285 29.73 -2.49 -17.89
CA ARG A 285 29.01 -3.12 -19.00
C ARG A 285 27.49 -3.18 -18.78
N TYR A 286 27.05 -3.51 -17.57
CA TYR A 286 25.65 -3.81 -17.34
C TYR A 286 24.91 -2.87 -16.39
N GLY A 287 25.65 -1.98 -15.74
CA GLY A 287 25.08 -1.10 -14.73
C GLY A 287 24.51 0.18 -15.30
N PRO A 288 24.24 1.19 -14.43
CA PRO A 288 24.32 1.06 -12.98
C PRO A 288 23.15 0.25 -12.39
N PHE A 289 23.36 -0.32 -11.21
CA PHE A 289 22.38 -1.23 -10.60
C PHE A 289 21.51 -0.49 -9.59
N ASP A 290 20.21 -0.77 -9.64
CA ASP A 290 19.30 -0.24 -8.64
C ASP A 290 19.50 -1.04 -7.36
N ILE A 291 19.79 -2.32 -7.56
CA ILE A 291 19.94 -3.27 -6.48
C ILE A 291 21.12 -4.19 -6.76
N VAL A 292 21.95 -4.36 -5.73
CA VAL A 292 23.00 -5.37 -5.70
C VAL A 292 22.79 -6.20 -4.44
N ILE A 293 22.87 -7.53 -4.59
CA ILE A 293 22.75 -8.47 -3.49
C ILE A 293 23.99 -9.39 -3.42
N ASP A 294 24.64 -9.40 -2.26
CA ASP A 294 25.77 -10.29 -2.03
C ASP A 294 25.30 -11.51 -1.27
N ASP A 295 25.31 -12.64 -1.96
CA ASP A 295 24.99 -13.93 -1.36
C ASP A 295 25.92 -14.98 -1.96
N GLY A 296 27.21 -14.62 -2.01
CA GLY A 296 28.21 -15.45 -2.67
C GLY A 296 28.95 -16.33 -1.71
N SER A 297 30.28 -16.21 -1.67
CA SER A 297 31.11 -17.08 -0.85
C SER A 297 30.85 -16.92 0.64
N HIS A 298 30.44 -15.71 1.04
CA HIS A 298 30.37 -15.29 2.46
C HIS A 298 31.73 -15.26 3.12
N ILE A 299 32.80 -15.09 2.33
CA ILE A 299 34.12 -14.86 2.91
C ILE A 299 34.18 -13.39 3.29
N ASN A 300 34.58 -13.09 4.51
CA ASN A 300 34.48 -11.71 5.01
C ASN A 300 35.14 -10.66 4.12
N ALA A 301 36.36 -10.95 3.68
CA ALA A 301 37.10 -10.08 2.78
C ALA A 301 36.37 -9.89 1.43
N HIS A 302 35.82 -10.98 0.88
CA HIS A 302 35.04 -10.93 -0.37
C HIS A 302 33.90 -9.94 -0.26
N VAL A 303 33.15 -10.08 0.82
CA VAL A 303 32.03 -9.17 1.11
C VAL A 303 32.52 -7.72 1.10
N ARG A 304 33.68 -7.47 1.68
CA ARG A 304 34.22 -6.12 1.77
C ARG A 304 34.73 -5.61 0.41
N THR A 305 35.39 -6.49 -0.33
CA THR A 305 35.87 -6.17 -1.66
C THR A 305 34.70 -5.84 -2.59
N SER A 306 33.64 -6.66 -2.54
CA SER A 306 32.50 -6.50 -3.43
C SER A 306 31.74 -5.22 -3.13
N PHE A 307 31.59 -4.92 -1.83
CA PHE A 307 30.96 -3.67 -1.41
C PHE A 307 31.73 -2.44 -1.90
N ALA A 308 33.03 -2.38 -1.61
CA ALA A 308 33.86 -1.25 -2.04
C ALA A 308 33.88 -1.06 -3.55
N ALA A 309 33.91 -2.18 -4.29
CA ALA A 309 33.95 -2.15 -5.75
C ALA A 309 32.60 -1.80 -6.39
N LEU A 310 31.51 -2.34 -5.85
CA LEU A 310 30.20 -2.23 -6.51
C LEU A 310 29.28 -1.14 -5.94
N PHE A 311 29.47 -0.76 -4.68
CA PHE A 311 28.67 0.33 -4.13
C PHE A 311 28.66 1.61 -5.01
N PRO A 312 29.82 2.01 -5.57
CA PRO A 312 29.82 3.23 -6.39
C PRO A 312 28.94 3.08 -7.63
N HIS A 313 28.63 1.83 -7.99
CA HIS A 313 27.82 1.53 -9.16
C HIS A 313 26.33 1.29 -8.84
N VAL A 314 25.93 1.53 -7.60
CA VAL A 314 24.51 1.55 -7.27
C VAL A 314 23.98 2.96 -7.53
N ARG A 315 22.81 3.05 -8.16
CA ARG A 315 22.17 4.32 -8.44
C ARG A 315 21.73 5.00 -7.14
N PRO A 316 21.71 6.35 -7.13
CA PRO A 316 21.16 7.01 -5.95
C PRO A 316 19.69 6.61 -5.77
N GLY A 317 19.29 6.27 -4.54
CA GLY A 317 17.97 5.70 -4.27
C GLY A 317 17.94 4.18 -4.33
N GLY A 318 19.08 3.58 -4.66
CA GLY A 318 19.16 2.14 -4.84
C GLY A 318 19.55 1.47 -3.55
N LEU A 319 19.77 0.15 -3.62
CA LEU A 319 20.05 -0.64 -2.42
C LEU A 319 21.21 -1.59 -2.65
N TYR A 320 22.06 -1.69 -1.63
CA TYR A 320 23.07 -2.74 -1.57
C TYR A 320 22.70 -3.67 -0.41
N VAL A 321 22.60 -4.95 -0.71
CA VAL A 321 22.14 -5.91 0.26
C VAL A 321 23.20 -6.94 0.53
N ILE A 322 23.53 -7.12 1.82
CA ILE A 322 24.47 -8.15 2.26
C ILE A 322 23.74 -9.26 3.01
N GLU A 323 23.84 -10.49 2.51
CA GLU A 323 23.23 -11.65 3.16
C GLU A 323 24.24 -12.47 3.96
N ASP A 324 23.75 -13.15 5.00
CA ASP A 324 24.52 -14.19 5.69
C ASP A 324 25.75 -13.67 6.41
N MET A 325 25.57 -12.64 7.23
CA MET A 325 26.66 -12.08 8.02
C MET A 325 27.11 -13.01 9.13
N TRP A 326 26.40 -14.12 9.33
CA TRP A 326 26.78 -15.10 10.34
C TRP A 326 28.24 -15.53 10.25
N THR A 327 28.79 -15.50 9.04
CA THR A 327 30.17 -15.91 8.80
C THR A 327 31.18 -14.94 9.43
N ALA A 328 30.69 -13.80 9.92
CA ALA A 328 31.52 -12.80 10.60
C ALA A 328 32.15 -13.33 11.89
N TYR A 329 31.57 -14.38 12.45
CA TYR A 329 32.04 -14.98 13.70
C TYR A 329 32.83 -16.27 13.48
N TRP A 330 33.10 -16.61 12.22
CA TRP A 330 33.74 -17.88 11.93
C TRP A 330 35.05 -17.71 11.15
N PRO A 331 36.18 -18.14 11.76
CA PRO A 331 37.52 -17.97 11.20
C PRO A 331 37.73 -18.69 9.86
N GLY A 332 36.98 -19.76 9.63
CA GLY A 332 37.04 -20.48 8.36
C GLY A 332 36.43 -19.70 7.20
N PHE A 333 35.83 -18.56 7.52
CA PHE A 333 35.34 -17.60 6.51
C PHE A 333 36.06 -16.26 6.61
N GLY A 334 37.13 -16.21 7.40
CA GLY A 334 37.89 -15.00 7.60
C GLY A 334 37.30 -14.08 8.66
N GLY A 335 36.44 -14.64 9.52
CA GLY A 335 35.83 -13.87 10.61
C GLY A 335 36.54 -14.06 11.94
N GLN A 336 36.00 -13.45 12.99
CA GLN A 336 36.53 -13.57 14.36
C GLN A 336 35.44 -13.98 15.35
N ALA A 337 35.76 -14.97 16.19
CA ALA A 337 34.84 -15.47 17.22
C ALA A 337 34.41 -14.41 18.24
N ASP A 338 35.26 -13.42 18.47
CA ASP A 338 34.97 -12.30 19.39
C ASP A 338 34.31 -11.15 18.61
N PRO A 339 33.03 -10.86 18.92
CA PRO A 339 32.29 -9.82 18.17
C PRO A 339 32.97 -8.44 18.21
N GLN A 340 33.73 -8.17 19.28
CA GLN A 340 34.48 -6.92 19.41
C GLN A 340 35.64 -6.81 18.42
N GLU A 341 36.20 -7.96 18.04
CA GLU A 341 37.28 -8.02 17.04
C GLU A 341 36.67 -8.09 15.64
N CYS A 342 36.03 -6.99 15.25
CA CYS A 342 35.26 -6.94 14.03
C CYS A 342 35.96 -6.20 12.87
N SER A 343 37.22 -5.82 13.07
CA SER A 343 37.90 -4.95 12.10
C SER A 343 37.89 -5.48 10.66
N GLY A 344 38.01 -6.80 10.48
CA GLY A 344 37.97 -7.41 9.15
C GLY A 344 36.66 -8.07 8.72
N THR A 345 35.56 -7.83 9.43
CA THR A 345 34.34 -8.59 9.18
C THR A 345 33.23 -7.77 8.54
N SER A 346 32.25 -8.46 7.97
CA SER A 346 31.06 -7.81 7.44
C SER A 346 30.31 -7.01 8.50
N LEU A 347 30.32 -7.50 9.74
CA LEU A 347 29.66 -6.76 10.82
C LEU A 347 30.41 -5.50 11.16
N GLY A 348 31.74 -5.60 11.17
CA GLY A 348 32.61 -4.44 11.32
C GLY A 348 32.37 -3.39 10.24
N LEU A 349 32.15 -3.84 9.01
CA LEU A 349 31.74 -2.96 7.91
C LEU A 349 30.42 -2.25 8.19
N LEU A 350 29.40 -3.01 8.60
CA LEU A 350 28.09 -2.44 8.90
C LEU A 350 28.18 -1.43 10.03
N LYS A 351 29.02 -1.72 11.02
CA LYS A 351 29.25 -0.81 12.14
C LYS A 351 29.94 0.47 11.68
N SER A 352 30.92 0.32 10.79
CA SER A 352 31.57 1.46 10.19
C SER A 352 30.57 2.34 9.39
N LEU A 353 29.53 1.70 8.84
CA LEU A 353 28.52 2.41 8.06
C LEU A 353 27.64 3.35 8.91
N ILE A 354 27.46 2.99 10.18
CA ILE A 354 26.78 3.86 11.13
C ILE A 354 27.56 5.16 11.27
N ASP A 355 28.88 5.05 11.43
CA ASP A 355 29.73 6.24 11.46
C ASP A 355 29.63 7.03 10.15
N ALA A 356 29.57 6.32 9.03
CA ALA A 356 29.45 6.95 7.72
C ALA A 356 28.22 7.85 7.64
N ILE A 357 27.10 7.35 8.18
CA ILE A 357 25.84 8.07 8.18
C ILE A 357 25.93 9.33 9.05
N GLN A 358 26.67 9.22 10.14
CA GLN A 358 26.82 10.31 11.10
C GLN A 358 28.05 11.18 10.84
N HIS A 359 28.76 10.93 9.75
CA HIS A 359 30.09 11.52 9.53
C HIS A 359 30.17 13.05 9.63
N GLN A 360 29.09 13.74 9.22
CA GLN A 360 29.06 15.20 9.25
C GLN A 360 29.01 15.76 10.68
N GLU A 361 28.86 14.88 11.66
CA GLU A 361 28.78 15.26 13.07
C GLU A 361 30.14 15.23 13.76
N LEU A 362 31.14 14.70 13.05
CA LEU A 362 32.53 14.70 13.54
C LEU A 362 33.04 16.12 13.72
N PRO A 363 33.84 16.36 14.79
CA PRO A 363 34.49 17.66 15.00
C PRO A 363 35.44 18.01 13.84
N SER A 364 35.67 19.30 13.64
CA SER A 364 36.54 19.78 12.56
C SER A 364 38.00 19.37 12.77
N SER A 369 39.02 14.67 5.13
CA SER A 369 37.98 14.61 4.10
C SER A 369 37.12 13.35 4.22
N PRO A 370 35.79 13.49 4.04
CA PRO A 370 34.92 12.32 3.99
C PRO A 370 35.14 11.49 2.71
N GLY A 371 35.17 10.17 2.86
CA GLY A 371 35.38 9.25 1.72
C GLY A 371 34.11 9.04 0.91
N TYR A 372 34.22 8.30 -0.20
CA TYR A 372 33.07 8.07 -1.08
C TYR A 372 31.86 7.57 -0.29
N VAL A 373 32.06 6.50 0.47
CA VAL A 373 30.99 5.86 1.23
C VAL A 373 30.35 6.82 2.22
N ASP A 374 31.16 7.59 2.95
CA ASP A 374 30.67 8.65 3.84
C ASP A 374 29.65 9.54 3.16
N ARG A 375 29.99 10.03 1.96
CA ARG A 375 29.16 10.99 1.25
C ARG A 375 27.87 10.38 0.64
N ASN A 376 27.79 9.05 0.59
CA ASN A 376 26.79 8.38 -0.23
C ASN A 376 25.92 7.31 0.44
N ILE A 377 25.87 7.31 1.77
CA ILE A 377 24.99 6.38 2.47
C ILE A 377 23.94 7.16 3.27
N VAL A 378 22.67 6.85 3.06
CA VAL A 378 21.61 7.57 3.75
C VAL A 378 20.76 6.73 4.69
N GLY A 379 20.94 5.40 4.65
CA GLY A 379 20.22 4.51 5.57
C GLY A 379 20.84 3.14 5.72
N LEU A 380 20.72 2.58 6.92
CA LEU A 380 21.15 1.20 7.20
C LEU A 380 20.03 0.40 7.85
N HIS A 381 19.73 -0.77 7.29
CA HIS A 381 18.72 -1.63 7.86
C HIS A 381 19.35 -2.98 8.11
N VAL A 382 19.38 -3.37 9.38
CA VAL A 382 19.98 -4.64 9.77
C VAL A 382 18.91 -5.55 10.33
N TYR A 383 18.84 -6.76 9.78
CA TYR A 383 17.95 -7.81 10.25
C TYR A 383 18.79 -9.06 10.47
N HIS A 384 18.19 -10.11 11.00
CA HIS A 384 18.95 -11.34 11.20
C HIS A 384 19.50 -11.85 9.86
N ASN A 385 20.82 -11.90 9.74
CA ASN A 385 21.49 -12.40 8.53
C ASN A 385 21.23 -11.68 7.19
N VAL A 386 20.69 -10.47 7.24
CA VAL A 386 20.51 -9.65 6.04
C VAL A 386 20.49 -8.16 6.38
N ALA A 387 21.24 -7.36 5.61
CA ALA A 387 21.31 -5.94 5.85
C ALA A 387 21.13 -5.18 4.54
N PHE A 388 20.36 -4.09 4.57
CA PHE A 388 20.12 -3.28 3.39
C PHE A 388 20.75 -1.93 3.63
N VAL A 389 21.50 -1.47 2.65
CA VAL A 389 22.18 -0.19 2.65
C VAL A 389 21.58 0.74 1.59
N GLU A 390 21.15 1.92 2.03
CA GLU A 390 20.53 2.90 1.11
C GLU A 390 21.55 3.88 0.53
N LYS A 391 21.73 3.82 -0.79
CA LYS A 391 22.58 4.74 -1.53
C LYS A 391 21.86 6.07 -1.76
N GLY A 392 22.56 7.17 -1.47
CA GLY A 392 22.02 8.50 -1.63
C GLY A 392 22.99 9.56 -1.15
N ARG A 393 22.73 10.81 -1.55
CA ARG A 393 23.55 11.93 -1.11
C ARG A 393 23.36 12.20 0.37
N ASN A 394 24.38 11.89 1.16
CA ASN A 394 24.39 12.15 2.60
C ASN A 394 24.94 13.55 2.90
N ASP A 395 24.09 14.55 2.70
CA ASP A 395 24.53 15.94 2.69
C ASP A 395 23.50 16.85 3.31
N GLU A 396 22.90 16.38 4.41
CA GLU A 396 21.88 17.13 5.13
C GLU A 396 22.47 18.31 5.90
N GLY A 397 23.76 18.19 6.21
CA GLY A 397 24.46 19.15 7.05
C GLY A 397 24.56 18.62 8.47
N GLY A 398 25.73 18.79 9.08
CA GLY A 398 25.91 18.45 10.48
C GLY A 398 25.33 19.54 11.36
N ILE A 399 25.24 19.27 12.66
CA ILE A 399 24.77 20.24 13.64
C ILE A 399 25.68 21.47 13.62
N PRO A 400 25.12 22.65 13.31
CA PRO A 400 25.89 23.89 13.12
C PRO A 400 26.75 24.32 14.31
N THR A 401 27.80 25.09 14.04
CA THR A 401 28.77 25.55 15.04
C THR A 401 28.14 26.19 16.29
N TRP A 402 27.16 27.07 16.06
CA TRP A 402 26.59 27.91 17.13
C TRP A 402 25.67 27.18 18.13
N ILE A 403 25.31 25.94 17.82
CA ILE A 403 24.61 25.09 18.79
C ILE A 403 25.62 24.60 19.84
N PRO A 404 25.37 24.91 21.13
CA PRO A 404 26.28 24.58 22.24
C PRO A 404 26.69 23.10 22.32
N ARG A 405 27.97 22.86 22.58
CA ARG A 405 28.55 21.52 22.63
C ARG A 405 28.60 20.92 24.03
N ASP A 406 27.74 21.41 24.91
CA ASP A 406 27.66 20.97 26.31
C ASP A 406 26.18 20.97 26.71
N PHE A 407 25.76 19.96 27.49
CA PHE A 407 24.36 19.83 27.93
C PHE A 407 23.87 21.06 28.68
N GLU A 408 24.61 21.47 29.70
CA GLU A 408 24.28 22.65 30.50
C GLU A 408 24.19 23.88 29.61
N SER A 409 25.14 24.03 28.68
CA SER A 409 25.18 25.14 27.74
C SER A 409 23.97 25.15 26.79
N LEU A 410 23.55 23.96 26.36
CA LEU A 410 22.41 23.79 25.46
C LEU A 410 21.08 24.19 26.11
N VAL A 411 20.92 23.87 27.39
CA VAL A 411 19.69 24.16 28.16
C VAL A 411 19.43 25.67 28.30
N GLN A 412 20.47 26.43 28.61
CA GLN A 412 20.36 27.89 28.79
C GLN A 412 20.15 28.60 27.45
N ALA A 413 20.72 28.03 26.38
CA ALA A 413 20.57 28.57 25.03
C ALA A 413 19.21 28.27 24.40
N SER A 414 18.54 27.23 24.90
CA SER A 414 17.24 26.81 24.38
C SER A 414 16.05 27.27 25.24
N SER A 415 16.31 28.22 26.13
CA SER A 415 15.28 28.81 27.00
C SER A 415 15.20 30.32 26.80
N GLU B 26 7.44 30.39 -24.40
CA GLU B 26 8.01 29.92 -23.10
C GLU B 26 8.78 28.61 -23.28
N PHE B 27 8.07 27.47 -23.18
CA PHE B 27 8.66 26.15 -23.45
C PHE B 27 7.83 25.39 -24.49
N ASP B 28 8.52 24.77 -25.44
CA ASP B 28 7.89 24.02 -26.53
C ASP B 28 7.18 22.76 -25.99
N GLU B 29 5.89 22.62 -26.28
CA GLU B 29 5.05 21.52 -25.77
C GLU B 29 5.62 20.11 -26.01
N ALA B 30 5.97 19.84 -27.27
CA ALA B 30 6.53 18.54 -27.67
C ALA B 30 7.84 18.23 -26.96
N THR B 31 8.63 19.27 -26.72
CA THR B 31 9.86 19.20 -25.92
C THR B 31 9.55 18.83 -24.46
N VAL B 32 8.61 19.56 -23.85
CA VAL B 32 8.25 19.30 -22.45
C VAL B 32 7.81 17.84 -22.30
N GLN B 33 7.05 17.35 -23.27
CA GLN B 33 6.58 15.96 -23.27
C GLN B 33 7.71 14.96 -23.44
N ASP B 34 8.69 15.32 -24.25
CA ASP B 34 9.87 14.48 -24.46
C ASP B 34 10.70 14.39 -23.19
N VAL B 35 10.90 15.53 -22.52
CA VAL B 35 11.58 15.59 -21.23
C VAL B 35 10.92 14.67 -20.19
N VAL B 36 9.59 14.78 -20.09
CA VAL B 36 8.83 14.01 -19.13
C VAL B 36 8.86 12.53 -19.48
N ARG B 37 8.87 12.22 -20.77
CA ARG B 37 8.95 10.84 -21.22
C ARG B 37 10.30 10.22 -20.81
N LEU B 38 11.38 10.91 -21.11
CA LEU B 38 12.71 10.45 -20.79
C LEU B 38 12.98 10.43 -19.29
N ALA B 39 12.43 11.39 -18.55
CA ALA B 39 12.62 11.44 -17.10
C ALA B 39 12.09 10.18 -16.41
N GLY B 40 11.07 9.55 -17.00
CA GLY B 40 10.47 8.35 -16.44
C GLY B 40 11.20 7.07 -16.78
N GLY B 41 12.38 7.18 -17.41
CA GLY B 41 13.19 6.00 -17.72
C GLY B 41 14.27 5.72 -16.70
N HIS B 42 15.21 4.85 -17.08
CA HIS B 42 16.37 4.48 -16.27
C HIS B 42 17.56 5.42 -16.55
N ASP B 43 18.76 4.99 -16.18
CA ASP B 43 19.96 5.80 -16.30
C ASP B 43 20.28 6.24 -17.74
N SER B 44 20.22 5.31 -18.69
CA SER B 44 20.53 5.63 -20.08
C SER B 44 19.58 6.68 -20.69
N GLU B 45 18.33 6.70 -20.24
CA GLU B 45 17.35 7.70 -20.71
C GLU B 45 17.57 9.09 -20.11
N LEU B 46 18.02 9.14 -18.86
CA LEU B 46 18.30 10.41 -18.19
C LEU B 46 19.56 11.08 -18.72
N ARG B 47 20.52 10.27 -19.15
CA ARG B 47 21.75 10.82 -19.72
C ARG B 47 21.47 11.23 -21.15
N GLU B 48 20.60 10.47 -21.83
CA GLU B 48 20.13 10.86 -23.15
C GLU B 48 19.47 12.22 -23.09
N LEU B 49 18.58 12.40 -22.11
CA LEU B 49 17.90 13.66 -21.86
C LEU B 49 18.85 14.83 -21.78
N THR B 50 19.90 14.68 -20.98
CA THR B 50 20.81 15.77 -20.68
C THR B 50 21.80 16.05 -21.81
N GLN B 51 21.97 15.06 -22.69
CA GLN B 51 22.77 15.20 -23.90
C GLN B 51 21.95 15.82 -25.04
N LYS B 52 20.68 15.41 -25.14
CA LYS B 52 19.75 15.87 -26.17
C LYS B 52 19.41 17.36 -26.05
N TYR B 53 19.24 17.84 -24.82
CA TYR B 53 18.86 19.23 -24.59
C TYR B 53 19.87 19.95 -23.68
N ASP B 54 19.90 21.28 -23.81
CA ASP B 54 20.75 22.13 -22.99
C ASP B 54 20.36 22.11 -21.49
N PRO B 55 21.33 21.75 -20.62
CA PRO B 55 21.09 21.66 -19.17
C PRO B 55 20.57 22.94 -18.51
N ALA B 56 20.91 24.10 -19.08
CA ALA B 56 20.41 25.38 -18.59
C ALA B 56 18.92 25.54 -18.90
N MET B 57 18.52 25.13 -20.10
CA MET B 57 17.11 25.14 -20.48
C MET B 57 16.31 24.23 -19.55
N ILE B 58 16.73 22.96 -19.44
CA ILE B 58 16.08 22.01 -18.55
C ILE B 58 15.92 22.57 -17.13
N SER B 59 16.97 23.25 -16.67
CA SER B 59 16.99 23.88 -15.35
C SER B 59 15.83 24.88 -15.18
N ARG B 60 15.70 25.83 -16.11
CA ARG B 60 14.61 26.80 -16.09
C ARG B 60 13.22 26.14 -16.12
N LEU B 61 13.13 24.98 -16.78
CA LEU B 61 11.90 24.23 -16.92
C LEU B 61 11.52 23.61 -15.58
N LEU B 62 12.50 23.06 -14.89
CA LEU B 62 12.27 22.45 -13.59
C LEU B 62 11.84 23.48 -12.55
N VAL B 63 12.54 24.61 -12.53
CA VAL B 63 12.14 25.75 -11.69
C VAL B 63 10.72 26.20 -12.01
N ALA B 64 10.42 26.35 -13.31
CA ALA B 64 9.08 26.73 -13.76
C ALA B 64 8.05 25.76 -13.20
N GLU B 65 8.37 24.47 -13.29
CA GLU B 65 7.52 23.42 -12.76
C GLU B 65 7.43 23.44 -11.24
N ILE B 66 8.55 23.71 -10.59
CA ILE B 66 8.60 23.73 -9.14
C ILE B 66 7.70 24.83 -8.59
N LEU B 67 7.72 26.00 -9.23
CA LEU B 67 6.91 27.13 -8.77
C LEU B 67 5.42 26.81 -8.84
N SER B 68 5.02 25.96 -9.78
CA SER B 68 3.61 25.58 -9.91
C SER B 68 3.18 24.61 -8.82
N ARG B 69 4.13 23.86 -8.26
CA ARG B 69 3.81 22.84 -7.24
C ARG B 69 3.85 23.32 -5.79
N CYS B 70 4.67 24.34 -5.52
CA CYS B 70 4.85 24.87 -4.17
C CYS B 70 3.51 25.24 -3.49
N PRO B 71 3.32 24.82 -2.23
CA PRO B 71 2.16 25.26 -1.46
C PRO B 71 2.30 26.73 -1.10
N PRO B 72 1.18 27.40 -0.74
CA PRO B 72 1.26 28.80 -0.28
C PRO B 72 2.02 28.88 1.04
N PRO B 73 3.13 29.63 1.07
CA PRO B 73 3.97 29.73 2.26
C PRO B 73 3.20 30.24 3.49
N SER B 74 3.64 29.80 4.67
CA SER B 74 2.96 30.13 5.92
C SER B 74 3.89 30.81 6.92
N ASN B 75 5.04 31.30 6.44
CA ASN B 75 5.98 32.05 7.28
C ASN B 75 5.72 33.55 7.21
N ASP B 76 5.84 34.23 8.35
CA ASP B 76 5.54 35.66 8.44
C ASP B 76 6.72 36.55 8.05
N THR B 77 7.90 36.24 8.59
CA THR B 77 9.11 36.96 8.21
C THR B 77 9.58 36.45 6.85
N PRO B 78 9.69 37.35 5.85
CA PRO B 78 10.17 36.98 4.52
C PRO B 78 11.56 36.35 4.58
N VAL B 79 11.75 35.27 3.82
CA VAL B 79 13.06 34.58 3.72
C VAL B 79 13.35 34.22 2.26
N LEU B 80 14.63 34.15 1.92
CA LEU B 80 15.06 33.63 0.64
C LEU B 80 15.51 32.17 0.73
N VAL B 81 15.07 31.36 -0.23
CA VAL B 81 15.58 30.00 -0.38
C VAL B 81 16.33 29.92 -1.70
N GLU B 82 17.62 29.58 -1.61
CA GLU B 82 18.41 29.38 -2.82
C GLU B 82 18.27 27.95 -3.28
N LEU B 83 17.90 27.79 -4.54
CA LEU B 83 17.84 26.48 -5.18
C LEU B 83 18.97 26.42 -6.19
N ALA B 84 19.96 25.60 -5.88
CA ALA B 84 21.09 25.40 -6.76
C ALA B 84 20.88 24.10 -7.50
N ILE B 85 20.88 24.17 -8.83
CA ILE B 85 20.77 22.97 -9.65
C ILE B 85 22.11 22.69 -10.33
N VAL B 86 22.64 21.49 -10.12
CA VAL B 86 23.97 21.14 -10.58
C VAL B 86 23.95 20.03 -11.61
N HIS B 87 24.66 20.26 -12.71
CA HIS B 87 24.91 19.23 -13.69
C HIS B 87 26.40 19.27 -14.07
N GLY B 88 27.13 18.27 -13.61
CA GLY B 88 28.57 18.16 -13.85
C GLY B 88 29.29 19.38 -13.32
N SER B 89 29.92 20.11 -14.23
CA SER B 89 30.69 21.31 -13.87
C SER B 89 29.78 22.54 -13.69
N GLU B 90 28.54 22.43 -14.16
CA GLU B 90 27.61 23.56 -14.20
C GLU B 90 26.77 23.68 -12.93
N ARG B 91 26.37 24.90 -12.62
CA ARG B 91 25.61 25.21 -11.42
C ARG B 91 24.68 26.39 -11.66
N PHE B 92 23.38 26.13 -11.59
CA PHE B 92 22.35 27.13 -11.85
C PHE B 92 21.71 27.51 -10.53
N ARG B 93 21.91 28.77 -10.13
CA ARG B 93 21.39 29.25 -8.87
C ARG B 93 20.08 30.00 -9.10
N HIS B 94 19.17 29.87 -8.15
CA HIS B 94 17.89 30.55 -8.18
C HIS B 94 17.54 30.94 -6.75
N PHE B 95 17.22 32.22 -6.56
CA PHE B 95 16.86 32.72 -5.24
C PHE B 95 15.36 32.97 -5.19
N LEU B 96 14.68 32.28 -4.28
CA LEU B 96 13.22 32.32 -4.22
C LEU B 96 12.70 33.03 -2.97
N ARG B 97 11.95 34.10 -3.19
CA ARG B 97 11.27 34.82 -2.12
C ARG B 97 10.13 33.97 -1.58
N VAL B 98 10.16 33.71 -0.28
CA VAL B 98 9.15 32.90 0.38
C VAL B 98 8.56 33.61 1.60
N VAL B 99 7.35 34.16 1.42
CA VAL B 99 6.61 34.82 2.50
C VAL B 99 5.10 34.55 2.36
N ARG B 100 4.40 34.60 3.50
CA ARG B 100 2.95 34.41 3.59
C ARG B 100 2.18 35.36 2.67
N ASP B 101 1.05 34.88 2.14
CA ASP B 101 0.12 35.67 1.32
C ASP B 101 0.69 36.15 -0.03
N SER B 102 1.86 35.65 -0.38
CA SER B 102 2.48 35.99 -1.66
C SER B 102 2.99 34.73 -2.34
N PRO B 103 2.90 34.67 -3.68
CA PRO B 103 3.43 33.52 -4.40
C PRO B 103 4.96 33.50 -4.38
N ILE B 104 5.53 32.30 -4.24
CA ILE B 104 6.98 32.11 -4.32
C ILE B 104 7.47 32.57 -5.69
N ARG B 105 8.47 33.45 -5.69
CA ARG B 105 8.90 34.14 -6.90
C ARG B 105 10.42 34.12 -6.97
N PRO B 106 10.99 33.98 -8.18
CA PRO B 106 12.44 34.13 -8.29
C PRO B 106 12.81 35.59 -8.09
N VAL B 107 13.84 35.84 -7.28
CA VAL B 107 14.34 37.21 -7.04
C VAL B 107 15.86 37.26 -7.10
N GLY B 108 16.41 38.47 -7.07
CA GLY B 108 17.86 38.68 -7.00
C GLY B 108 18.39 38.40 -5.61
N ALA B 109 19.59 37.81 -5.54
CA ALA B 109 20.24 37.41 -4.29
C ALA B 109 20.23 38.49 -3.20
N ASP B 110 20.21 39.75 -3.64
CA ASP B 110 20.23 40.91 -2.75
C ASP B 110 18.91 41.13 -2.01
N GLU B 111 17.81 40.83 -2.69
CA GLU B 111 16.46 41.27 -2.28
C GLU B 111 15.85 40.45 -1.14
N GLY B 112 16.64 40.18 -0.11
CA GLY B 112 16.18 39.44 1.07
C GLY B 112 17.28 38.65 1.75
N PHE B 113 16.91 37.92 2.79
CA PHE B 113 17.88 37.10 3.53
C PHE B 113 17.81 35.62 3.17
N VAL B 114 18.94 35.08 2.70
CA VAL B 114 19.02 33.67 2.34
C VAL B 114 19.07 32.80 3.60
N GLY B 115 17.98 32.10 3.86
CA GLY B 115 17.87 31.26 5.04
C GLY B 115 18.28 29.82 4.81
N MET B 116 18.29 29.41 3.55
CA MET B 116 18.59 28.02 3.20
C MET B 116 19.09 27.88 1.75
N LEU B 117 20.14 27.09 1.58
CA LEU B 117 20.57 26.63 0.28
C LEU B 117 20.04 25.21 0.13
N VAL B 118 19.33 24.97 -0.97
CA VAL B 118 18.87 23.64 -1.37
C VAL B 118 19.63 23.25 -2.65
N GLU B 119 20.22 22.06 -2.67
CA GLU B 119 21.03 21.65 -3.83
C GLU B 119 20.62 20.31 -4.40
N TYR B 120 20.27 20.31 -5.69
CA TYR B 120 19.91 19.11 -6.44
C TYR B 120 20.88 18.83 -7.60
N GLU B 121 21.22 17.56 -7.82
CA GLU B 121 21.76 17.14 -9.13
C GLU B 121 20.60 17.23 -10.12
N LEU B 122 20.86 17.80 -11.29
CA LEU B 122 19.84 17.94 -12.34
C LEU B 122 19.04 16.66 -12.58
N THR B 123 19.75 15.55 -12.81
CA THR B 123 19.08 14.28 -13.11
C THR B 123 18.20 13.77 -11.95
N GLU B 124 18.61 14.06 -10.73
CA GLU B 124 17.86 13.66 -9.55
C GLU B 124 16.58 14.46 -9.41
N LEU B 125 16.64 15.75 -9.74
CA LEU B 125 15.48 16.60 -9.69
C LEU B 125 14.49 16.20 -10.77
N LEU B 126 15.02 15.83 -11.94
CA LEU B 126 14.19 15.29 -13.01
C LEU B 126 13.40 14.08 -12.53
N ARG B 127 14.10 13.15 -11.86
CA ARG B 127 13.50 11.95 -11.30
C ARG B 127 12.40 12.28 -10.29
N GLU B 128 12.68 13.25 -9.42
CA GLU B 128 11.74 13.63 -8.37
C GLU B 128 10.49 14.33 -8.90
N LEU B 129 10.64 15.14 -9.94
CA LEU B 129 9.49 15.86 -10.49
C LEU B 129 8.72 15.09 -11.55
N PHE B 130 9.43 14.40 -12.43
CA PHE B 130 8.82 13.76 -13.60
C PHE B 130 9.20 12.28 -13.79
N GLY B 131 9.81 11.67 -12.77
CA GLY B 131 10.26 10.30 -12.89
C GLY B 131 9.21 9.27 -12.47
N VAL B 132 9.49 8.02 -12.79
CA VAL B 132 8.75 6.92 -12.27
C VAL B 132 9.65 6.40 -11.17
N THR B 133 9.31 6.72 -9.93
CA THR B 133 10.22 6.46 -8.82
C THR B 133 9.51 6.08 -7.52
N HIS B 134 10.20 5.28 -6.73
CA HIS B 134 9.75 4.96 -5.39
C HIS B 134 9.85 6.21 -4.51
N GLU B 135 9.27 6.17 -3.33
CA GLU B 135 9.44 7.27 -2.37
C GLU B 135 10.84 7.16 -1.72
N ARG B 136 11.53 8.28 -1.68
CA ARG B 136 12.89 8.34 -1.16
C ARG B 136 12.91 9.37 -0.05
N PRO B 137 12.91 8.92 1.21
CA PRO B 137 12.81 9.83 2.35
C PRO B 137 14.09 10.64 2.67
N ALA B 138 15.18 10.35 1.96
CA ALA B 138 16.47 11.04 2.14
C ALA B 138 17.33 10.81 0.92
N GLY B 139 18.47 11.51 0.86
CA GLY B 139 19.46 11.29 -0.19
C GLY B 139 19.15 11.85 -1.57
N VAL B 140 18.20 12.77 -1.67
CA VAL B 140 17.87 13.30 -3.00
C VAL B 140 18.48 14.67 -3.23
N ARG B 141 18.90 15.32 -2.14
CA ARG B 141 19.39 16.68 -2.18
C ARG B 141 20.47 16.95 -1.12
N GLY B 142 21.09 18.12 -1.20
CA GLY B 142 21.94 18.64 -0.14
C GLY B 142 21.31 19.88 0.47
N THR B 143 21.58 20.14 1.73
CA THR B 143 21.06 21.33 2.42
C THR B 143 22.12 21.96 3.30
N LYS B 144 22.22 23.29 3.22
CA LYS B 144 23.05 24.06 4.13
C LYS B 144 22.20 25.17 4.74
N LEU B 145 21.91 25.03 6.03
CA LEU B 145 21.22 26.07 6.79
C LEU B 145 22.05 27.34 6.87
N PHE B 146 21.39 28.50 6.82
CA PHE B 146 22.06 29.81 6.84
C PHE B 146 23.35 29.82 6.01
N PRO B 147 23.25 29.62 4.69
CA PRO B 147 24.42 29.36 3.84
C PRO B 147 25.45 30.49 3.75
N TYR B 148 25.08 31.73 4.04
CA TYR B 148 26.01 32.86 3.84
C TYR B 148 26.31 33.70 5.09
N LEU B 149 26.32 33.05 6.25
CA LEU B 149 26.55 33.76 7.50
C LEU B 149 28.02 33.66 7.93
N THR B 150 28.67 34.83 8.03
CA THR B 150 30.02 34.94 8.54
C THR B 150 29.96 35.08 10.07
N ASP B 151 30.72 34.23 10.76
CA ASP B 151 30.92 34.27 12.23
C ASP B 151 29.64 34.29 13.10
N ASP B 152 29.82 34.58 14.38
CA ASP B 152 28.71 34.67 15.36
C ASP B 152 28.81 35.91 16.25
N GLU B 153 29.67 36.86 15.87
CA GLU B 153 29.93 38.07 16.68
C GLU B 153 28.86 39.16 16.58
N GLU B 154 28.31 39.33 15.38
CA GLU B 154 27.22 40.30 15.14
C GLU B 154 26.18 39.75 14.16
N ALA B 155 26.04 38.42 14.14
CA ALA B 155 25.11 37.76 13.25
C ALA B 155 24.21 36.75 13.98
N VAL B 156 23.92 37.02 15.25
CA VAL B 156 23.00 36.19 16.04
C VAL B 156 21.60 36.81 16.05
N GLU B 157 21.54 38.15 15.98
CA GLU B 157 20.29 38.89 15.87
C GLU B 157 19.49 38.45 14.65
N GLN B 158 20.20 38.21 13.56
CA GLN B 158 19.61 37.64 12.34
C GLN B 158 19.18 36.19 12.54
N ILE B 159 19.94 35.44 13.34
CA ILE B 159 19.58 34.07 13.69
C ILE B 159 18.28 34.00 14.52
N GLY B 160 18.08 35.00 15.37
CA GLY B 160 16.93 35.05 16.28
C GLY B 160 15.55 35.23 15.66
N THR B 161 15.50 35.79 14.45
CA THR B 161 14.24 36.10 13.77
C THR B 161 13.99 35.27 12.50
N TYR B 162 15.06 34.67 11.98
CA TYR B 162 14.98 33.95 10.70
C TYR B 162 14.97 32.42 10.79
N LEU B 163 15.21 31.88 12.00
CA LEU B 163 15.27 30.43 12.23
C LEU B 163 13.96 29.72 11.90
N LEU B 164 12.86 30.22 12.46
CA LEU B 164 11.54 29.61 12.32
C LEU B 164 10.97 29.85 10.93
N ALA B 165 11.19 31.05 10.39
CA ALA B 165 10.70 31.41 9.06
C ALA B 165 11.43 30.64 7.97
N ALA B 166 12.75 30.48 8.13
CA ALA B 166 13.54 29.71 7.17
C ALA B 166 13.14 28.23 7.15
N GLN B 167 12.73 27.71 8.31
CA GLN B 167 12.25 26.32 8.39
C GLN B 167 10.93 26.14 7.65
N GLN B 168 10.01 27.10 7.82
CA GLN B 168 8.70 27.04 7.17
C GLN B 168 8.77 27.33 5.69
N GLY B 169 9.65 28.26 5.32
CA GLY B 169 9.86 28.64 3.92
C GLY B 169 10.50 27.53 3.12
N THR B 170 11.45 26.82 3.75
CA THR B 170 12.14 25.69 3.15
C THR B 170 11.19 24.50 2.98
N GLU B 171 10.29 24.34 3.94
CA GLU B 171 9.28 23.27 3.89
C GLU B 171 8.36 23.44 2.66
N ALA B 172 7.96 24.68 2.39
CA ALA B 172 7.15 24.99 1.22
C ALA B 172 7.90 24.80 -0.11
N VAL B 173 9.17 25.22 -0.18
CA VAL B 173 9.96 24.99 -1.38
C VAL B 173 10.15 23.49 -1.64
N LEU B 174 10.59 22.77 -0.62
CA LEU B 174 10.81 21.33 -0.73
C LEU B 174 9.59 20.55 -1.17
N ALA B 175 8.40 20.96 -0.71
CA ALA B 175 7.16 20.33 -1.15
C ALA B 175 6.92 20.55 -2.66
N GLY B 176 7.39 21.67 -3.20
CA GLY B 176 7.30 21.92 -4.63
C GLY B 176 8.29 21.11 -5.45
N CYS B 177 9.30 20.55 -4.79
CA CYS B 177 10.38 19.82 -5.45
C CYS B 177 10.17 18.29 -5.53
N GLY B 178 9.02 17.82 -5.07
CA GLY B 178 8.69 16.39 -5.15
C GLY B 178 7.36 16.11 -5.85
N SER B 179 6.94 14.85 -5.79
CA SER B 179 5.69 14.42 -6.42
C SER B 179 4.72 13.82 -5.40
N ARG B 180 4.77 14.29 -4.16
CA ARG B 180 3.84 13.82 -3.14
C ARG B 180 2.39 14.15 -3.55
N LYS B 181 1.52 13.15 -3.52
CA LYS B 181 0.12 13.35 -3.86
C LYS B 181 -0.50 14.48 -3.02
N PRO B 182 -1.08 15.49 -3.70
CA PRO B 182 -1.77 16.57 -3.00
C PRO B 182 -3.23 16.21 -2.61
N ASP B 183 -3.81 17.03 -1.76
CA ASP B 183 -5.20 16.89 -1.33
C ASP B 183 -6.08 17.70 -2.28
N LEU B 184 -6.91 17.00 -3.07
CA LEU B 184 -7.80 17.66 -4.02
C LEU B 184 -8.80 18.63 -3.39
N SER B 185 -9.19 18.36 -2.13
CA SER B 185 -10.02 19.29 -1.35
C SER B 185 -9.29 20.61 -1.14
N GLU B 186 -8.03 20.51 -0.71
CA GLU B 186 -7.19 21.68 -0.45
C GLU B 186 -6.88 22.43 -1.75
N LEU B 187 -6.71 21.68 -2.84
CA LEU B 187 -6.51 22.27 -4.17
C LEU B 187 -7.75 22.99 -4.68
N SER B 188 -8.94 22.51 -4.30
CA SER B 188 -10.20 23.14 -4.68
C SER B 188 -10.36 24.52 -4.04
N SER B 189 -9.87 24.66 -2.81
CA SER B 189 -9.88 25.94 -2.11
C SER B 189 -8.82 26.87 -2.68
N ARG B 190 -7.61 26.35 -2.85
CA ARG B 190 -6.47 27.11 -3.37
C ARG B 190 -6.69 27.59 -4.82
N TYR B 191 -7.34 26.75 -5.63
CA TYR B 191 -7.65 27.11 -7.01
C TYR B 191 -9.15 27.40 -7.18
N PHE B 202 -18.00 15.27 -4.32
CA PHE B 202 -17.08 16.22 -4.93
C PHE B 202 -15.73 15.51 -5.24
N THR B 203 -14.63 16.08 -4.77
CA THR B 203 -13.27 15.58 -5.10
C THR B 203 -12.85 14.22 -4.53
N PRO B 204 -13.50 13.74 -3.45
CA PRO B 204 -13.08 12.45 -2.91
C PRO B 204 -13.27 11.31 -3.90
N HIS B 205 -14.28 11.44 -4.77
CA HIS B 205 -14.49 10.45 -5.84
C HIS B 205 -13.50 10.58 -6.97
N TYR B 206 -12.99 11.79 -7.20
CA TYR B 206 -11.94 11.98 -8.19
C TYR B 206 -10.65 11.33 -7.75
N ASP B 207 -10.32 11.50 -6.47
CA ASP B 207 -9.14 10.90 -5.90
C ASP B 207 -9.20 9.37 -6.02
N ARG B 208 -10.31 8.77 -5.60
CA ARG B 208 -10.50 7.32 -5.71
C ARG B 208 -10.20 6.79 -7.13
N HIS B 209 -10.71 7.47 -8.15
CA HIS B 209 -10.61 6.99 -9.52
C HIS B 209 -9.36 7.41 -10.26
N PHE B 210 -8.75 8.52 -9.80
CA PHE B 210 -7.68 9.15 -10.55
C PHE B 210 -6.31 8.84 -9.98
N ARG B 211 -6.23 8.44 -8.72
CA ARG B 211 -4.93 8.37 -8.05
C ARG B 211 -3.96 7.30 -8.58
N ASP B 212 -4.50 6.17 -9.05
CA ASP B 212 -3.67 5.09 -9.60
C ASP B 212 -2.98 5.51 -10.93
N TYR B 213 -3.43 6.61 -11.54
CA TYR B 213 -2.85 7.08 -12.82
C TYR B 213 -1.61 7.96 -12.64
N ARG B 214 -1.23 8.25 -11.40
CA ARG B 214 -0.30 9.34 -11.13
C ARG B 214 1.15 9.17 -11.59
N ASN B 215 1.63 7.95 -11.76
CA ASN B 215 2.96 7.81 -12.36
C ASN B 215 2.99 7.62 -13.88
N GLN B 216 1.84 7.81 -14.52
CA GLN B 216 1.77 7.72 -15.96
C GLN B 216 1.84 9.09 -16.61
N GLN B 217 2.30 9.11 -17.85
CA GLN B 217 2.39 10.33 -18.63
C GLN B 217 1.02 10.54 -19.29
N VAL B 218 0.03 10.86 -18.47
CA VAL B 218 -1.35 10.88 -18.94
C VAL B 218 -1.63 12.07 -19.84
N ARG B 219 -2.69 11.92 -20.64
CA ARG B 219 -3.25 13.00 -21.41
C ARG B 219 -4.67 13.15 -20.90
N VAL B 220 -4.96 14.36 -20.42
CA VAL B 220 -6.22 14.64 -19.77
C VAL B 220 -6.91 15.73 -20.56
N LEU B 221 -8.14 15.46 -21.01
CA LEU B 221 -8.94 16.49 -21.69
C LEU B 221 -10.12 16.90 -20.83
N GLU B 222 -10.21 18.17 -20.47
CA GLU B 222 -11.40 18.70 -19.81
C GLU B 222 -12.21 19.55 -20.77
N ILE B 223 -13.51 19.26 -20.85
CA ILE B 223 -14.44 20.07 -21.65
C ILE B 223 -15.22 21.05 -20.76
N GLY B 224 -15.05 22.34 -21.05
CA GLY B 224 -15.63 23.41 -20.25
C GLY B 224 -14.59 23.91 -19.26
N VAL B 225 -14.10 25.13 -19.47
CA VAL B 225 -13.09 25.73 -18.59
C VAL B 225 -13.69 26.92 -17.82
N GLY B 234 -11.10 31.96 -15.72
CA GLY B 234 -10.57 31.12 -14.66
C GLY B 234 -10.29 29.71 -15.14
N GLY B 235 -9.04 29.27 -14.96
CA GLY B 235 -8.63 27.93 -15.36
C GLY B 235 -8.10 27.09 -14.21
N GLY B 236 -8.60 27.39 -13.00
CA GLY B 236 -8.19 26.69 -11.79
C GLY B 236 -8.30 25.18 -11.88
N SER B 237 -9.40 24.72 -12.46
CA SER B 237 -9.64 23.31 -12.68
C SER B 237 -8.46 22.62 -13.41
N LEU B 238 -7.95 23.26 -14.45
CA LEU B 238 -6.82 22.72 -15.20
C LEU B 238 -5.53 22.72 -14.37
N ARG B 239 -5.31 23.80 -13.62
CA ARG B 239 -4.19 23.89 -12.68
C ARG B 239 -4.27 22.82 -11.57
N MET B 240 -5.49 22.42 -11.25
CA MET B 240 -5.75 21.37 -10.28
C MET B 240 -5.28 20.00 -10.81
N TRP B 241 -5.65 19.67 -12.04
CA TRP B 241 -5.23 18.39 -12.65
C TRP B 241 -3.73 18.37 -12.94
N LYS B 242 -3.18 19.52 -13.31
CA LYS B 242 -1.73 19.66 -13.47
C LYS B 242 -0.99 19.24 -12.20
N SER B 243 -1.45 19.75 -11.06
CA SER B 243 -0.85 19.45 -9.76
C SER B 243 -0.92 17.97 -9.42
N PHE B 244 -2.05 17.37 -9.77
CA PHE B 244 -2.39 16.03 -9.35
C PHE B 244 -1.70 14.99 -10.24
N PHE B 245 -1.38 15.38 -11.48
CA PHE B 245 -0.73 14.45 -12.43
C PHE B 245 0.66 14.98 -12.79
N PRO B 246 1.67 14.65 -11.96
CA PRO B 246 3.00 15.26 -12.12
C PRO B 246 3.64 15.03 -13.50
N ARG B 247 3.27 13.96 -14.19
CA ARG B 247 3.81 13.64 -15.50
C ARG B 247 2.81 13.94 -16.62
N GLY B 248 1.74 14.64 -16.28
CA GLY B 248 0.62 14.81 -17.21
C GLY B 248 0.73 15.95 -18.20
N GLN B 249 -0.05 15.84 -19.28
CA GLN B 249 -0.37 16.95 -20.15
C GLN B 249 -1.86 17.17 -20.00
N ILE B 250 -2.24 18.41 -19.72
CA ILE B 250 -3.63 18.78 -19.53
C ILE B 250 -4.07 19.62 -20.72
N TYR B 251 -5.28 19.34 -21.21
CA TYR B 251 -5.92 20.10 -22.27
C TYR B 251 -7.31 20.55 -21.83
N GLY B 252 -7.61 21.80 -22.13
CA GLY B 252 -8.91 22.40 -21.79
C GLY B 252 -9.57 22.94 -23.03
N LEU B 253 -10.77 22.45 -23.32
CA LEU B 253 -11.55 22.89 -24.48
C LEU B 253 -12.60 23.90 -24.06
N ASP B 254 -12.74 24.97 -24.85
CA ASP B 254 -13.78 25.97 -24.62
C ASP B 254 -14.05 26.77 -25.89
N ILE B 255 -15.26 27.34 -25.98
CA ILE B 255 -15.62 28.20 -27.12
C ILE B 255 -14.94 29.56 -27.07
N MET B 256 -14.78 30.09 -25.86
CA MET B 256 -14.02 31.31 -25.64
C MET B 256 -12.52 31.04 -25.61
N ASP B 257 -11.75 32.02 -26.07
CA ASP B 257 -10.30 31.99 -26.00
C ASP B 257 -9.86 32.06 -24.55
N LYS B 258 -9.00 31.11 -24.17
CA LYS B 258 -8.52 30.99 -22.79
C LYS B 258 -6.98 30.91 -22.75
N SER B 259 -6.33 31.43 -23.77
CA SER B 259 -4.86 31.38 -23.91
C SER B 259 -4.07 31.96 -22.73
N HIS B 260 -4.71 32.82 -21.92
CA HIS B 260 -4.08 33.37 -20.73
C HIS B 260 -3.93 32.30 -19.63
N VAL B 261 -4.77 31.27 -19.69
CA VAL B 261 -4.68 30.15 -18.76
C VAL B 261 -3.48 29.23 -19.10
N ASP B 262 -3.04 29.26 -20.35
CA ASP B 262 -1.95 28.40 -20.81
C ASP B 262 -0.68 28.60 -20.01
N GLU B 263 -0.01 27.49 -19.74
CA GLU B 263 1.29 27.47 -19.09
C GLU B 263 1.90 26.09 -19.30
N LEU B 264 2.99 25.82 -18.59
CA LEU B 264 3.65 24.54 -18.73
C LEU B 264 2.69 23.39 -18.39
N ARG B 265 2.60 22.43 -19.30
CA ARG B 265 1.72 21.25 -19.14
C ARG B 265 0.22 21.57 -19.14
N ILE B 266 -0.13 22.81 -19.51
CA ILE B 266 -1.53 23.19 -19.75
C ILE B 266 -1.71 23.91 -21.09
N ARG B 267 -2.44 23.27 -22.00
CA ARG B 267 -2.87 23.93 -23.23
C ARG B 267 -4.38 24.05 -23.29
N THR B 268 -4.86 25.24 -23.63
CA THR B 268 -6.28 25.41 -23.89
C THR B 268 -6.52 25.43 -25.39
N ILE B 269 -7.60 24.76 -25.79
CA ILE B 269 -8.00 24.70 -27.18
C ILE B 269 -9.31 25.46 -27.30
N GLN B 270 -9.44 26.25 -28.37
CA GLN B 270 -10.65 27.03 -28.59
C GLN B 270 -11.46 26.47 -29.75
N GLY B 271 -12.75 26.23 -29.50
CA GLY B 271 -13.63 25.67 -30.52
C GLY B 271 -14.95 25.11 -30.01
N ASP B 272 -15.71 24.52 -30.93
CA ASP B 272 -17.08 24.12 -30.65
C ASP B 272 -17.16 22.70 -30.11
N GLN B 273 -17.62 22.61 -28.86
CA GLN B 273 -17.78 21.35 -28.15
C GLN B 273 -18.99 20.53 -28.64
N ASN B 274 -19.83 21.16 -29.45
CA ASN B 274 -21.01 20.50 -30.02
C ASN B 274 -20.76 19.97 -31.44
N ASP B 275 -19.55 20.24 -31.94
CA ASP B 275 -19.12 19.79 -33.27
C ASP B 275 -18.34 18.47 -33.17
N ALA B 276 -19.03 17.37 -33.51
CA ALA B 276 -18.45 16.02 -33.44
C ALA B 276 -17.13 15.93 -34.21
N GLU B 277 -17.09 16.50 -35.41
CA GLU B 277 -15.93 16.41 -36.27
C GLU B 277 -14.74 17.11 -35.63
N PHE B 278 -14.97 18.30 -35.08
CA PHE B 278 -13.92 19.08 -34.43
C PHE B 278 -13.34 18.28 -33.26
N LEU B 279 -14.22 17.70 -32.46
CA LEU B 279 -13.82 16.86 -31.33
C LEU B 279 -12.95 15.69 -31.79
N ASP B 280 -13.35 15.04 -32.89
CA ASP B 280 -12.56 13.94 -33.44
C ASP B 280 -11.20 14.43 -33.89
N ARG B 281 -11.18 15.64 -34.48
CA ARG B 281 -9.95 16.19 -34.99
C ARG B 281 -8.95 16.49 -33.87
N ILE B 282 -9.40 17.12 -32.80
CA ILE B 282 -8.48 17.48 -31.71
C ILE B 282 -8.05 16.25 -30.91
N ALA B 283 -8.92 15.24 -30.86
CA ALA B 283 -8.56 13.97 -30.24
C ALA B 283 -7.46 13.26 -31.04
N ARG B 284 -7.60 13.23 -32.37
CA ARG B 284 -6.56 12.67 -33.24
C ARG B 284 -5.25 13.42 -33.08
N ARG B 285 -5.35 14.75 -32.99
CA ARG B 285 -4.21 15.62 -32.78
C ARG B 285 -3.49 15.45 -31.44
N TYR B 286 -4.25 15.45 -30.34
CA TYR B 286 -3.69 15.59 -29.00
C TYR B 286 -3.86 14.34 -28.15
N GLY B 287 -4.59 13.37 -28.68
CA GLY B 287 -4.91 12.18 -27.92
C GLY B 287 -3.96 11.07 -28.22
N PRO B 288 -4.36 9.82 -27.90
CA PRO B 288 -5.60 9.50 -27.20
C PRO B 288 -5.51 9.88 -25.71
N PHE B 289 -6.65 9.99 -25.06
CA PHE B 289 -6.67 10.48 -23.71
C PHE B 289 -6.85 9.36 -22.72
N ASP B 290 -6.09 9.45 -21.62
CA ASP B 290 -6.27 8.55 -20.49
C ASP B 290 -7.54 8.89 -19.74
N ILE B 291 -7.87 10.18 -19.73
CA ILE B 291 -9.00 10.71 -18.98
C ILE B 291 -9.61 11.86 -19.76
N VAL B 292 -10.93 11.81 -19.91
CA VAL B 292 -11.71 12.89 -20.49
C VAL B 292 -12.71 13.30 -19.43
N ILE B 293 -12.77 14.60 -19.13
CA ILE B 293 -13.70 15.16 -18.19
C ILE B 293 -14.68 16.11 -18.88
N ASP B 294 -15.96 15.74 -18.84
CA ASP B 294 -17.01 16.42 -19.57
C ASP B 294 -17.99 16.99 -18.57
N ASP B 295 -18.12 18.31 -18.57
CA ASP B 295 -19.10 18.97 -17.71
C ASP B 295 -20.46 19.06 -18.40
N GLY B 296 -21.53 18.75 -17.66
CA GLY B 296 -22.90 18.84 -18.16
C GLY B 296 -23.32 20.25 -18.57
N SER B 297 -23.00 21.23 -17.71
CA SER B 297 -23.26 22.65 -18.00
C SER B 297 -22.44 23.15 -19.19
N HIS B 302 -25.65 18.04 -25.68
CA HIS B 302 -24.30 18.28 -25.17
C HIS B 302 -23.54 16.97 -24.92
N VAL B 303 -23.84 16.30 -23.81
CA VAL B 303 -23.12 15.10 -23.39
C VAL B 303 -23.16 13.95 -24.39
N ARG B 304 -24.35 13.65 -24.93
CA ARG B 304 -24.45 12.55 -25.91
C ARG B 304 -23.60 12.77 -27.15
N THR B 305 -23.49 14.02 -27.56
CA THR B 305 -22.63 14.40 -28.68
C THR B 305 -21.15 14.26 -28.34
N SER B 306 -20.71 14.86 -27.26
CA SER B 306 -19.30 14.81 -26.90
C SER B 306 -18.84 13.42 -26.46
N PHE B 307 -19.72 12.68 -25.79
CA PHE B 307 -19.44 11.30 -25.40
C PHE B 307 -19.31 10.38 -26.61
N ALA B 308 -20.22 10.50 -27.56
CA ALA B 308 -20.16 9.68 -28.77
C ALA B 308 -18.91 9.97 -29.61
N ALA B 309 -18.50 11.24 -29.67
CA ALA B 309 -17.33 11.61 -30.46
C ALA B 309 -16.01 11.33 -29.75
N LEU B 310 -16.00 11.35 -28.42
CA LEU B 310 -14.75 11.34 -27.68
C LEU B 310 -14.41 10.05 -26.97
N PHE B 311 -15.44 9.30 -26.55
CA PHE B 311 -15.24 7.98 -25.95
C PHE B 311 -14.30 7.11 -26.80
N PRO B 312 -14.47 7.10 -28.14
CA PRO B 312 -13.52 6.34 -28.98
C PRO B 312 -12.05 6.74 -28.84
N HIS B 313 -11.79 7.95 -28.34
CA HIS B 313 -10.42 8.43 -28.17
C HIS B 313 -9.91 8.34 -26.72
N VAL B 314 -10.72 7.75 -25.84
CA VAL B 314 -10.24 7.36 -24.53
C VAL B 314 -9.45 6.06 -24.65
N ARG B 315 -8.25 6.04 -24.06
CA ARG B 315 -7.42 4.86 -24.05
C ARG B 315 -8.11 3.67 -23.38
N PRO B 316 -7.86 2.45 -23.87
CA PRO B 316 -8.31 1.31 -23.06
C PRO B 316 -7.71 1.41 -21.66
N GLY B 317 -8.53 1.27 -20.61
CA GLY B 317 -8.05 1.41 -19.23
C GLY B 317 -8.22 2.84 -18.73
N GLY B 318 -8.75 3.70 -19.59
CA GLY B 318 -9.01 5.08 -19.25
C GLY B 318 -10.41 5.37 -18.75
N LEU B 319 -10.68 6.65 -18.54
CA LEU B 319 -11.93 7.08 -17.96
C LEU B 319 -12.55 8.20 -18.76
N TYR B 320 -13.86 8.09 -18.96
CA TYR B 320 -14.68 9.20 -19.38
C TYR B 320 -15.49 9.65 -18.18
N VAL B 321 -15.34 10.92 -17.81
CA VAL B 321 -16.02 11.45 -16.63
C VAL B 321 -17.14 12.42 -17.01
N ILE B 322 -18.34 12.13 -16.54
CA ILE B 322 -19.49 13.01 -16.78
C ILE B 322 -19.90 13.74 -15.49
N GLU B 323 -19.78 15.07 -15.47
CA GLU B 323 -20.15 15.88 -14.29
C GLU B 323 -21.54 16.49 -14.44
N ASP B 324 -22.31 16.45 -13.36
CA ASP B 324 -23.67 16.98 -13.30
C ASP B 324 -24.61 16.46 -14.39
N GLY B 344 -31.28 14.92 -16.89
CA GLY B 344 -32.08 14.40 -18.00
C GLY B 344 -31.23 13.72 -19.07
N THR B 345 -30.75 14.52 -20.02
CA THR B 345 -29.87 14.05 -21.09
C THR B 345 -28.76 13.12 -20.55
N SER B 346 -27.99 13.61 -19.59
CA SER B 346 -26.90 12.83 -18.98
C SER B 346 -27.40 11.55 -18.32
N LEU B 347 -28.48 11.68 -17.56
CA LEU B 347 -29.11 10.57 -16.83
C LEU B 347 -29.50 9.39 -17.73
N GLY B 348 -30.15 9.70 -18.86
CA GLY B 348 -30.57 8.70 -19.83
C GLY B 348 -29.38 7.94 -20.42
N LEU B 349 -28.30 8.67 -20.69
CA LEU B 349 -27.10 8.09 -21.27
C LEU B 349 -26.49 7.05 -20.32
N LEU B 350 -26.43 7.42 -19.04
CA LEU B 350 -25.91 6.55 -17.99
C LEU B 350 -26.70 5.26 -17.89
N LYS B 351 -28.01 5.38 -17.88
CA LYS B 351 -28.85 4.20 -17.82
C LYS B 351 -28.53 3.26 -19.00
N SER B 352 -28.49 3.80 -20.21
CA SER B 352 -28.20 3.00 -21.40
C SER B 352 -26.83 2.33 -21.33
N LEU B 353 -25.88 2.96 -20.66
CA LEU B 353 -24.55 2.39 -20.53
C LEU B 353 -24.56 1.07 -19.73
N ILE B 354 -25.57 0.91 -18.86
CA ILE B 354 -25.78 -0.34 -18.13
C ILE B 354 -26.09 -1.47 -19.12
N ASP B 355 -26.97 -1.17 -20.08
CA ASP B 355 -27.30 -2.12 -21.15
C ASP B 355 -26.09 -2.35 -22.08
N ALA B 356 -25.31 -1.29 -22.32
CA ALA B 356 -24.11 -1.42 -23.13
C ALA B 356 -23.13 -2.42 -22.49
N ILE B 357 -22.96 -2.31 -21.19
CA ILE B 357 -22.16 -3.27 -20.42
C ILE B 357 -22.67 -4.72 -20.57
N GLN B 358 -23.98 -4.90 -20.53
CA GLN B 358 -24.63 -6.22 -20.54
C GLN B 358 -24.96 -6.79 -21.93
N HIS B 359 -24.51 -6.12 -23.00
CA HIS B 359 -25.01 -6.43 -24.35
C HIS B 359 -24.73 -7.85 -24.84
N GLN B 360 -23.66 -8.48 -24.34
CA GLN B 360 -23.34 -9.84 -24.75
C GLN B 360 -24.34 -10.85 -24.19
N GLU B 361 -25.18 -10.40 -23.25
CA GLU B 361 -26.22 -11.25 -22.65
C GLU B 361 -27.56 -11.24 -23.38
N LEU B 362 -27.71 -10.38 -24.38
CA LEU B 362 -28.95 -10.34 -25.18
C LEU B 362 -29.09 -11.60 -26.05
N PRO B 363 -30.34 -12.08 -26.24
CA PRO B 363 -30.56 -13.20 -27.15
C PRO B 363 -30.07 -12.82 -28.55
N SER B 364 -29.52 -13.79 -29.26
CA SER B 364 -28.90 -13.53 -30.57
C SER B 364 -29.89 -13.01 -31.61
N ASP B 365 -29.38 -12.16 -32.49
CA ASP B 365 -30.16 -11.59 -33.59
C ASP B 365 -29.22 -11.06 -34.68
N PRO B 366 -29.18 -11.74 -35.83
CA PRO B 366 -28.49 -11.24 -37.03
C PRO B 366 -29.10 -9.94 -37.59
N ASN B 367 -30.07 -9.37 -36.87
CA ASN B 367 -30.71 -8.10 -37.25
C ASN B 367 -30.17 -6.93 -36.42
N ARG B 368 -29.79 -7.21 -35.17
CA ARG B 368 -29.23 -6.21 -34.26
C ARG B 368 -27.75 -6.51 -34.01
N SER B 369 -26.91 -5.49 -34.18
CA SER B 369 -25.45 -5.65 -34.12
C SER B 369 -24.82 -4.67 -33.11
N PRO B 370 -23.85 -5.12 -32.30
CA PRO B 370 -23.37 -4.30 -31.17
C PRO B 370 -22.58 -3.07 -31.61
N GLY B 371 -22.86 -1.93 -31.00
CA GLY B 371 -22.23 -0.67 -31.38
C GLY B 371 -20.87 -0.47 -30.74
N TYR B 372 -20.19 0.61 -31.12
CA TYR B 372 -18.86 0.87 -30.61
C TYR B 372 -18.81 0.87 -29.08
N VAL B 373 -19.71 1.65 -28.47
CA VAL B 373 -19.78 1.79 -27.02
C VAL B 373 -20.01 0.44 -26.34
N ASP B 374 -20.98 -0.32 -26.83
CA ASP B 374 -21.24 -1.67 -26.33
C ASP B 374 -19.93 -2.45 -26.18
N ARG B 375 -19.14 -2.46 -27.25
CA ARG B 375 -17.97 -3.31 -27.33
C ARG B 375 -16.81 -2.74 -26.50
N ASN B 376 -17.02 -1.53 -25.96
CA ASN B 376 -15.91 -0.81 -25.35
C ASN B 376 -16.11 -0.24 -23.93
N ILE B 377 -17.20 -0.61 -23.26
CA ILE B 377 -17.44 -0.15 -21.88
C ILE B 377 -17.33 -1.35 -20.94
N VAL B 378 -16.54 -1.21 -19.87
CA VAL B 378 -16.34 -2.30 -18.90
C VAL B 378 -16.67 -1.93 -17.45
N GLY B 379 -17.07 -0.68 -17.21
CA GLY B 379 -17.43 -0.23 -15.87
C GLY B 379 -18.14 1.11 -15.84
N LEU B 380 -19.12 1.22 -14.95
CA LEU B 380 -19.81 2.47 -14.73
C LEU B 380 -19.82 2.74 -13.24
N HIS B 381 -19.41 3.93 -12.83
CA HIS B 381 -19.45 4.30 -11.43
C HIS B 381 -20.27 5.56 -11.34
N VAL B 382 -21.36 5.48 -10.59
CA VAL B 382 -22.30 6.57 -10.50
C VAL B 382 -22.34 7.05 -9.06
N TYR B 383 -22.07 8.34 -8.90
CA TYR B 383 -22.14 9.01 -7.62
C TYR B 383 -23.02 10.24 -7.81
N HIS B 384 -23.21 10.97 -6.72
CA HIS B 384 -23.98 12.22 -6.74
C HIS B 384 -23.31 13.25 -7.66
N ASN B 385 -24.03 13.65 -8.70
CA ASN B 385 -23.53 14.66 -9.65
C ASN B 385 -22.20 14.36 -10.38
N VAL B 386 -21.78 13.09 -10.41
CA VAL B 386 -20.63 12.68 -11.22
C VAL B 386 -20.62 11.18 -11.49
N ALA B 387 -20.23 10.81 -12.70
CA ALA B 387 -20.13 9.40 -13.10
C ALA B 387 -18.83 9.15 -13.86
N PHE B 388 -18.24 7.98 -13.62
CA PHE B 388 -17.01 7.56 -14.29
C PHE B 388 -17.29 6.34 -15.18
N VAL B 389 -16.90 6.42 -16.45
CA VAL B 389 -17.10 5.33 -17.39
C VAL B 389 -15.74 4.76 -17.76
N GLU B 390 -15.58 3.46 -17.55
CA GLU B 390 -14.33 2.77 -17.80
C GLU B 390 -14.28 2.27 -19.24
N LYS B 391 -13.28 2.74 -19.98
CA LYS B 391 -13.01 2.29 -21.32
C LYS B 391 -12.20 0.99 -21.32
N GLY B 392 -12.65 0.03 -22.11
CA GLY B 392 -11.91 -1.23 -22.27
C GLY B 392 -12.63 -2.20 -23.18
N ARG B 393 -11.96 -3.28 -23.55
CA ARG B 393 -12.58 -4.34 -24.33
C ARG B 393 -13.69 -5.07 -23.56
N ASN B 394 -14.94 -4.83 -23.95
CA ASN B 394 -16.07 -5.56 -23.37
C ASN B 394 -16.37 -6.82 -24.18
N ASP B 395 -15.60 -7.88 -23.93
CA ASP B 395 -15.64 -9.08 -24.77
C ASP B 395 -15.39 -10.34 -23.92
N GLU B 396 -16.03 -10.41 -22.76
CA GLU B 396 -15.83 -11.52 -21.82
C GLU B 396 -16.51 -12.82 -22.24
N GLY B 397 -17.49 -12.72 -23.15
CA GLY B 397 -18.36 -13.83 -23.49
C GLY B 397 -19.66 -13.73 -22.71
N GLY B 398 -20.78 -13.90 -23.42
CA GLY B 398 -22.07 -14.00 -22.76
C GLY B 398 -22.23 -15.39 -22.17
N ILE B 399 -23.27 -15.57 -21.35
CA ILE B 399 -23.62 -16.88 -20.81
C ILE B 399 -23.95 -17.82 -21.97
N PRO B 400 -23.23 -18.94 -22.10
CA PRO B 400 -23.39 -19.82 -23.28
C PRO B 400 -24.81 -20.37 -23.47
N THR B 401 -25.15 -20.68 -24.72
CA THR B 401 -26.47 -21.20 -25.09
C THR B 401 -26.80 -22.52 -24.40
N TRP B 402 -25.79 -23.34 -24.15
CA TRP B 402 -26.01 -24.65 -23.50
C TRP B 402 -26.37 -24.56 -22.02
N ILE B 403 -26.28 -23.35 -21.44
CA ILE B 403 -26.80 -23.06 -20.11
C ILE B 403 -28.31 -22.84 -20.23
N PRO B 404 -29.12 -23.55 -19.41
CA PRO B 404 -30.59 -23.45 -19.43
C PRO B 404 -31.10 -22.03 -19.25
N ARG B 405 -32.24 -21.73 -19.86
CA ARG B 405 -32.75 -20.38 -19.88
C ARG B 405 -34.02 -20.17 -19.05
N ASP B 406 -34.36 -21.18 -18.23
CA ASP B 406 -35.32 -20.98 -17.15
C ASP B 406 -34.76 -21.51 -15.83
N PHE B 407 -35.36 -21.09 -14.72
CA PHE B 407 -34.86 -21.48 -13.40
C PHE B 407 -34.87 -22.99 -13.13
N GLU B 408 -36.03 -23.62 -13.31
CA GLU B 408 -36.21 -25.06 -13.06
C GLU B 408 -35.21 -25.95 -13.83
N SER B 409 -34.88 -25.57 -15.06
CA SER B 409 -33.91 -26.31 -15.86
C SER B 409 -32.48 -26.09 -15.38
N LEU B 410 -32.21 -24.87 -14.90
CA LEU B 410 -30.90 -24.53 -14.33
C LEU B 410 -30.64 -25.34 -13.06
N VAL B 411 -31.67 -25.49 -12.23
CA VAL B 411 -31.60 -26.35 -11.04
C VAL B 411 -31.20 -27.78 -11.44
N GLN B 412 -31.90 -28.35 -12.42
CA GLN B 412 -31.68 -29.73 -12.87
C GLN B 412 -30.27 -29.95 -13.45
N ALA B 413 -29.86 -29.11 -14.40
CA ALA B 413 -28.56 -29.22 -15.05
C ALA B 413 -27.36 -28.94 -14.13
N SER B 414 -27.64 -28.32 -12.98
CA SER B 414 -26.59 -27.94 -12.02
C SER B 414 -26.55 -28.84 -10.77
N SER B 415 -27.24 -29.98 -10.84
CA SER B 415 -27.36 -30.87 -9.67
C SER B 415 -26.74 -32.25 -9.91
N GLY B 416 -25.61 -32.29 -10.61
CA GLY B 416 -24.89 -33.54 -10.91
C GLY B 416 -25.68 -34.54 -11.74
N GLU C 26 -17.81 -27.37 16.65
CA GLU C 26 -16.95 -27.59 17.86
C GLU C 26 -16.74 -26.31 18.70
N PHE C 27 -16.70 -25.16 18.04
CA PHE C 27 -16.55 -23.87 18.75
C PHE C 27 -17.83 -23.04 18.68
N ASP C 28 -18.19 -22.42 19.81
CA ASP C 28 -19.36 -21.57 19.91
C ASP C 28 -19.15 -20.30 19.08
N GLU C 29 -20.10 -20.02 18.18
CA GLU C 29 -20.02 -18.85 17.28
C GLU C 29 -19.91 -17.52 18.04
N ALA C 30 -20.60 -17.38 19.16
CA ALA C 30 -20.49 -16.16 19.95
C ALA C 30 -19.09 -16.01 20.54
N THR C 31 -18.55 -17.12 21.03
CA THR C 31 -17.21 -17.12 21.62
C THR C 31 -16.13 -16.75 20.58
N VAL C 32 -16.27 -17.28 19.36
CA VAL C 32 -15.32 -16.95 18.30
C VAL C 32 -15.38 -15.45 18.01
N GLN C 33 -16.59 -14.91 17.85
CA GLN C 33 -16.73 -13.47 17.57
C GLN C 33 -16.14 -12.62 18.68
N ASP C 34 -16.31 -13.06 19.94
CA ASP C 34 -15.72 -12.38 21.09
C ASP C 34 -14.20 -12.44 21.07
N VAL C 35 -13.66 -13.61 20.72
CA VAL C 35 -12.22 -13.80 20.60
C VAL C 35 -11.61 -12.88 19.51
N VAL C 36 -12.25 -12.83 18.35
CA VAL C 36 -11.84 -11.93 17.26
C VAL C 36 -11.92 -10.45 17.67
N ARG C 37 -12.97 -10.10 18.40
CA ARG C 37 -13.14 -8.73 18.89
C ARG C 37 -12.04 -8.31 19.86
N LEU C 38 -11.69 -9.18 20.81
CA LEU C 38 -10.65 -8.86 21.79
C LEU C 38 -9.25 -8.94 21.18
N ALA C 39 -9.09 -9.82 20.21
CA ALA C 39 -7.81 -10.00 19.55
C ALA C 39 -7.40 -8.72 18.83
N GLY C 40 -8.39 -7.92 18.42
CA GLY C 40 -8.14 -6.73 17.61
C GLY C 40 -7.91 -5.52 18.49
N GLY C 41 -7.87 -5.74 19.80
CA GLY C 41 -7.60 -4.68 20.75
C GLY C 41 -6.14 -4.57 21.14
N HIS C 42 -5.89 -3.80 22.20
CA HIS C 42 -4.54 -3.53 22.69
C HIS C 42 -4.17 -4.55 23.77
N ASP C 43 -3.06 -4.33 24.47
CA ASP C 43 -2.56 -5.30 25.45
C ASP C 43 -3.60 -5.71 26.51
N SER C 44 -4.33 -4.73 27.05
CA SER C 44 -5.33 -5.04 28.08
C SER C 44 -6.51 -5.89 27.57
N GLU C 45 -6.74 -5.90 26.26
CA GLU C 45 -7.82 -6.70 25.71
C GLU C 45 -7.38 -8.12 25.47
N LEU C 46 -6.10 -8.28 25.12
CA LEU C 46 -5.52 -9.60 24.92
C LEU C 46 -5.33 -10.31 26.25
N ARG C 47 -4.97 -9.54 27.28
CA ARG C 47 -4.97 -10.04 28.67
C ARG C 47 -6.37 -10.49 29.08
N GLU C 48 -7.38 -9.64 28.82
CA GLU C 48 -8.78 -9.99 29.10
C GLU C 48 -9.23 -11.29 28.40
N LEU C 49 -8.86 -11.44 27.12
CA LEU C 49 -9.15 -12.65 26.34
C LEU C 49 -8.66 -13.91 27.05
N THR C 50 -7.39 -13.88 27.44
CA THR C 50 -6.72 -15.06 28.02
C THR C 50 -7.19 -15.40 29.44
N GLN C 51 -7.77 -14.42 30.13
CA GLN C 51 -8.35 -14.65 31.45
C GLN C 51 -9.75 -15.23 31.32
N LYS C 52 -10.50 -14.75 30.34
CA LYS C 52 -11.91 -15.09 30.14
C LYS C 52 -12.15 -16.53 29.66
N TYR C 53 -11.22 -17.05 28.85
CA TYR C 53 -11.35 -18.37 28.23
C TYR C 53 -10.14 -19.26 28.53
N ASP C 54 -10.37 -20.56 28.60
CA ASP C 54 -9.30 -21.54 28.81
C ASP C 54 -8.32 -21.44 27.63
N PRO C 55 -7.01 -21.24 27.91
CA PRO C 55 -6.01 -21.09 26.85
C PRO C 55 -5.86 -22.36 26.00
N ALA C 56 -6.12 -23.52 26.59
CA ALA C 56 -6.18 -24.77 25.83
C ALA C 56 -7.21 -24.67 24.70
N MET C 57 -8.42 -24.21 25.05
CA MET C 57 -9.52 -24.06 24.11
C MET C 57 -9.17 -23.08 22.96
N ILE C 58 -8.60 -21.93 23.30
CA ILE C 58 -8.15 -20.96 22.30
C ILE C 58 -7.11 -21.57 21.36
N SER C 59 -6.18 -22.33 21.92
CA SER C 59 -5.18 -23.07 21.13
C SER C 59 -5.80 -23.94 20.04
N ARG C 60 -6.81 -24.72 20.41
CA ARG C 60 -7.50 -25.56 19.43
C ARG C 60 -8.18 -24.69 18.36
N LEU C 61 -8.73 -23.55 18.80
CA LEU C 61 -9.44 -22.64 17.92
C LEU C 61 -8.49 -22.02 16.90
N LEU C 62 -7.30 -21.62 17.34
CA LEU C 62 -6.33 -21.01 16.44
C LEU C 62 -5.80 -22.04 15.45
N VAL C 63 -5.58 -23.27 15.92
CA VAL C 63 -5.11 -24.34 15.06
C VAL C 63 -6.16 -24.65 14.00
N ALA C 64 -7.40 -24.81 14.44
CA ALA C 64 -8.53 -24.93 13.52
C ALA C 64 -8.53 -23.83 12.46
N GLU C 65 -8.32 -22.58 12.89
CA GLU C 65 -8.27 -21.45 11.97
C GLU C 65 -7.11 -21.57 11.00
N ILE C 66 -5.94 -21.93 11.51
CA ILE C 66 -4.71 -22.09 10.69
C ILE C 66 -4.90 -23.18 9.63
N LEU C 67 -5.52 -24.30 10.01
CA LEU C 67 -5.76 -25.39 9.06
C LEU C 67 -6.55 -24.96 7.84
N SER C 68 -7.48 -24.02 7.99
CA SER C 68 -8.26 -23.55 6.83
C SER C 68 -7.55 -22.45 6.03
N ARG C 69 -6.52 -21.85 6.63
CA ARG C 69 -5.75 -20.79 5.97
C ARG C 69 -4.54 -21.29 5.20
N CYS C 70 -4.10 -22.52 5.46
CA CYS C 70 -2.94 -23.06 4.78
C CYS C 70 -3.20 -23.30 3.30
N PRO C 71 -2.31 -22.79 2.43
CA PRO C 71 -2.41 -23.11 1.01
C PRO C 71 -2.07 -24.59 0.80
N PRO C 72 -2.45 -25.15 -0.36
CA PRO C 72 -2.00 -26.52 -0.65
C PRO C 72 -0.48 -26.62 -0.58
N PRO C 73 0.04 -27.59 0.17
CA PRO C 73 1.49 -27.76 0.25
C PRO C 73 2.07 -28.32 -1.05
N SER C 74 3.37 -28.17 -1.27
CA SER C 74 3.99 -28.52 -2.54
C SER C 74 5.15 -29.54 -2.43
N ASN C 75 5.46 -29.96 -1.21
CA ASN C 75 6.52 -30.93 -0.96
C ASN C 75 6.13 -32.37 -1.33
N ASP C 76 7.03 -33.06 -2.04
CA ASP C 76 6.82 -34.45 -2.45
C ASP C 76 6.90 -35.43 -1.29
N THR C 77 7.98 -35.31 -0.52
CA THR C 77 8.19 -36.15 0.65
C THR C 77 7.39 -35.58 1.82
N PRO C 78 6.58 -36.43 2.48
CA PRO C 78 5.75 -35.96 3.59
C PRO C 78 6.63 -35.54 4.77
N VAL C 79 6.16 -34.58 5.53
CA VAL C 79 6.93 -34.07 6.65
C VAL C 79 6.00 -33.59 7.75
N LEU C 80 6.52 -33.57 8.98
CA LEU C 80 5.77 -33.07 10.11
C LEU C 80 6.28 -31.69 10.53
N VAL C 81 5.35 -30.75 10.67
CA VAL C 81 5.65 -29.43 11.22
C VAL C 81 5.01 -29.34 12.60
N GLU C 82 5.83 -29.19 13.64
CA GLU C 82 5.32 -29.06 15.00
C GLU C 82 4.97 -27.62 15.28
N LEU C 83 3.69 -27.39 15.58
CA LEU C 83 3.21 -26.08 16.02
C LEU C 83 3.04 -26.13 17.53
N ALA C 84 3.81 -25.30 18.21
CA ALA C 84 3.71 -25.21 19.66
C ALA C 84 3.18 -23.84 20.02
N ILE C 85 2.07 -23.80 20.74
CA ILE C 85 1.46 -22.55 21.18
C ILE C 85 1.66 -22.39 22.68
N VAL C 86 2.29 -21.29 23.09
CA VAL C 86 2.71 -21.13 24.48
C VAL C 86 1.95 -20.01 25.18
N HIS C 87 1.38 -20.33 26.34
CA HIS C 87 0.78 -19.32 27.22
C HIS C 87 1.32 -19.43 28.65
N GLY C 88 1.97 -18.36 29.09
CA GLY C 88 2.67 -18.36 30.37
C GLY C 88 3.55 -19.59 30.42
N SER C 89 3.14 -20.52 31.29
CA SER C 89 3.85 -21.77 31.53
C SER C 89 3.43 -22.88 30.57
N GLU C 90 2.15 -22.91 30.19
CA GLU C 90 1.60 -23.98 29.36
C GLU C 90 2.19 -23.99 27.95
N ARG C 91 2.25 -25.19 27.37
CA ARG C 91 2.76 -25.40 26.05
C ARG C 91 1.85 -26.41 25.36
N PHE C 92 1.13 -25.95 24.33
CA PHE C 92 0.22 -26.81 23.57
C PHE C 92 0.86 -27.18 22.26
N ARG C 93 1.08 -28.47 22.07
CA ARG C 93 1.83 -28.94 20.92
C ARG C 93 0.92 -29.66 19.95
N HIS C 94 1.01 -29.26 18.68
CA HIS C 94 0.27 -29.90 17.60
C HIS C 94 1.27 -30.30 16.51
N PHE C 95 1.13 -31.53 16.04
CA PHE C 95 1.99 -32.05 14.98
C PHE C 95 1.23 -32.13 13.67
N LEU C 96 1.64 -31.33 12.70
CA LEU C 96 0.90 -31.23 11.46
C LEU C 96 1.57 -31.99 10.33
N ARG C 97 0.84 -32.90 9.70
CA ARG C 97 1.32 -33.63 8.52
C ARG C 97 1.18 -32.75 7.28
N VAL C 98 2.25 -32.67 6.49
CA VAL C 98 2.29 -31.75 5.36
C VAL C 98 2.87 -32.44 4.12
N VAL C 99 2.00 -32.71 3.15
CA VAL C 99 2.41 -33.35 1.90
C VAL C 99 1.50 -32.93 0.75
N ARG C 100 2.09 -32.76 -0.43
CA ARG C 100 1.37 -32.43 -1.65
C ARG C 100 0.13 -33.31 -1.80
N ASP C 101 -0.96 -32.72 -2.29
CA ASP C 101 -2.21 -33.44 -2.57
C ASP C 101 -3.01 -33.85 -1.34
N SER C 102 -2.46 -33.68 -0.15
CA SER C 102 -3.21 -33.93 1.08
C SER C 102 -3.36 -32.65 1.89
N PRO C 103 -4.54 -32.47 2.53
CA PRO C 103 -4.71 -31.31 3.41
C PRO C 103 -3.89 -31.48 4.68
N ILE C 104 -3.40 -30.37 5.22
CA ILE C 104 -2.69 -30.37 6.49
C ILE C 104 -3.65 -30.75 7.61
N ARG C 105 -3.26 -31.78 8.37
CA ARG C 105 -4.06 -32.29 9.48
C ARG C 105 -3.13 -32.62 10.64
N PRO C 106 -3.65 -32.52 11.89
CA PRO C 106 -2.83 -32.93 13.02
C PRO C 106 -2.77 -34.44 13.15
N VAL C 107 -1.59 -34.96 13.44
CA VAL C 107 -1.36 -36.39 13.63
C VAL C 107 -0.42 -36.56 14.84
N GLY C 108 -0.19 -37.79 15.26
CA GLY C 108 0.78 -38.07 16.34
C GLY C 108 2.22 -37.70 15.99
N ALA C 109 3.05 -37.55 17.02
CA ALA C 109 4.46 -37.16 16.84
C ALA C 109 5.30 -38.23 16.15
N ASP C 110 4.74 -39.43 16.01
CA ASP C 110 5.46 -40.58 15.50
C ASP C 110 5.14 -40.93 14.04
N GLU C 111 4.22 -40.18 13.44
CA GLU C 111 3.74 -40.48 12.09
C GLU C 111 4.53 -39.75 11.00
N GLY C 112 5.79 -39.44 11.28
CA GLY C 112 6.66 -38.85 10.28
C GLY C 112 7.85 -38.13 10.85
N PHE C 113 8.69 -37.60 9.96
CA PHE C 113 9.87 -36.83 10.33
C PHE C 113 9.45 -35.41 10.70
N VAL C 114 9.92 -34.93 11.86
CA VAL C 114 9.63 -33.55 12.26
C VAL C 114 10.67 -32.61 11.65
N GLY C 115 10.20 -31.78 10.72
CA GLY C 115 11.12 -30.95 9.94
C GLY C 115 11.39 -29.61 10.58
N MET C 116 10.44 -29.16 11.40
CA MET C 116 10.44 -27.80 11.90
C MET C 116 9.54 -27.66 13.13
N LEU C 117 10.09 -27.03 14.15
CA LEU C 117 9.32 -26.58 15.27
C LEU C 117 9.06 -25.10 15.11
N VAL C 118 7.77 -24.75 15.04
CA VAL C 118 7.31 -23.37 15.01
C VAL C 118 6.66 -23.07 16.36
N GLU C 119 7.01 -21.93 16.93
CA GLU C 119 6.58 -21.60 18.28
C GLU C 119 5.95 -20.21 18.36
N TYR C 120 4.75 -20.16 18.91
CA TYR C 120 4.02 -18.90 19.07
C TYR C 120 3.59 -18.66 20.51
N GLU C 121 3.72 -17.42 20.96
CA GLU C 121 3.01 -17.00 22.16
C GLU C 121 1.55 -16.87 21.74
N LEU C 122 0.65 -17.39 22.56
CA LEU C 122 -0.79 -17.39 22.27
C LEU C 122 -1.30 -16.02 21.86
N THR C 123 -0.98 -14.98 22.63
CA THR C 123 -1.48 -13.63 22.31
C THR C 123 -0.88 -13.10 21.01
N GLU C 124 0.35 -13.51 20.71
CA GLU C 124 0.97 -13.12 19.44
C GLU C 124 0.29 -13.80 18.25
N LEU C 125 -0.07 -15.07 18.39
CA LEU C 125 -0.76 -15.78 17.33
C LEU C 125 -2.16 -15.19 17.12
N LEU C 126 -2.86 -14.93 18.23
CA LEU C 126 -4.12 -14.20 18.22
C LEU C 126 -4.03 -12.93 17.39
N ARG C 127 -3.01 -12.14 17.65
CA ARG C 127 -2.79 -10.88 16.93
C ARG C 127 -2.58 -11.11 15.44
N GLU C 128 -1.77 -12.10 15.10
CA GLU C 128 -1.40 -12.40 13.71
C GLU C 128 -2.58 -12.92 12.89
N LEU C 129 -3.47 -13.65 13.53
CA LEU C 129 -4.64 -14.23 12.87
C LEU C 129 -5.86 -13.32 12.86
N PHE C 130 -6.12 -12.66 13.99
CA PHE C 130 -7.41 -12.00 14.22
C PHE C 130 -7.25 -10.55 14.67
N GLY C 131 -6.01 -10.10 14.76
CA GLY C 131 -5.75 -8.77 15.27
C GLY C 131 -5.94 -7.68 14.26
N VAL C 132 -5.88 -6.45 14.76
CA VAL C 132 -5.74 -5.26 13.95
C VAL C 132 -4.27 -4.91 14.12
N THR C 133 -3.50 -5.19 13.07
CA THR C 133 -2.07 -5.17 13.21
C THR C 133 -1.41 -4.67 11.94
N HIS C 134 -0.28 -3.99 12.11
CA HIS C 134 0.60 -3.62 11.01
C HIS C 134 1.37 -4.88 10.59
N GLU C 135 2.03 -4.81 9.43
CA GLU C 135 2.77 -5.97 8.92
C GLU C 135 4.07 -6.14 9.71
N ARG C 136 4.36 -7.38 10.08
CA ARG C 136 5.48 -7.67 10.95
C ARG C 136 6.31 -8.73 10.29
N PRO C 137 7.40 -8.30 9.63
CA PRO C 137 8.22 -9.20 8.83
C PRO C 137 9.09 -10.12 9.67
N ALA C 138 9.30 -9.76 10.94
CA ALA C 138 10.06 -10.65 11.85
C ALA C 138 9.52 -10.58 13.27
N GLY C 139 10.05 -11.43 14.14
CA GLY C 139 9.80 -11.33 15.57
C GLY C 139 8.43 -11.70 16.08
N VAL C 140 7.68 -12.48 15.30
CA VAL C 140 6.33 -12.90 15.73
C VAL C 140 6.32 -14.33 16.25
N ARG C 141 7.43 -15.04 16.09
CA ARG C 141 7.53 -16.46 16.41
C ARG C 141 8.97 -16.90 16.68
N GLY C 142 9.14 -18.15 17.09
CA GLY C 142 10.44 -18.80 17.12
C GLY C 142 10.42 -20.07 16.28
N THR C 143 11.57 -20.40 15.68
CA THR C 143 11.68 -21.57 14.81
C THR C 143 12.95 -22.38 15.09
N LYS C 144 12.79 -23.69 15.15
CA LYS C 144 13.92 -24.59 15.34
C LYS C 144 13.82 -25.68 14.29
N LEU C 145 14.76 -25.66 13.35
CA LEU C 145 14.81 -26.65 12.27
C LEU C 145 15.32 -28.02 12.75
N PHE C 146 14.92 -29.07 12.05
CA PHE C 146 15.29 -30.47 12.39
C PHE C 146 15.36 -30.67 13.91
N PRO C 147 14.26 -30.36 14.63
CA PRO C 147 14.34 -30.15 16.07
C PRO C 147 14.51 -31.38 16.97
N TYR C 148 14.41 -32.59 16.42
CA TYR C 148 14.56 -33.77 17.26
C TYR C 148 15.72 -34.67 16.86
N LEU C 149 16.54 -34.17 15.95
CA LEU C 149 17.80 -34.82 15.60
C LEU C 149 18.86 -34.49 16.64
N THR C 150 19.34 -35.53 17.33
CA THR C 150 20.33 -35.36 18.39
C THR C 150 21.66 -34.78 17.86
N ASP C 151 22.47 -35.60 17.19
CA ASP C 151 23.80 -35.16 16.73
C ASP C 151 23.89 -34.72 15.26
N ASP C 152 25.06 -34.22 14.87
CA ASP C 152 25.30 -33.61 13.57
C ASP C 152 25.36 -34.60 12.40
N GLU C 153 25.95 -35.78 12.63
CA GLU C 153 26.13 -36.77 11.57
C GLU C 153 24.80 -37.32 11.03
N GLU C 154 23.80 -37.42 11.90
CA GLU C 154 22.47 -37.93 11.53
C GLU C 154 21.69 -36.89 10.70
N ALA C 155 21.94 -35.61 10.99
CA ALA C 155 21.27 -34.52 10.30
C ALA C 155 21.74 -34.34 8.86
N VAL C 156 23.04 -34.51 8.64
CA VAL C 156 23.65 -34.47 7.31
C VAL C 156 23.08 -35.58 6.41
N GLU C 157 22.81 -36.74 7.00
CA GLU C 157 22.16 -37.85 6.30
C GLU C 157 20.79 -37.42 5.77
N GLN C 158 20.08 -36.61 6.55
CA GLN C 158 18.71 -36.23 6.25
C GLN C 158 18.54 -34.98 5.36
N ILE C 159 19.64 -34.34 5.00
CA ILE C 159 19.59 -33.18 4.10
C ILE C 159 19.03 -33.55 2.72
N GLY C 160 19.55 -34.63 2.13
CA GLY C 160 19.11 -35.08 0.81
C GLY C 160 17.64 -35.49 0.73
N THR C 161 17.09 -35.94 1.85
CA THR C 161 15.72 -36.43 1.89
C THR C 161 14.70 -35.37 2.35
N TYR C 162 15.07 -34.58 3.35
CA TYR C 162 14.07 -33.76 4.03
C TYR C 162 14.21 -32.22 3.96
N LEU C 163 15.40 -31.70 3.65
CA LEU C 163 15.65 -30.27 3.76
C LEU C 163 14.66 -29.41 2.96
N LEU C 164 14.56 -29.69 1.66
CA LEU C 164 13.64 -28.98 0.79
C LEU C 164 12.21 -29.22 1.22
N ALA C 165 11.89 -30.48 1.50
CA ALA C 165 10.56 -30.84 2.00
C ALA C 165 10.19 -30.06 3.26
N ALA C 166 11.18 -29.84 4.12
CA ALA C 166 10.98 -29.13 5.38
C ALA C 166 10.68 -27.67 5.13
N GLN C 167 11.48 -27.04 4.27
CA GLN C 167 11.31 -25.64 3.90
C GLN C 167 9.92 -25.42 3.31
N GLN C 168 9.57 -26.20 2.29
CA GLN C 168 8.28 -26.07 1.60
C GLN C 168 7.08 -26.31 2.53
N GLY C 169 7.19 -27.32 3.39
CA GLY C 169 6.19 -27.59 4.40
C GLY C 169 6.02 -26.46 5.41
N THR C 170 7.13 -25.95 5.92
CA THR C 170 7.11 -24.86 6.87
C THR C 170 6.45 -23.64 6.23
N GLU C 171 6.81 -23.37 4.98
CA GLU C 171 6.31 -22.20 4.28
C GLU C 171 4.77 -22.25 4.17
N ALA C 172 4.22 -23.43 3.91
CA ALA C 172 2.78 -23.60 3.82
C ALA C 172 2.09 -23.35 5.16
N VAL C 173 2.66 -23.90 6.23
CA VAL C 173 2.10 -23.74 7.58
C VAL C 173 2.14 -22.28 7.99
N LEU C 174 3.28 -21.64 7.80
CA LEU C 174 3.47 -20.24 8.19
C LEU C 174 2.54 -19.32 7.42
N ALA C 175 2.30 -19.63 6.17
CA ALA C 175 1.34 -18.88 5.35
C ALA C 175 -0.04 -18.90 6.01
N GLY C 176 -0.38 -20.00 6.66
CA GLY C 176 -1.65 -20.14 7.34
C GLY C 176 -1.68 -19.56 8.75
N CYS C 177 -0.52 -19.09 9.23
CA CYS C 177 -0.39 -18.50 10.56
C CYS C 177 -0.48 -16.98 10.58
N GLY C 178 -0.74 -16.40 9.41
CA GLY C 178 -0.82 -14.95 9.28
C GLY C 178 -2.11 -14.51 8.59
N SER C 179 -2.12 -13.25 8.16
CA SER C 179 -3.30 -12.66 7.54
C SER C 179 -3.01 -11.96 6.22
N ARG C 180 -2.00 -12.43 5.50
CA ARG C 180 -1.66 -11.85 4.19
C ARG C 180 -2.86 -11.96 3.25
N LYS C 181 -3.18 -10.86 2.57
CA LYS C 181 -4.29 -10.87 1.63
C LYS C 181 -4.11 -12.00 0.62
N PRO C 182 -5.09 -12.89 0.52
CA PRO C 182 -4.99 -13.94 -0.50
C PRO C 182 -5.36 -13.39 -1.87
N ASP C 183 -5.20 -14.21 -2.90
CA ASP C 183 -5.59 -13.83 -4.25
C ASP C 183 -6.93 -14.49 -4.57
N LEU C 184 -7.97 -13.68 -4.71
CA LEU C 184 -9.33 -14.18 -4.92
C LEU C 184 -9.48 -15.05 -6.15
N SER C 185 -8.78 -14.70 -7.22
CA SER C 185 -8.79 -15.48 -8.46
C SER C 185 -8.29 -16.89 -8.20
N GLU C 186 -7.23 -16.98 -7.40
CA GLU C 186 -6.60 -18.25 -7.03
C GLU C 186 -7.53 -19.07 -6.11
N LEU C 187 -8.16 -18.38 -5.15
CA LEU C 187 -9.15 -19.03 -4.27
C LEU C 187 -10.32 -19.61 -5.05
N SER C 188 -10.64 -18.98 -6.18
CA SER C 188 -11.68 -19.44 -7.06
C SER C 188 -11.37 -20.85 -7.62
N SER C 189 -10.14 -21.06 -8.04
CA SER C 189 -9.70 -22.35 -8.54
C SER C 189 -9.56 -23.37 -7.43
N ARG C 190 -9.15 -22.89 -6.26
CA ARG C 190 -8.82 -23.73 -5.12
C ARG C 190 -10.06 -24.30 -4.45
N TYR C 191 -11.13 -23.50 -4.41
CA TYR C 191 -12.37 -23.84 -3.71
C TYR C 191 -13.52 -24.21 -4.64
N PHE C 192 -13.26 -24.19 -5.95
CA PHE C 192 -14.24 -24.63 -6.98
C PHE C 192 -15.48 -23.75 -7.04
N THR C 193 -15.29 -22.45 -7.28
CA THR C 193 -16.39 -21.51 -7.42
C THR C 193 -16.28 -20.74 -8.75
N PRO C 194 -17.41 -20.48 -9.44
CA PRO C 194 -17.32 -19.92 -10.79
C PRO C 194 -17.09 -18.41 -10.83
N LYS C 195 -16.63 -17.82 -9.72
CA LYS C 195 -16.46 -16.36 -9.64
C LYS C 195 -15.42 -15.84 -10.63
N PHE C 196 -14.45 -16.68 -10.99
CA PHE C 196 -13.44 -16.30 -11.96
C PHE C 196 -12.94 -17.47 -12.81
N GLY C 197 -12.77 -17.26 -14.10
CA GLY C 197 -11.94 -18.13 -14.93
C GLY C 197 -12.57 -18.92 -16.05
N PHE C 198 -13.91 -18.91 -16.14
CA PHE C 198 -14.61 -19.63 -17.20
C PHE C 198 -15.93 -18.98 -17.61
N LEU C 199 -16.86 -18.85 -16.67
CA LEU C 199 -18.14 -18.17 -16.92
C LEU C 199 -18.08 -16.69 -16.55
N HIS C 200 -17.33 -16.37 -15.49
CA HIS C 200 -17.26 -15.02 -14.93
C HIS C 200 -15.83 -14.55 -14.65
N TRP C 201 -15.68 -13.25 -14.46
CA TRP C 201 -14.38 -12.62 -14.23
C TRP C 201 -14.54 -11.58 -13.12
N PHE C 202 -15.27 -11.97 -12.06
CA PHE C 202 -15.71 -11.05 -11.01
C PHE C 202 -14.63 -10.68 -10.03
N THR C 203 -13.73 -11.62 -9.73
CA THR C 203 -12.82 -11.50 -8.58
C THR C 203 -11.96 -10.25 -8.54
N PRO C 204 -11.49 -9.73 -9.70
CA PRO C 204 -10.72 -8.51 -9.54
C PRO C 204 -11.59 -7.35 -9.05
N HIS C 205 -12.90 -7.41 -9.34
CA HIS C 205 -13.82 -6.37 -8.86
C HIS C 205 -14.09 -6.55 -7.38
N TYR C 206 -14.35 -7.79 -6.99
CA TYR C 206 -14.49 -8.11 -5.57
C TYR C 206 -13.27 -7.68 -4.76
N ASP C 207 -12.08 -7.94 -5.26
CA ASP C 207 -10.85 -7.52 -4.59
C ASP C 207 -10.80 -6.00 -4.41
N ARG C 208 -11.12 -5.23 -5.45
CA ARG C 208 -11.08 -3.76 -5.34
C ARG C 208 -12.08 -3.19 -4.36
N HIS C 209 -13.29 -3.73 -4.39
CA HIS C 209 -14.33 -3.28 -3.48
C HIS C 209 -14.24 -3.84 -2.05
N PHE C 210 -13.70 -5.05 -1.88
CA PHE C 210 -13.71 -5.67 -0.53
C PHE C 210 -12.43 -5.52 0.27
N ARG C 211 -11.30 -5.24 -0.38
CA ARG C 211 -10.00 -5.31 0.27
C ARG C 211 -9.78 -4.33 1.42
N ASP C 212 -10.39 -3.15 1.34
CA ASP C 212 -10.25 -2.17 2.43
C ASP C 212 -11.05 -2.54 3.69
N TYR C 213 -11.95 -3.53 3.59
CA TYR C 213 -12.71 -3.99 4.77
C TYR C 213 -11.98 -5.04 5.64
N ARG C 214 -10.76 -5.42 5.26
CA ARG C 214 -10.15 -6.65 5.78
C ARG C 214 -9.67 -6.62 7.23
N ASN C 215 -9.47 -5.44 7.80
CA ASN C 215 -9.15 -5.41 9.22
C ASN C 215 -10.35 -5.19 10.13
N GLN C 216 -11.54 -5.15 9.52
CA GLN C 216 -12.78 -5.01 10.27
C GLN C 216 -13.42 -6.35 10.50
N GLN C 217 -14.02 -6.49 11.67
CA GLN C 217 -14.80 -7.68 12.02
C GLN C 217 -16.11 -7.72 11.23
N VAL C 218 -15.99 -7.98 9.92
CA VAL C 218 -17.15 -7.87 9.02
C VAL C 218 -18.17 -8.97 9.26
N ARG C 219 -19.42 -8.68 8.92
CA ARG C 219 -20.46 -9.71 8.80
C ARG C 219 -20.91 -9.76 7.36
N VAL C 220 -20.75 -10.93 6.73
CA VAL C 220 -20.98 -11.08 5.30
C VAL C 220 -22.11 -12.06 5.06
N LEU C 221 -23.09 -11.66 4.26
CA LEU C 221 -24.20 -12.55 3.95
C LEU C 221 -24.27 -12.80 2.46
N GLU C 222 -24.04 -14.04 2.05
CA GLU C 222 -24.16 -14.38 0.64
C GLU C 222 -25.43 -15.19 0.44
N ILE C 223 -26.26 -14.74 -0.49
CA ILE C 223 -27.43 -15.51 -0.88
C ILE C 223 -27.02 -16.45 -2.01
N GLY C 224 -27.06 -17.74 -1.72
CA GLY C 224 -26.65 -18.78 -2.67
C GLY C 224 -25.37 -19.45 -2.22
N VAL C 225 -25.52 -20.62 -1.60
CA VAL C 225 -24.38 -21.33 -1.06
C VAL C 225 -23.72 -22.17 -2.17
N GLY C 226 -24.53 -22.68 -3.09
CA GLY C 226 -24.04 -23.45 -4.23
C GLY C 226 -24.41 -24.93 -4.15
N GLY C 227 -24.32 -25.62 -5.27
CA GLY C 227 -24.55 -27.07 -5.31
C GLY C 227 -26.00 -27.51 -5.49
N TYR C 228 -26.94 -26.59 -5.27
CA TYR C 228 -28.38 -26.85 -5.46
C TYR C 228 -28.83 -28.12 -4.74
N LYS C 229 -29.43 -29.05 -5.48
CA LYS C 229 -29.95 -30.33 -4.95
C LYS C 229 -28.86 -31.37 -4.67
N HIS C 230 -27.70 -31.21 -5.30
CA HIS C 230 -26.55 -32.11 -5.10
C HIS C 230 -26.18 -32.20 -3.61
N PRO C 231 -25.96 -33.44 -3.10
CA PRO C 231 -25.76 -33.64 -1.66
C PRO C 231 -24.41 -33.17 -1.09
N GLU C 232 -23.43 -32.92 -1.97
CA GLU C 232 -22.09 -32.53 -1.51
C GLU C 232 -21.66 -31.12 -1.93
N TRP C 233 -21.89 -30.76 -3.20
CA TRP C 233 -21.38 -29.50 -3.78
C TRP C 233 -21.87 -28.24 -3.06
N GLY C 234 -21.09 -27.15 -3.22
CA GLY C 234 -21.42 -25.85 -2.66
C GLY C 234 -20.49 -25.40 -1.56
N GLY C 235 -20.54 -24.11 -1.23
CA GLY C 235 -19.72 -23.55 -0.16
C GLY C 235 -18.46 -22.84 -0.65
N GLY C 236 -18.08 -23.13 -1.89
CA GLY C 236 -16.91 -22.51 -2.51
C GLY C 236 -16.69 -21.04 -2.18
N SER C 237 -17.70 -20.22 -2.47
CA SER C 237 -17.58 -18.78 -2.29
C SER C 237 -17.59 -18.39 -0.81
N LEU C 238 -18.29 -19.15 0.03
CA LEU C 238 -18.28 -18.90 1.48
C LEU C 238 -16.88 -19.04 2.04
N ARG C 239 -16.18 -20.09 1.61
CA ARG C 239 -14.82 -20.33 2.03
C ARG C 239 -13.91 -19.22 1.51
N MET C 240 -14.23 -18.72 0.32
CA MET C 240 -13.52 -17.59 -0.27
C MET C 240 -13.55 -16.37 0.65
N TRP C 241 -14.74 -16.01 1.12
CA TRP C 241 -14.91 -14.81 1.95
C TRP C 241 -14.24 -15.00 3.31
N LYS C 242 -14.33 -16.20 3.86
CA LYS C 242 -13.69 -16.53 5.13
C LYS C 242 -12.18 -16.33 5.03
N SER C 243 -11.62 -16.80 3.92
CA SER C 243 -10.20 -16.66 3.67
C SER C 243 -9.82 -15.20 3.44
N PHE C 244 -10.67 -14.47 2.73
CA PHE C 244 -10.41 -13.08 2.37
C PHE C 244 -10.55 -12.13 3.57
N PHE C 245 -11.55 -12.39 4.41
CA PHE C 245 -11.83 -11.60 5.61
C PHE C 245 -11.34 -12.30 6.88
N PRO C 246 -10.09 -12.01 7.30
CA PRO C 246 -9.53 -12.77 8.42
C PRO C 246 -10.24 -12.55 9.77
N ARG C 247 -11.01 -11.49 9.90
CA ARG C 247 -11.73 -11.22 11.15
C ARG C 247 -13.23 -11.36 11.00
N GLY C 248 -13.65 -11.88 9.86
CA GLY C 248 -15.07 -11.90 9.50
C GLY C 248 -15.89 -13.06 10.03
N GLN C 249 -17.21 -12.87 9.96
CA GLN C 249 -18.17 -13.95 10.12
C GLN C 249 -18.92 -14.04 8.79
N ILE C 250 -18.90 -15.23 8.19
CA ILE C 250 -19.58 -15.48 6.93
C ILE C 250 -20.88 -16.23 7.16
N TYR C 251 -21.96 -15.70 6.58
CA TYR C 251 -23.25 -16.38 6.55
C TYR C 251 -23.66 -16.66 5.11
N GLY C 252 -24.22 -17.84 4.88
CA GLY C 252 -24.77 -18.20 3.59
C GLY C 252 -26.21 -18.69 3.66
N LEU C 253 -27.09 -18.07 2.87
CA LEU C 253 -28.50 -18.47 2.80
C LEU C 253 -28.76 -19.33 1.55
N ASP C 254 -29.42 -20.46 1.74
CA ASP C 254 -29.82 -21.32 0.62
C ASP C 254 -31.19 -21.95 0.88
N ILE C 255 -31.95 -22.15 -0.19
CA ILE C 255 -33.24 -22.82 -0.13
C ILE C 255 -33.06 -24.28 0.34
N MET C 256 -31.94 -24.87 -0.04
CA MET C 256 -31.58 -26.24 0.35
C MET C 256 -30.77 -26.24 1.64
N ASP C 257 -30.65 -27.41 2.26
CA ASP C 257 -29.87 -27.55 3.48
C ASP C 257 -28.40 -27.70 3.13
N LYS C 258 -27.58 -26.84 3.72
CA LYS C 258 -26.15 -26.85 3.42
C LYS C 258 -25.33 -26.91 4.70
N SER C 259 -25.85 -27.62 5.70
CA SER C 259 -25.21 -27.79 7.01
C SER C 259 -23.83 -28.44 6.97
N HIS C 260 -23.56 -29.24 5.93
CA HIS C 260 -22.26 -29.89 5.78
C HIS C 260 -21.13 -28.90 5.46
N VAL C 261 -21.49 -27.67 5.12
CA VAL C 261 -20.54 -26.63 4.75
C VAL C 261 -20.02 -25.88 5.98
N ASP C 262 -20.90 -25.67 6.95
CA ASP C 262 -20.57 -24.99 8.20
C ASP C 262 -19.22 -25.40 8.75
N GLU C 263 -18.39 -24.41 9.04
CA GLU C 263 -17.15 -24.63 9.75
C GLU C 263 -16.93 -23.38 10.60
N LEU C 264 -15.81 -23.33 11.30
CA LEU C 264 -15.39 -22.12 12.00
C LEU C 264 -15.54 -20.90 11.11
N ARG C 265 -16.31 -19.92 11.60
CA ARG C 265 -16.53 -18.62 10.95
C ARG C 265 -17.44 -18.64 9.72
N ILE C 266 -18.00 -19.80 9.42
CA ILE C 266 -18.99 -19.91 8.34
C ILE C 266 -20.25 -20.60 8.85
N ARG C 267 -21.39 -19.90 8.78
CA ARG C 267 -22.69 -20.49 9.13
C ARG C 267 -23.63 -20.52 7.93
N THR C 268 -24.31 -21.63 7.69
CA THR C 268 -25.32 -21.67 6.63
C THR C 268 -26.74 -21.65 7.19
N ILE C 269 -27.63 -20.94 6.48
CA ILE C 269 -29.02 -20.78 6.90
C ILE C 269 -29.94 -21.27 5.80
N GLN C 270 -30.94 -22.07 6.17
CA GLN C 270 -31.90 -22.59 5.20
C GLN C 270 -33.15 -21.71 5.18
N GLY C 271 -33.53 -21.28 3.97
CA GLY C 271 -34.68 -20.39 3.78
C GLY C 271 -34.76 -19.80 2.38
N ASP C 272 -35.91 -19.19 2.08
CA ASP C 272 -36.20 -18.65 0.75
C ASP C 272 -35.82 -17.17 0.67
N GLN C 273 -35.05 -16.80 -0.36
CA GLN C 273 -34.65 -15.40 -0.57
C GLN C 273 -35.84 -14.50 -0.95
N ASN C 274 -36.94 -15.13 -1.37
CA ASN C 274 -38.11 -14.39 -1.82
C ASN C 274 -39.15 -14.20 -0.72
N ASP C 275 -38.75 -14.56 0.51
CA ASP C 275 -39.58 -14.35 1.69
C ASP C 275 -39.04 -13.14 2.46
N ALA C 276 -39.65 -11.98 2.22
CA ALA C 276 -39.18 -10.71 2.80
C ALA C 276 -39.17 -10.77 4.33
N GLU C 277 -40.27 -11.22 4.92
CA GLU C 277 -40.39 -11.36 6.36
C GLU C 277 -39.29 -12.24 6.95
N PHE C 278 -39.01 -13.38 6.30
CA PHE C 278 -37.93 -14.26 6.74
C PHE C 278 -36.56 -13.58 6.72
N LEU C 279 -36.28 -12.82 5.66
CA LEU C 279 -35.00 -12.12 5.53
C LEU C 279 -34.83 -11.11 6.66
N ASP C 280 -35.89 -10.35 6.95
CA ASP C 280 -35.90 -9.40 8.04
C ASP C 280 -35.61 -10.10 9.37
N ARG C 281 -36.15 -11.30 9.52
CA ARG C 281 -36.02 -12.11 10.74
C ARG C 281 -34.54 -12.48 10.97
N ILE C 282 -33.89 -12.99 9.92
CA ILE C 282 -32.48 -13.38 10.04
C ILE C 282 -31.53 -12.17 10.05
N ALA C 283 -31.95 -11.07 9.44
CA ALA C 283 -31.15 -9.84 9.43
C ALA C 283 -31.08 -9.22 10.82
N ARG C 284 -32.15 -9.38 11.58
CA ARG C 284 -32.17 -8.95 12.98
C ARG C 284 -31.40 -9.89 13.89
N ARG C 285 -31.36 -11.18 13.55
CA ARG C 285 -30.63 -12.17 14.34
C ARG C 285 -29.13 -12.13 14.09
N TYR C 286 -28.72 -11.84 12.86
CA TYR C 286 -27.33 -11.95 12.48
C TYR C 286 -26.69 -10.63 12.04
N GLY C 287 -27.49 -9.60 11.86
CA GLY C 287 -27.02 -8.35 11.31
C GLY C 287 -26.55 -7.34 12.35
N PRO C 288 -26.26 -6.11 11.92
CA PRO C 288 -26.32 -5.65 10.52
C PRO C 288 -25.14 -6.16 9.67
N PHE C 289 -25.30 -6.16 8.36
CA PHE C 289 -24.26 -6.69 7.49
C PHE C 289 -23.43 -5.58 6.87
N ASP C 290 -22.11 -5.80 6.83
CA ASP C 290 -21.21 -4.92 6.12
C ASP C 290 -21.31 -5.19 4.62
N ILE C 291 -21.58 -6.45 4.26
CA ILE C 291 -21.67 -6.87 2.87
C ILE C 291 -22.81 -7.86 2.74
N VAL C 292 -23.63 -7.70 1.70
CA VAL C 292 -24.62 -8.68 1.27
C VAL C 292 -24.41 -8.95 -0.22
N ILE C 293 -24.37 -10.23 -0.58
CA ILE C 293 -24.16 -10.65 -1.97
C ILE C 293 -25.31 -11.52 -2.43
N ASP C 294 -25.88 -11.17 -3.57
CA ASP C 294 -26.92 -11.98 -4.19
C ASP C 294 -26.41 -12.76 -5.41
N ASP C 295 -26.27 -14.05 -5.22
CA ASP C 295 -25.92 -15.00 -6.26
C ASP C 295 -26.90 -16.18 -6.13
N GLY C 296 -28.17 -15.86 -5.91
CA GLY C 296 -29.19 -16.88 -5.63
C GLY C 296 -29.89 -17.52 -6.82
N SER C 297 -31.22 -17.43 -6.83
CA SER C 297 -32.04 -18.03 -7.89
C SER C 297 -31.87 -17.33 -9.24
N HIS C 298 -31.50 -16.04 -9.19
CA HIS C 298 -31.45 -15.15 -10.35
C HIS C 298 -32.82 -14.90 -11.00
N ILE C 299 -33.89 -15.34 -10.34
CA ILE C 299 -35.25 -14.94 -10.71
C ILE C 299 -35.36 -13.45 -10.37
N ASN C 300 -35.79 -12.64 -11.35
CA ASN C 300 -35.70 -11.17 -11.24
C ASN C 300 -36.44 -10.60 -10.04
N ALA C 301 -37.62 -11.14 -9.75
CA ALA C 301 -38.43 -10.71 -8.61
C ALA C 301 -37.75 -11.04 -7.28
N HIS C 302 -37.06 -12.17 -7.24
CA HIS C 302 -36.28 -12.58 -6.07
C HIS C 302 -35.22 -11.54 -5.72
N VAL C 303 -34.48 -11.09 -6.73
CA VAL C 303 -33.40 -10.12 -6.57
C VAL C 303 -33.93 -8.82 -5.98
N ARG C 304 -35.12 -8.42 -6.42
CA ARG C 304 -35.71 -7.15 -6.02
C ARG C 304 -36.35 -7.24 -4.64
N THR C 305 -36.79 -8.44 -4.27
CA THR C 305 -37.36 -8.68 -2.94
C THR C 305 -36.24 -8.65 -1.92
N SER C 306 -35.19 -9.44 -2.18
CA SER C 306 -34.03 -9.49 -1.28
C SER C 306 -33.45 -8.11 -1.01
N PHE C 307 -33.26 -7.32 -2.07
CA PHE C 307 -32.69 -5.99 -1.94
C PHE C 307 -33.52 -5.12 -1.02
N ALA C 308 -34.78 -4.89 -1.41
CA ALA C 308 -35.71 -4.11 -0.59
C ALA C 308 -35.73 -4.54 0.88
N ALA C 309 -35.57 -5.84 1.13
CA ALA C 309 -35.66 -6.38 2.50
C ALA C 309 -34.34 -6.26 3.27
N LEU C 310 -33.23 -6.39 2.55
CA LEU C 310 -31.94 -6.53 3.19
C LEU C 310 -31.12 -5.25 3.16
N PHE C 311 -31.30 -4.43 2.13
CA PHE C 311 -30.59 -3.15 2.02
C PHE C 311 -30.69 -2.30 3.31
N PRO C 312 -31.88 -2.25 3.96
CA PRO C 312 -32.01 -1.53 5.24
C PRO C 312 -31.10 -2.08 6.34
N HIS C 313 -30.65 -3.33 6.20
CA HIS C 313 -29.84 -3.97 7.23
C HIS C 313 -28.34 -3.95 6.89
N VAL C 314 -28.00 -3.38 5.73
CA VAL C 314 -26.60 -3.12 5.39
C VAL C 314 -26.14 -1.90 6.19
N ARG C 315 -24.93 -1.99 6.74
CA ARG C 315 -24.39 -0.94 7.56
C ARG C 315 -24.05 0.27 6.71
N PRO C 316 -24.14 1.49 7.29
CA PRO C 316 -23.61 2.65 6.56
C PRO C 316 -22.13 2.43 6.22
N GLY C 317 -21.78 2.65 4.95
CA GLY C 317 -20.44 2.37 4.47
C GLY C 317 -20.27 0.93 3.97
N GLY C 318 -21.37 0.19 3.99
CA GLY C 318 -21.35 -1.21 3.52
C GLY C 318 -21.76 -1.37 2.07
N LEU C 319 -21.79 -2.62 1.60
CA LEU C 319 -22.03 -2.90 0.19
C LEU C 319 -23.14 -3.92 -0.03
N TYR C 320 -24.00 -3.65 -1.02
CA TYR C 320 -24.89 -4.66 -1.53
C TYR C 320 -24.46 -5.05 -2.96
N VAL C 321 -24.23 -6.34 -3.16
CA VAL C 321 -23.69 -6.83 -4.41
C VAL C 321 -24.73 -7.70 -5.11
N ILE C 322 -24.99 -7.39 -6.37
CA ILE C 322 -25.86 -8.24 -7.17
C ILE C 322 -25.06 -8.92 -8.30
N GLU C 323 -25.09 -10.25 -8.31
CA GLU C 323 -24.45 -11.05 -9.35
C GLU C 323 -25.45 -11.60 -10.35
N ASP C 324 -24.97 -11.79 -11.58
CA ASP C 324 -25.68 -12.49 -12.66
C ASP C 324 -26.96 -11.81 -13.10
N MET C 325 -26.85 -10.51 -13.41
CA MET C 325 -27.94 -9.73 -13.98
C MET C 325 -28.27 -10.18 -15.40
N TRP C 326 -27.51 -11.14 -15.93
CA TRP C 326 -27.77 -11.67 -17.26
C TRP C 326 -29.20 -12.19 -17.42
N THR C 327 -29.77 -12.69 -16.33
CA THR C 327 -31.15 -13.25 -16.36
C THR C 327 -32.22 -12.18 -16.53
N ALA C 328 -31.82 -10.91 -16.47
CA ALA C 328 -32.75 -9.80 -16.72
C ALA C 328 -33.30 -9.77 -18.15
N TYR C 329 -32.69 -10.56 -19.03
CA TYR C 329 -33.08 -10.61 -20.45
C TYR C 329 -33.87 -11.86 -20.81
N TRP C 330 -34.11 -12.70 -19.83
CA TRP C 330 -34.65 -14.02 -20.12
C TRP C 330 -35.94 -14.24 -19.37
N PRO C 331 -37.01 -14.55 -20.12
CA PRO C 331 -38.34 -14.69 -19.54
C PRO C 331 -38.39 -15.82 -18.50
N GLY C 332 -37.62 -16.88 -18.74
CA GLY C 332 -37.55 -18.04 -17.84
C GLY C 332 -37.03 -17.72 -16.45
N PHE C 333 -36.65 -16.45 -16.26
CA PHE C 333 -36.21 -15.94 -14.96
C PHE C 333 -37.01 -14.68 -14.62
N GLY C 334 -38.10 -14.44 -15.36
CA GLY C 334 -38.94 -13.27 -15.17
C GLY C 334 -38.41 -11.99 -15.81
N GLY C 335 -37.48 -12.14 -16.76
CA GLY C 335 -36.93 -11.01 -17.50
C GLY C 335 -37.60 -10.77 -18.85
N GLN C 336 -36.97 -9.90 -19.66
CA GLN C 336 -37.49 -9.50 -20.97
C GLN C 336 -36.34 -9.30 -21.96
N ALA C 337 -36.46 -9.88 -23.15
CA ALA C 337 -35.47 -9.74 -24.22
C ALA C 337 -35.25 -8.29 -24.66
N ASP C 338 -36.29 -7.47 -24.58
CA ASP C 338 -36.20 -6.06 -24.89
C ASP C 338 -35.60 -5.33 -23.71
N PRO C 339 -34.38 -4.79 -23.88
CA PRO C 339 -33.70 -4.06 -22.79
C PRO C 339 -34.46 -2.82 -22.30
N GLN C 340 -35.42 -2.34 -23.09
CA GLN C 340 -36.25 -1.19 -22.68
C GLN C 340 -37.43 -1.59 -21.79
N GLU C 341 -37.85 -2.84 -21.87
CA GLU C 341 -38.91 -3.34 -20.99
C GLU C 341 -38.31 -3.85 -19.69
N CYS C 342 -37.72 -2.92 -18.94
CA CYS C 342 -36.86 -3.27 -17.80
C CYS C 342 -37.53 -3.12 -16.42
N SER C 343 -38.84 -2.82 -16.43
CA SER C 343 -39.56 -2.41 -15.21
C SER C 343 -39.50 -3.38 -14.02
N GLY C 344 -39.50 -4.68 -14.30
CA GLY C 344 -39.44 -5.65 -13.21
C GLY C 344 -38.17 -6.46 -13.15
N THR C 345 -37.12 -6.00 -13.82
CA THR C 345 -35.87 -6.76 -13.86
C THR C 345 -34.84 -6.17 -12.90
N SER C 346 -33.76 -6.92 -12.69
CA SER C 346 -32.63 -6.46 -11.89
C SER C 346 -31.96 -5.25 -12.55
N LEU C 347 -31.95 -5.21 -13.87
CA LEU C 347 -31.39 -4.05 -14.57
C LEU C 347 -32.24 -2.80 -14.29
N GLY C 348 -33.56 -2.98 -14.29
CA GLY C 348 -34.49 -1.91 -14.00
C GLY C 348 -34.29 -1.34 -12.61
N LEU C 349 -33.99 -2.23 -11.65
CA LEU C 349 -33.66 -1.82 -10.30
C LEU C 349 -32.40 -0.96 -10.29
N LEU C 350 -31.33 -1.45 -10.93
CA LEU C 350 -30.08 -0.67 -11.06
C LEU C 350 -30.29 0.70 -11.68
N LYS C 351 -31.09 0.74 -12.75
CA LYS C 351 -31.42 2.01 -13.39
C LYS C 351 -32.15 2.98 -12.45
N SER C 352 -33.02 2.46 -11.58
CA SER C 352 -33.70 3.33 -10.63
C SER C 352 -32.79 3.71 -9.45
N LEU C 353 -31.78 2.89 -9.18
CA LEU C 353 -30.71 3.30 -8.24
C LEU C 353 -29.92 4.52 -8.75
N ILE C 354 -29.78 4.64 -10.07
CA ILE C 354 -29.20 5.83 -10.69
C ILE C 354 -30.03 7.09 -10.36
N ASP C 355 -31.36 6.98 -10.48
CA ASP C 355 -32.28 8.05 -10.08
C ASP C 355 -32.13 8.45 -8.60
N ALA C 356 -32.18 7.47 -7.70
CA ALA C 356 -32.04 7.71 -6.27
C ALA C 356 -30.75 8.46 -5.91
N ILE C 357 -29.63 8.11 -6.55
CA ILE C 357 -28.35 8.78 -6.30
C ILE C 357 -28.38 10.27 -6.68
N GLN C 358 -29.24 10.63 -7.63
CA GLN C 358 -29.46 12.05 -7.98
C GLN C 358 -30.83 12.56 -7.57
N HIS C 359 -31.54 11.82 -6.71
CA HIS C 359 -32.89 12.17 -6.22
C HIS C 359 -33.89 12.56 -7.32
N GLY C 371 -39.26 6.47 0.16
CA GLY C 371 -38.60 5.17 0.29
C GLY C 371 -37.28 5.25 1.01
N TYR C 372 -36.97 4.20 1.78
CA TYR C 372 -35.71 4.10 2.53
C TYR C 372 -34.51 4.16 1.60
N VAL C 373 -34.55 3.33 0.56
CA VAL C 373 -33.44 3.17 -0.38
C VAL C 373 -32.91 4.50 -0.92
N ASP C 374 -33.82 5.36 -1.38
CA ASP C 374 -33.47 6.64 -2.00
C ASP C 374 -32.53 7.49 -1.15
N ARG C 375 -32.83 7.58 0.15
CA ARG C 375 -32.06 8.42 1.07
C ARG C 375 -30.73 7.77 1.49
N ASN C 376 -30.48 6.54 1.03
CA ASN C 376 -29.35 5.73 1.50
C ASN C 376 -28.42 5.08 0.45
N ILE C 377 -28.48 5.56 -0.80
CA ILE C 377 -27.54 5.08 -1.81
C ILE C 377 -26.60 6.20 -2.22
N VAL C 378 -25.30 5.98 -2.05
CA VAL C 378 -24.32 7.01 -2.39
C VAL C 378 -23.40 6.64 -3.55
N GLY C 379 -23.54 5.43 -4.07
CA GLY C 379 -22.67 4.92 -5.13
C GLY C 379 -23.23 3.66 -5.76
N LEU C 380 -23.08 3.54 -7.09
CA LEU C 380 -23.40 2.32 -7.84
C LEU C 380 -22.24 2.00 -8.77
N HIS C 381 -21.85 0.73 -8.79
CA HIS C 381 -20.73 0.28 -9.61
C HIS C 381 -21.20 -0.90 -10.44
N VAL C 382 -21.15 -0.76 -11.75
CA VAL C 382 -21.67 -1.78 -12.63
C VAL C 382 -20.58 -2.32 -13.50
N TYR C 383 -20.45 -3.64 -13.51
CA TYR C 383 -19.51 -4.34 -14.34
C TYR C 383 -20.29 -5.46 -15.00
N HIS C 384 -19.66 -6.19 -15.92
CA HIS C 384 -20.34 -7.30 -16.57
C HIS C 384 -20.86 -8.32 -15.56
N ASN C 385 -22.17 -8.40 -15.43
CA ASN C 385 -22.84 -9.38 -14.58
C ASN C 385 -22.62 -9.24 -13.08
N VAL C 386 -22.11 -8.08 -12.65
CA VAL C 386 -22.01 -7.81 -11.21
C VAL C 386 -22.10 -6.31 -10.94
N ALA C 387 -22.91 -5.96 -9.96
CA ALA C 387 -23.11 -4.57 -9.54
C ALA C 387 -22.96 -4.41 -8.03
N PHE C 388 -22.22 -3.37 -7.66
CA PHE C 388 -21.94 -3.02 -6.28
C PHE C 388 -22.68 -1.76 -5.91
N VAL C 389 -23.49 -1.83 -4.85
CA VAL C 389 -24.25 -0.68 -4.34
C VAL C 389 -23.70 -0.23 -2.99
N GLU C 390 -23.29 1.04 -2.91
CA GLU C 390 -22.75 1.60 -1.68
C GLU C 390 -23.86 2.16 -0.81
N LYS C 391 -23.87 1.77 0.45
CA LYS C 391 -24.86 2.21 1.40
C LYS C 391 -24.33 3.40 2.21
N GLY C 392 -25.13 4.46 2.25
CA GLY C 392 -24.81 5.65 3.05
C GLY C 392 -25.80 6.76 2.75
N ARG C 393 -25.91 7.73 3.64
CA ARG C 393 -26.87 8.80 3.47
C ARG C 393 -26.53 9.72 2.30
N ASN C 394 -27.42 9.77 1.31
CA ASN C 394 -27.25 10.61 0.13
C ASN C 394 -27.70 12.04 0.43
N ASP C 395 -27.16 12.55 1.51
CA ASP C 395 -27.66 13.73 2.18
C ASP C 395 -26.75 14.93 1.95
N GLU C 396 -25.69 14.73 1.16
CA GLU C 396 -24.60 15.70 1.06
C GLU C 396 -24.74 16.64 -0.12
N GLY C 397 -24.28 17.87 0.05
CA GLY C 397 -24.26 18.87 -1.01
C GLY C 397 -25.61 19.50 -1.27
N GLY C 398 -26.49 19.45 -0.27
CA GLY C 398 -27.81 20.08 -0.36
C GLY C 398 -27.72 21.59 -0.51
N ILE C 399 -28.54 22.14 -1.40
CA ILE C 399 -28.64 23.59 -1.62
C ILE C 399 -30.12 24.04 -1.57
N PRO C 400 -30.39 25.27 -1.10
CA PRO C 400 -31.76 25.79 -1.15
C PRO C 400 -32.17 26.05 -2.61
N THR C 401 -33.18 25.32 -3.09
CA THR C 401 -33.57 25.34 -4.51
C THR C 401 -33.96 26.72 -5.05
N TRP C 402 -34.49 27.58 -4.19
CA TRP C 402 -34.90 28.93 -4.60
C TRP C 402 -33.70 29.76 -5.09
N THR D 25 -9.52 18.26 31.22
CA THR D 25 -10.63 19.12 31.75
C THR D 25 -11.82 18.28 32.17
N GLU D 26 -12.79 18.12 31.27
CA GLU D 26 -14.01 17.35 31.54
C GLU D 26 -13.76 15.86 31.41
N PHE D 27 -12.86 15.49 30.49
CA PHE D 27 -12.80 14.12 30.01
C PHE D 27 -11.72 13.27 30.65
N ASP D 28 -12.17 12.38 31.52
CA ASP D 28 -11.32 11.43 32.24
C ASP D 28 -10.56 10.49 31.26
N GLU D 29 -9.27 10.30 31.51
CA GLU D 29 -8.39 9.57 30.58
C GLU D 29 -8.86 8.14 30.29
N ALA D 30 -9.17 7.40 31.35
CA ALA D 30 -9.71 6.03 31.22
C ALA D 30 -10.99 5.98 30.37
N THR D 31 -11.75 7.08 30.39
CA THR D 31 -13.00 7.20 29.64
C THR D 31 -12.71 7.44 28.15
N VAL D 32 -11.82 8.37 27.86
CA VAL D 32 -11.38 8.63 26.50
C VAL D 32 -10.86 7.32 25.89
N GLN D 33 -9.99 6.65 26.64
CA GLN D 33 -9.41 5.39 26.18
C GLN D 33 -10.46 4.31 25.92
N ASP D 34 -11.43 4.23 26.82
CA ASP D 34 -12.53 3.28 26.67
C ASP D 34 -13.38 3.59 25.43
N VAL D 35 -13.71 4.87 25.23
CA VAL D 35 -14.46 5.34 24.06
C VAL D 35 -13.75 4.99 22.74
N VAL D 36 -12.43 5.20 22.70
CA VAL D 36 -11.62 4.91 21.52
C VAL D 36 -11.61 3.40 21.26
N ARG D 37 -11.59 2.62 22.34
CA ARG D 37 -11.55 1.17 22.25
C ARG D 37 -12.85 0.64 21.65
N LEU D 38 -13.97 1.18 22.11
CA LEU D 38 -15.28 0.73 21.64
C LEU D 38 -15.56 1.23 20.22
N ALA D 39 -15.14 2.47 19.93
CA ALA D 39 -15.30 3.06 18.60
C ALA D 39 -14.62 2.25 17.50
N GLY D 40 -13.62 1.46 17.87
CA GLY D 40 -12.89 0.61 16.93
C GLY D 40 -13.61 -0.69 16.65
N GLY D 41 -14.70 -0.94 17.36
CA GLY D 41 -15.43 -2.21 17.24
C GLY D 41 -16.46 -2.26 16.13
N HIS D 42 -17.36 -3.23 16.23
CA HIS D 42 -18.43 -3.37 15.25
C HIS D 42 -19.69 -2.66 15.77
N ASP D 43 -20.84 -2.94 15.16
CA ASP D 43 -22.11 -2.35 15.56
C ASP D 43 -22.44 -2.50 17.06
N SER D 44 -22.25 -3.70 17.60
CA SER D 44 -22.56 -4.00 18.99
C SER D 44 -21.74 -3.15 19.97
N GLU D 45 -20.50 -2.84 19.57
CA GLU D 45 -19.62 -2.05 20.42
C GLU D 45 -20.01 -0.58 20.37
N LEU D 46 -20.46 -0.15 19.19
CA LEU D 46 -20.91 1.22 19.01
C LEU D 46 -22.17 1.50 19.81
N ARG D 47 -23.10 0.54 19.80
CA ARG D 47 -24.32 0.63 20.61
C ARG D 47 -23.98 0.62 22.08
N GLU D 48 -23.08 -0.29 22.45
CA GLU D 48 -22.60 -0.42 23.81
C GLU D 48 -22.05 0.91 24.34
N LEU D 49 -21.29 1.61 23.49
CA LEU D 49 -20.65 2.87 23.86
C LEU D 49 -21.69 3.94 24.23
N THR D 50 -22.66 4.14 23.35
CA THR D 50 -23.63 5.21 23.52
C THR D 50 -24.61 4.89 24.64
N GLN D 51 -24.73 3.60 24.98
CA GLN D 51 -25.53 3.19 26.13
C GLN D 51 -24.77 3.38 27.45
N LYS D 52 -23.45 3.22 27.40
CA LYS D 52 -22.58 3.29 28.58
C LYS D 52 -22.30 4.73 29.02
N TYR D 53 -22.24 5.66 28.06
CA TYR D 53 -21.94 7.06 28.35
C TYR D 53 -23.00 7.99 27.79
N ASP D 54 -23.27 9.06 28.52
CA ASP D 54 -24.15 10.14 28.11
C ASP D 54 -23.79 10.65 26.70
N PRO D 55 -24.74 10.54 25.75
CA PRO D 55 -24.53 11.01 24.36
C PRO D 55 -24.12 12.47 24.25
N ALA D 56 -24.62 13.31 25.15
CA ALA D 56 -24.21 14.72 25.20
C ALA D 56 -22.73 14.87 25.55
N MET D 57 -22.25 14.09 26.53
CA MET D 57 -20.84 14.10 26.92
C MET D 57 -19.96 13.58 25.77
N ILE D 58 -20.40 12.51 25.11
CA ILE D 58 -19.64 11.95 24.00
C ILE D 58 -19.51 12.96 22.87
N SER D 59 -20.60 13.65 22.57
CA SER D 59 -20.62 14.63 21.49
C SER D 59 -19.69 15.80 21.82
N ARG D 60 -19.63 16.15 23.10
CA ARG D 60 -18.70 17.16 23.58
C ARG D 60 -17.24 16.68 23.40
N LEU D 61 -17.01 15.40 23.68
CA LEU D 61 -15.67 14.81 23.52
C LEU D 61 -15.22 14.84 22.07
N LEU D 62 -16.15 14.55 21.16
CA LEU D 62 -15.85 14.57 19.73
C LEU D 62 -15.53 15.96 19.17
N VAL D 63 -16.26 16.97 19.65
CA VAL D 63 -16.01 18.34 19.25
C VAL D 63 -14.61 18.79 19.69
N ALA D 64 -14.28 18.55 20.95
CA ALA D 64 -12.94 18.86 21.47
C ALA D 64 -11.84 18.22 20.61
N GLU D 65 -12.00 16.94 20.29
CA GLU D 65 -11.10 16.20 19.40
C GLU D 65 -11.05 16.83 18.00
N ILE D 66 -12.22 17.18 17.45
CA ILE D 66 -12.30 17.80 16.12
C ILE D 66 -11.55 19.13 16.10
N LEU D 67 -11.70 19.94 17.15
CA LEU D 67 -11.03 21.23 17.19
C LEU D 67 -9.51 21.08 17.09
N SER D 68 -8.99 19.97 17.63
CA SER D 68 -7.56 19.68 17.51
C SER D 68 -7.14 19.16 16.14
N ARG D 69 -8.05 18.51 15.41
CA ARG D 69 -7.67 17.93 14.10
C ARG D 69 -7.76 18.90 12.93
N CYS D 70 -8.53 19.97 13.08
CA CYS D 70 -8.75 20.93 12.01
C CYS D 70 -7.45 21.63 11.59
N PRO D 71 -7.20 21.71 10.27
CA PRO D 71 -6.06 22.48 9.80
C PRO D 71 -6.36 23.98 9.93
N PRO D 72 -5.33 24.83 9.86
CA PRO D 72 -5.57 26.28 9.81
C PRO D 72 -6.53 26.67 8.68
N PRO D 73 -7.58 27.45 9.01
CA PRO D 73 -8.50 27.95 7.98
C PRO D 73 -7.80 28.91 7.04
N SER D 74 -8.30 29.04 5.83
CA SER D 74 -7.68 29.92 4.84
C SER D 74 -8.57 31.10 4.44
N ASN D 75 -9.86 31.03 4.77
CA ASN D 75 -10.84 32.05 4.39
C ASN D 75 -10.65 33.40 5.07
N ASP D 76 -10.75 34.47 4.28
CA ASP D 76 -10.58 35.84 4.77
C ASP D 76 -11.81 36.33 5.54
N THR D 77 -12.98 35.84 5.14
CA THR D 77 -14.25 36.26 5.73
C THR D 77 -14.70 35.26 6.80
N PRO D 78 -14.96 35.76 8.03
CA PRO D 78 -15.41 34.87 9.10
C PRO D 78 -16.73 34.18 8.74
N VAL D 79 -16.81 32.88 8.98
CA VAL D 79 -18.04 32.14 8.70
C VAL D 79 -18.37 31.15 9.83
N LEU D 80 -19.64 30.76 9.92
CA LEU D 80 -20.02 29.74 10.87
C LEU D 80 -20.29 28.45 10.12
N VAL D 81 -19.63 27.39 10.54
CA VAL D 81 -20.03 26.04 10.19
C VAL D 81 -20.79 25.46 11.39
N GLU D 82 -22.03 25.02 11.16
CA GLU D 82 -22.81 24.32 12.18
C GLU D 82 -22.58 22.82 12.10
N LEU D 83 -22.02 22.27 13.16
CA LEU D 83 -21.84 20.84 13.27
C LEU D 83 -22.96 20.28 14.15
N ALA D 84 -23.87 19.53 13.53
CA ALA D 84 -24.96 18.90 14.27
C ALA D 84 -24.67 17.42 14.43
N ILE D 85 -24.43 17.03 15.69
CA ILE D 85 -24.25 15.65 16.06
C ILE D 85 -25.60 15.08 16.54
N VAL D 86 -26.14 14.13 15.77
CA VAL D 86 -27.49 13.61 15.99
C VAL D 86 -27.46 12.22 16.64
N HIS D 87 -28.28 12.04 17.66
CA HIS D 87 -28.49 10.70 18.23
C HIS D 87 -29.96 10.49 18.57
N GLY D 88 -30.60 9.56 17.85
CA GLY D 88 -32.04 9.37 17.93
C GLY D 88 -32.79 10.65 17.61
N SER D 89 -33.54 11.16 18.58
CA SER D 89 -34.26 12.42 18.42
C SER D 89 -33.45 13.63 18.85
N GLU D 90 -32.30 13.39 19.49
CA GLU D 90 -31.47 14.46 20.05
C GLU D 90 -30.51 15.06 19.03
N ARG D 91 -30.39 16.39 19.03
CA ARG D 91 -29.46 17.13 18.17
C ARG D 91 -28.55 18.04 18.97
N PHE D 92 -27.28 17.68 19.03
CA PHE D 92 -26.32 18.52 19.71
C PHE D 92 -25.70 19.44 18.65
N ARG D 93 -26.08 20.72 18.74
CA ARG D 93 -25.73 21.73 17.75
C ARG D 93 -24.54 22.56 18.21
N HIS D 94 -23.45 22.49 17.44
CA HIS D 94 -22.25 23.28 17.72
C HIS D 94 -21.97 24.24 16.57
N PHE D 95 -21.84 25.51 16.88
CA PHE D 95 -21.62 26.52 15.85
C PHE D 95 -20.15 26.94 15.83
N LEU D 96 -19.42 26.43 14.86
CA LEU D 96 -17.97 26.60 14.82
C LEU D 96 -17.59 27.83 14.01
N ARG D 97 -16.90 28.77 14.65
CA ARG D 97 -16.48 29.98 13.95
C ARG D 97 -15.14 29.71 13.28
N VAL D 98 -15.10 29.94 11.97
CA VAL D 98 -13.95 29.60 11.13
C VAL D 98 -13.47 30.80 10.33
N VAL D 99 -12.20 31.16 10.51
CA VAL D 99 -11.57 32.29 9.81
C VAL D 99 -10.04 32.14 9.88
N ARG D 100 -9.37 32.60 8.82
CA ARG D 100 -7.91 32.55 8.73
C ARG D 100 -7.24 33.26 9.91
N ASP D 101 -6.19 32.66 10.46
CA ASP D 101 -5.40 33.23 11.57
C ASP D 101 -6.12 33.25 12.91
N SER D 102 -7.14 32.40 13.06
CA SER D 102 -7.82 32.21 14.33
C SER D 102 -8.06 30.73 14.52
N PRO D 103 -7.86 30.22 15.74
CA PRO D 103 -8.23 28.83 16.00
C PRO D 103 -9.73 28.64 15.83
N ILE D 104 -10.16 27.50 15.29
CA ILE D 104 -11.59 27.23 15.15
C ILE D 104 -12.19 27.05 16.55
N ARG D 105 -13.18 27.86 16.88
CA ARG D 105 -13.78 27.78 18.20
C ARG D 105 -15.31 27.79 18.13
N PRO D 106 -15.97 27.19 19.14
CA PRO D 106 -17.43 27.18 19.18
C PRO D 106 -17.98 28.50 19.69
N VAL D 107 -19.02 29.00 19.04
CA VAL D 107 -19.66 30.25 19.46
C VAL D 107 -21.16 30.07 19.54
N GLY D 108 -21.88 31.15 19.85
CA GLY D 108 -23.34 31.13 19.94
C GLY D 108 -23.98 31.01 18.57
N ALA D 109 -25.22 30.52 18.53
CA ALA D 109 -25.92 30.28 17.27
C ALA D 109 -26.08 31.54 16.40
N ASP D 110 -26.21 32.70 17.04
CA ASP D 110 -26.45 33.94 16.31
C ASP D 110 -25.19 34.74 15.97
N GLU D 111 -24.02 34.24 16.37
CA GLU D 111 -22.76 34.98 16.28
C GLU D 111 -22.04 34.90 14.93
N GLY D 112 -22.78 34.90 13.84
CA GLY D 112 -22.17 34.93 12.52
C GLY D 112 -23.12 34.45 11.44
N PHE D 113 -22.61 34.36 10.22
CA PHE D 113 -23.38 33.86 9.09
C PHE D 113 -23.14 32.36 8.95
N VAL D 114 -24.19 31.56 9.12
CA VAL D 114 -24.05 30.10 8.98
C VAL D 114 -23.91 29.72 7.52
N GLY D 115 -22.68 29.42 7.11
CA GLY D 115 -22.39 29.10 5.72
C GLY D 115 -22.72 27.67 5.34
N MET D 116 -22.66 26.78 6.32
CA MET D 116 -22.89 25.36 6.09
C MET D 116 -23.43 24.69 7.35
N LEU D 117 -24.45 23.86 7.16
CA LEU D 117 -24.86 22.89 8.16
C LEU D 117 -24.18 21.57 7.80
N VAL D 118 -23.46 20.98 8.76
CA VAL D 118 -22.89 19.64 8.63
C VAL D 118 -23.52 18.72 9.68
N GLU D 119 -24.04 17.59 9.25
CA GLU D 119 -24.77 16.70 10.12
C GLU D 119 -24.14 15.31 10.12
N TYR D 120 -23.90 14.78 11.31
CA TYR D 120 -23.37 13.44 11.51
C TYR D 120 -24.25 12.73 12.52
N GLU D 121 -24.49 11.45 12.29
CA GLU D 121 -25.01 10.57 13.33
C GLU D 121 -23.86 10.35 14.31
N LEU D 122 -24.17 10.32 15.61
CA LEU D 122 -23.16 10.14 16.64
C LEU D 122 -22.26 8.92 16.40
N THR D 123 -22.84 7.77 16.10
CA THR D 123 -22.02 6.55 15.93
C THR D 123 -21.11 6.64 14.70
N GLU D 124 -21.60 7.33 13.66
CA GLU D 124 -20.81 7.55 12.45
C GLU D 124 -19.59 8.43 12.68
N LEU D 125 -19.79 9.54 13.39
CA LEU D 125 -18.71 10.44 13.75
C LEU D 125 -17.66 9.76 14.64
N LEU D 126 -18.10 8.86 15.51
CA LEU D 126 -17.19 8.08 16.33
C LEU D 126 -16.29 7.20 15.49
N ARG D 127 -16.89 6.56 14.49
CA ARG D 127 -16.16 5.66 13.60
C ARG D 127 -15.14 6.47 12.82
N GLU D 128 -15.56 7.64 12.32
CA GLU D 128 -14.70 8.49 11.48
C GLU D 128 -13.50 9.05 12.24
N LEU D 129 -13.68 9.29 13.53
CA LEU D 129 -12.62 9.86 14.33
C LEU D 129 -11.78 8.80 15.02
N PHE D 130 -12.44 7.81 15.63
CA PHE D 130 -11.76 6.81 16.45
C PHE D 130 -11.99 5.37 15.98
N GLY D 131 -12.61 5.20 14.82
CA GLY D 131 -12.91 3.86 14.34
C GLY D 131 -11.79 3.19 13.59
N VAL D 132 -11.93 1.89 13.42
CA VAL D 132 -11.14 1.13 12.46
C VAL D 132 -12.06 0.97 11.26
N THR D 133 -11.77 1.74 10.23
CA THR D 133 -12.67 1.90 9.11
C THR D 133 -11.92 2.10 7.79
N HIS D 134 -12.61 1.81 6.69
CA HIS D 134 -12.08 2.05 5.35
C HIS D 134 -12.42 3.47 4.96
N GLU D 135 -11.76 3.94 3.91
CA GLU D 135 -12.02 5.26 3.33
C GLU D 135 -13.45 5.31 2.84
N ARG D 136 -14.12 6.40 3.15
CA ARG D 136 -15.49 6.58 2.73
C ARG D 136 -15.65 7.95 2.10
N PRO D 137 -15.56 8.01 0.76
CA PRO D 137 -15.59 9.28 0.02
C PRO D 137 -16.93 9.98 0.13
N ALA D 138 -17.99 9.23 0.44
CA ALA D 138 -19.31 9.80 0.61
C ALA D 138 -20.10 8.94 1.59
N GLY D 139 -21.23 9.45 2.05
CA GLY D 139 -22.17 8.67 2.85
C GLY D 139 -21.98 8.75 4.36
N VAL D 140 -20.99 9.50 4.82
CA VAL D 140 -20.77 9.60 6.26
C VAL D 140 -21.52 10.77 6.91
N ARG D 141 -21.86 11.77 6.11
CA ARG D 141 -22.44 13.01 6.65
C ARG D 141 -23.44 13.59 5.68
N GLY D 142 -24.27 14.51 6.18
CA GLY D 142 -25.10 15.33 5.34
C GLY D 142 -24.73 16.80 5.51
N THR D 143 -24.86 17.56 4.45
CA THR D 143 -24.52 18.98 4.46
C THR D 143 -25.59 19.80 3.76
N LYS D 144 -25.78 21.04 4.21
CA LYS D 144 -26.67 21.98 3.54
C LYS D 144 -25.98 23.35 3.51
N LEU D 145 -25.88 23.91 2.30
CA LEU D 145 -25.23 25.18 2.08
C LEU D 145 -26.19 26.28 2.47
N PHE D 146 -25.66 27.38 3.01
CA PHE D 146 -26.46 28.53 3.47
C PHE D 146 -27.79 28.09 4.08
N PRO D 147 -27.75 27.31 5.18
CA PRO D 147 -28.99 26.70 5.69
C PRO D 147 -30.08 27.66 6.15
N TYR D 148 -29.71 28.85 6.63
CA TYR D 148 -30.72 29.75 7.23
C TYR D 148 -31.00 31.00 6.42
N LEU D 149 -30.49 31.01 5.19
CA LEU D 149 -30.68 32.14 4.29
C LEU D 149 -32.08 32.11 3.70
N THR D 150 -32.84 33.18 3.92
CA THR D 150 -34.18 33.34 3.33
C THR D 150 -34.11 34.17 2.06
N ASP D 151 -35.09 33.97 1.17
CA ASP D 151 -35.15 34.67 -0.10
C ASP D 151 -35.60 36.12 0.09
N ASP D 152 -34.63 37.02 0.24
CA ASP D 152 -34.89 38.45 0.45
C ASP D 152 -34.14 39.32 -0.55
N GLU D 153 -34.22 40.64 -0.34
CA GLU D 153 -33.47 41.62 -1.12
C GLU D 153 -31.96 41.50 -0.82
N GLU D 154 -31.65 41.06 0.38
CA GLU D 154 -30.25 40.88 0.82
C GLU D 154 -29.60 39.56 0.34
N ALA D 155 -30.43 38.58 0.02
CA ALA D 155 -29.97 37.21 -0.28
C ALA D 155 -28.80 37.13 -1.27
N VAL D 156 -29.02 37.61 -2.49
CA VAL D 156 -28.03 37.47 -3.58
C VAL D 156 -26.70 38.17 -3.30
N GLU D 157 -26.76 39.34 -2.69
CA GLU D 157 -25.56 40.11 -2.30
C GLU D 157 -24.79 39.40 -1.18
N GLN D 158 -25.52 38.64 -0.38
CA GLN D 158 -24.96 37.87 0.74
C GLN D 158 -24.28 36.59 0.24
N ILE D 159 -24.81 36.02 -0.84
CA ILE D 159 -24.24 34.82 -1.47
C ILE D 159 -22.87 35.13 -2.10
N GLY D 160 -22.75 36.32 -2.69
CA GLY D 160 -21.49 36.79 -3.24
C GLY D 160 -20.45 36.99 -2.14
N THR D 161 -20.92 37.43 -0.99
CA THR D 161 -20.07 37.69 0.17
C THR D 161 -19.50 36.40 0.76
N TYR D 162 -20.31 35.34 0.77
CA TYR D 162 -19.99 34.16 1.58
C TYR D 162 -19.67 32.82 0.90
N LEU D 163 -19.88 32.73 -0.41
CA LEU D 163 -19.78 31.44 -1.10
C LEU D 163 -18.41 30.76 -0.96
N LEU D 164 -17.34 31.50 -1.25
CA LEU D 164 -15.98 30.97 -1.10
C LEU D 164 -15.65 30.72 0.37
N ALA D 165 -16.05 31.65 1.24
CA ALA D 165 -15.79 31.53 2.68
C ALA D 165 -16.44 30.29 3.28
N ALA D 166 -17.68 30.02 2.91
CA ALA D 166 -18.41 28.84 3.37
C ALA D 166 -17.72 27.56 2.90
N GLN D 167 -17.25 27.57 1.66
CA GLN D 167 -16.56 26.42 1.07
C GLN D 167 -15.26 26.14 1.80
N GLN D 168 -14.41 27.16 1.94
CA GLN D 168 -13.13 27.01 2.63
C GLN D 168 -13.28 26.72 4.12
N GLY D 169 -14.26 27.36 4.75
CA GLY D 169 -14.56 27.12 6.15
C GLY D 169 -14.92 25.66 6.38
N THR D 170 -15.81 25.17 5.52
CA THR D 170 -16.28 23.79 5.56
C THR D 170 -15.14 22.79 5.33
N GLU D 171 -14.28 23.06 4.34
CA GLU D 171 -13.14 22.20 4.05
C GLU D 171 -12.35 21.94 5.32
N ALA D 172 -12.00 23.02 6.01
CA ALA D 172 -11.24 22.94 7.24
C ALA D 172 -11.91 22.09 8.32
N VAL D 173 -13.23 22.27 8.49
CA VAL D 173 -13.97 21.56 9.52
C VAL D 173 -14.09 20.09 9.16
N LEU D 174 -14.51 19.81 7.92
CA LEU D 174 -14.61 18.44 7.44
C LEU D 174 -13.28 17.69 7.59
N ALA D 175 -12.16 18.32 7.26
CA ALA D 175 -10.85 17.68 7.43
C ALA D 175 -10.60 17.30 8.89
N GLY D 176 -11.21 18.02 9.83
CA GLY D 176 -11.10 17.72 11.26
C GLY D 176 -12.05 16.64 11.75
N CYS D 177 -13.09 16.35 10.97
CA CYS D 177 -14.07 15.32 11.31
C CYS D 177 -13.71 13.89 10.87
N GLY D 178 -12.53 13.71 10.28
CA GLY D 178 -12.07 12.37 9.88
C GLY D 178 -10.68 12.01 10.36
N SER D 179 -10.16 10.89 9.83
CA SER D 179 -8.87 10.34 10.23
C SER D 179 -7.89 10.18 9.07
N ARG D 180 -7.85 11.16 8.17
CA ARG D 180 -6.91 11.11 7.05
C ARG D 180 -5.51 11.44 7.51
N LYS D 181 -4.55 10.65 7.03
CA LYS D 181 -3.17 10.79 7.44
C LYS D 181 -2.71 12.20 7.19
N PRO D 182 -2.20 12.87 8.23
CA PRO D 182 -1.61 14.19 8.05
C PRO D 182 -0.22 14.06 7.45
N ASP D 183 0.33 15.19 6.99
CA ASP D 183 1.70 15.22 6.50
C ASP D 183 2.57 15.67 7.66
N LEU D 184 3.50 14.80 8.06
CA LEU D 184 4.32 15.05 9.25
C LEU D 184 5.19 16.29 9.08
N SER D 185 5.77 16.44 7.90
CA SER D 185 6.59 17.61 7.60
C SER D 185 5.81 18.91 7.84
N GLU D 186 4.53 18.89 7.48
CA GLU D 186 3.68 20.04 7.59
C GLU D 186 3.35 20.30 9.05
N LEU D 187 3.07 19.21 9.80
CA LEU D 187 2.76 19.31 11.23
C LEU D 187 3.93 19.84 12.06
N SER D 188 5.15 19.51 11.63
CA SER D 188 6.34 20.00 12.33
C SER D 188 6.53 21.52 12.19
N SER D 189 6.16 22.08 11.04
CA SER D 189 6.15 23.54 10.86
C SER D 189 4.94 24.19 11.51
N ARG D 190 3.85 23.43 11.62
CA ARG D 190 2.59 23.92 12.17
C ARG D 190 2.61 23.99 13.69
N TYR D 191 3.22 22.97 14.31
CA TYR D 191 3.28 22.86 15.76
C TYR D 191 4.62 23.33 16.34
N PHE D 192 5.48 23.89 15.47
CA PHE D 192 6.76 24.49 15.87
C PHE D 192 7.68 23.50 16.59
N THR D 193 8.06 22.45 15.86
CA THR D 193 8.96 21.42 16.40
C THR D 193 10.04 21.07 15.36
N PRO D 194 11.31 20.96 15.80
CA PRO D 194 12.46 20.86 14.88
C PRO D 194 12.66 19.53 14.14
N LYS D 195 11.61 18.73 14.02
CA LYS D 195 11.70 17.41 13.35
C LYS D 195 12.07 17.49 11.86
N PHE D 196 11.53 18.50 11.18
CA PHE D 196 11.81 18.71 9.75
C PHE D 196 11.99 20.18 9.42
N GLY D 197 12.83 20.47 8.43
CA GLY D 197 12.86 21.81 7.83
C GLY D 197 14.15 22.62 7.88
N PHE D 198 14.96 22.39 8.91
CA PHE D 198 16.14 23.24 9.14
C PHE D 198 17.34 22.46 9.70
N LEU D 199 17.18 21.93 10.91
CA LEU D 199 18.25 21.22 11.62
C LEU D 199 18.19 19.73 11.36
N HIS D 200 16.97 19.24 11.11
CA HIS D 200 16.72 17.81 10.96
C HIS D 200 15.74 17.54 9.82
N TRP D 201 15.70 16.28 9.38
CA TRP D 201 14.89 15.83 8.26
C TRP D 201 14.22 14.50 8.61
N PHE D 202 13.83 14.39 9.87
CA PHE D 202 13.33 13.14 10.45
C PHE D 202 11.99 12.67 9.89
N THR D 203 11.13 13.62 9.54
CA THR D 203 9.72 13.29 9.37
C THR D 203 9.46 12.27 8.28
N PRO D 204 10.19 12.34 7.13
CA PRO D 204 9.89 11.30 6.15
C PRO D 204 10.25 9.90 6.64
N HIS D 205 11.23 9.77 7.53
CA HIS D 205 11.56 8.46 8.14
C HIS D 205 10.49 8.04 9.15
N TYR D 206 10.12 8.98 10.02
CA TYR D 206 9.02 8.80 10.97
C TYR D 206 7.73 8.35 10.30
N ASP D 207 7.44 8.97 9.16
CA ASP D 207 6.27 8.60 8.39
C ASP D 207 6.36 7.13 7.98
N ARG D 208 7.50 6.74 7.40
CA ARG D 208 7.68 5.37 6.91
C ARG D 208 7.53 4.32 8.01
N HIS D 209 8.05 4.61 9.21
CA HIS D 209 8.01 3.66 10.30
C HIS D 209 6.71 3.66 11.10
N PHE D 210 6.03 4.81 11.18
CA PHE D 210 4.87 5.00 12.08
C PHE D 210 3.53 4.81 11.41
N ARG D 211 3.44 5.12 10.13
CA ARG D 211 2.16 5.14 9.44
C ARG D 211 1.36 3.83 9.47
N ASP D 212 2.02 2.69 9.60
CA ASP D 212 1.31 1.42 9.62
C ASP D 212 0.64 1.12 10.96
N TYR D 213 0.95 1.96 11.95
CA TYR D 213 0.37 1.88 13.30
C TYR D 213 -0.94 2.66 13.50
N ARG D 214 -1.33 3.47 12.51
CA ARG D 214 -2.42 4.47 12.67
C ARG D 214 -3.84 3.90 12.95
N ASN D 215 -4.06 2.63 12.62
CA ASN D 215 -5.31 1.94 12.90
C ASN D 215 -5.38 1.45 14.36
N GLN D 216 -4.23 1.41 15.03
CA GLN D 216 -4.15 0.83 16.35
C GLN D 216 -4.32 1.85 17.45
N GLN D 217 -4.76 1.38 18.61
CA GLN D 217 -4.90 2.24 19.78
C GLN D 217 -3.56 2.35 20.48
N VAL D 218 -2.62 3.00 19.81
CA VAL D 218 -1.24 3.01 20.29
C VAL D 218 -1.08 3.76 21.60
N ARG D 219 -0.07 3.36 22.36
CA ARG D 219 0.40 4.14 23.50
C ARG D 219 1.81 4.57 23.16
N VAL D 220 2.02 5.88 23.13
CA VAL D 220 3.28 6.46 22.67
C VAL D 220 3.91 7.26 23.80
N LEU D 221 5.18 6.95 24.09
CA LEU D 221 5.95 7.67 25.11
C LEU D 221 7.11 8.41 24.45
N GLU D 222 7.16 9.72 24.64
CA GLU D 222 8.31 10.51 24.19
C GLU D 222 9.04 11.12 25.36
N ILE D 223 10.33 10.84 25.42
CA ILE D 223 11.20 11.40 26.44
C ILE D 223 11.71 12.73 25.94
N GLY D 224 11.38 13.80 26.64
CA GLY D 224 11.78 15.16 26.26
C GLY D 224 10.68 15.92 25.57
N VAL D 225 10.09 16.89 26.26
CA VAL D 225 8.88 17.56 25.79
C VAL D 225 9.15 18.83 24.94
N GLY D 226 10.20 19.56 25.28
CA GLY D 226 10.57 20.76 24.52
C GLY D 226 10.48 22.04 25.32
N GLY D 227 11.22 23.06 24.90
CA GLY D 227 11.20 24.36 25.54
C GLY D 227 12.13 24.52 26.74
N TYR D 228 12.57 23.39 27.29
CA TYR D 228 13.50 23.36 28.43
C TYR D 228 13.02 24.17 29.67
N LYS D 229 13.70 25.26 29.99
CA LYS D 229 13.34 26.05 31.19
C LYS D 229 12.27 27.11 30.92
N HIS D 230 11.93 27.30 29.64
CA HIS D 230 10.90 28.28 29.24
C HIS D 230 9.53 27.88 29.80
N PRO D 231 8.83 28.84 30.45
CA PRO D 231 7.55 28.58 31.12
C PRO D 231 6.36 28.26 30.20
N GLU D 232 6.55 28.31 28.88
CA GLU D 232 5.44 28.11 27.94
C GLU D 232 5.72 27.19 26.73
N TRP D 233 6.96 27.18 26.23
CA TRP D 233 7.31 26.37 25.06
C TRP D 233 7.26 24.86 25.27
N GLY D 234 7.13 24.12 24.18
CA GLY D 234 7.22 22.66 24.17
C GLY D 234 5.91 21.95 23.91
N GLY D 235 5.99 20.64 23.70
CA GLY D 235 4.81 19.83 23.45
C GLY D 235 4.40 19.80 21.99
N GLY D 236 5.24 20.36 21.13
CA GLY D 236 5.02 20.37 19.68
C GLY D 236 4.99 18.95 19.12
N SER D 237 6.04 18.18 19.39
CA SER D 237 6.08 16.79 18.92
C SER D 237 4.95 15.97 19.51
N LEU D 238 4.58 16.24 20.77
CA LEU D 238 3.48 15.53 21.41
C LEU D 238 2.17 15.72 20.65
N ARG D 239 1.87 16.97 20.30
CA ARG D 239 0.70 17.32 19.50
C ARG D 239 0.77 16.70 18.10
N MET D 240 1.99 16.67 17.55
CA MET D 240 2.27 16.02 16.28
C MET D 240 1.85 14.56 16.30
N TRP D 241 2.19 13.85 17.39
CA TRP D 241 1.86 12.42 17.51
C TRP D 241 0.36 12.19 17.75
N LYS D 242 -0.27 13.10 18.48
CA LYS D 242 -1.72 13.07 18.67
C LYS D 242 -2.45 13.15 17.32
N SER D 243 -1.98 14.03 16.45
CA SER D 243 -2.59 14.22 15.14
C SER D 243 -2.35 13.01 14.26
N PHE D 244 -1.15 12.44 14.38
CA PHE D 244 -0.72 11.34 13.54
C PHE D 244 -1.40 10.03 13.89
N PHE D 245 -1.58 9.78 15.18
CA PHE D 245 -2.26 8.57 15.64
C PHE D 245 -3.67 8.92 16.15
N PRO D 246 -4.68 8.83 15.27
CA PRO D 246 -6.02 9.28 15.65
C PRO D 246 -6.62 8.49 16.81
N ARG D 247 -6.09 7.30 17.09
CA ARG D 247 -6.62 6.47 18.16
C ARG D 247 -5.63 6.34 19.31
N GLY D 248 -4.56 7.13 19.25
CA GLY D 248 -3.49 7.02 20.22
C GLY D 248 -3.71 7.69 21.57
N GLN D 249 -2.87 7.28 22.51
CA GLN D 249 -2.67 8.00 23.76
C GLN D 249 -1.20 8.37 23.76
N ILE D 250 -0.92 9.67 23.91
CA ILE D 250 0.46 10.14 23.92
C ILE D 250 0.87 10.51 25.35
N TYR D 251 2.09 10.13 25.72
CA TYR D 251 2.70 10.51 27.00
C TYR D 251 3.99 11.25 26.72
N GLY D 252 4.23 12.30 27.50
CA GLY D 252 5.47 13.05 27.44
C GLY D 252 6.16 13.04 28.77
N LEU D 253 7.45 12.76 28.77
CA LEU D 253 8.25 12.78 29.96
C LEU D 253 9.22 13.94 29.88
N ASP D 254 9.29 14.74 30.94
CA ASP D 254 10.26 15.82 31.02
C ASP D 254 10.69 16.01 32.48
N ILE D 255 11.92 16.48 32.66
CA ILE D 255 12.45 16.78 33.99
C ILE D 255 11.75 18.02 34.56
N MET D 256 11.18 18.83 33.66
CA MET D 256 10.47 20.04 34.01
C MET D 256 8.98 19.76 34.05
N ASP D 257 8.22 20.64 34.70
CA ASP D 257 6.77 20.55 34.67
C ASP D 257 6.25 21.07 33.33
N LYS D 258 5.42 20.27 32.66
CA LYS D 258 4.83 20.67 31.39
C LYS D 258 3.32 20.39 31.39
N SER D 259 2.68 20.57 32.54
CA SER D 259 1.25 20.30 32.71
C SER D 259 0.36 21.21 31.85
N HIS D 260 0.89 22.38 31.48
CA HIS D 260 0.20 23.30 30.58
C HIS D 260 -0.04 22.71 29.18
N VAL D 261 0.63 21.59 28.90
CA VAL D 261 0.59 20.94 27.60
C VAL D 261 -0.52 19.88 27.53
N ASP D 262 -0.81 19.24 28.66
CA ASP D 262 -1.92 18.29 28.78
C ASP D 262 -3.20 18.75 28.08
N GLU D 263 -3.74 17.86 27.28
CA GLU D 263 -4.99 18.05 26.57
C GLU D 263 -5.53 16.67 26.28
N LEU D 264 -6.69 16.60 25.63
CA LEU D 264 -7.27 15.34 25.24
C LEU D 264 -6.22 14.44 24.57
N ARG D 265 -6.03 13.24 25.13
CA ARG D 265 -5.14 12.19 24.57
C ARG D 265 -3.65 12.53 24.67
N ILE D 266 -3.31 13.55 25.45
CA ILE D 266 -1.90 13.85 25.74
C ILE D 266 -1.67 14.01 27.25
N ARG D 267 -0.78 13.18 27.78
CA ARG D 267 -0.42 13.20 29.19
C ARG D 267 1.05 13.57 29.37
N THR D 268 1.34 14.57 30.21
CA THR D 268 2.72 14.88 30.57
C THR D 268 3.06 14.34 31.95
N ILE D 269 4.26 13.77 32.07
CA ILE D 269 4.76 13.18 33.30
C ILE D 269 6.09 13.84 33.64
N GLN D 270 6.25 14.22 34.90
CA GLN D 270 7.46 14.88 35.38
C GLN D 270 8.40 13.88 36.05
N GLY D 271 9.63 13.81 35.58
CA GLY D 271 10.64 12.93 36.17
C GLY D 271 11.97 12.90 35.43
N ASP D 272 12.93 12.16 35.99
CA ASP D 272 14.27 12.09 35.44
C ASP D 272 14.42 10.89 34.50
N GLN D 273 14.83 11.18 33.27
CA GLN D 273 15.14 10.18 32.24
C GLN D 273 16.22 9.17 32.68
N ASN D 274 17.13 9.61 33.55
CA ASN D 274 18.22 8.77 34.02
C ASN D 274 17.91 8.03 35.34
N ASP D 275 16.63 7.99 35.70
CA ASP D 275 16.17 7.27 36.89
C ASP D 275 15.43 6.00 36.48
N ALA D 276 16.16 4.89 36.46
CA ALA D 276 15.66 3.63 35.89
C ALA D 276 14.46 3.03 36.62
N GLU D 277 14.51 3.05 37.95
CA GLU D 277 13.41 2.59 38.80
C GLU D 277 12.14 3.38 38.53
N PHE D 278 12.29 4.70 38.41
CA PHE D 278 11.16 5.58 38.08
C PHE D 278 10.61 5.28 36.69
N LEU D 279 11.49 5.08 35.72
CA LEU D 279 11.06 4.70 34.39
C LEU D 279 10.25 3.42 34.45
N ASP D 280 10.71 2.44 35.23
CA ASP D 280 10.01 1.17 35.38
C ASP D 280 8.61 1.34 35.97
N ARG D 281 8.47 2.27 36.93
CA ARG D 281 7.20 2.52 37.59
C ARG D 281 6.16 3.11 36.64
N ILE D 282 6.56 4.09 35.85
CA ILE D 282 5.63 4.76 34.94
C ILE D 282 5.27 3.89 33.74
N ALA D 283 6.22 3.04 33.32
CA ALA D 283 5.99 2.09 32.24
C ALA D 283 5.00 1.03 32.71
N ARG D 284 5.12 0.62 33.96
CA ARG D 284 4.15 -0.30 34.54
C ARG D 284 2.77 0.35 34.67
N ARG D 285 2.73 1.62 35.07
CA ARG D 285 1.47 2.35 35.22
C ARG D 285 0.79 2.66 33.89
N TYR D 286 1.56 3.11 32.91
CA TYR D 286 0.99 3.62 31.67
C TYR D 286 1.26 2.74 30.45
N GLY D 287 2.26 1.87 30.55
CA GLY D 287 2.61 0.97 29.46
C GLY D 287 1.63 -0.18 29.25
N PRO D 288 2.01 -1.17 28.42
CA PRO D 288 3.25 -1.16 27.66
C PRO D 288 3.09 -0.25 26.44
N PHE D 289 4.21 0.17 25.85
CA PHE D 289 4.18 1.17 24.79
C PHE D 289 4.44 0.57 23.44
N ASP D 290 3.65 1.00 22.45
CA ASP D 290 3.90 0.59 21.09
C ASP D 290 5.13 1.30 20.57
N ILE D 291 5.35 2.53 21.05
CA ILE D 291 6.43 3.38 20.56
C ILE D 291 7.00 4.21 21.69
N VAL D 292 8.33 4.18 21.82
CA VAL D 292 9.05 5.06 22.74
C VAL D 292 10.04 5.88 21.95
N ILE D 293 10.07 7.20 22.19
CA ILE D 293 10.99 8.09 21.52
C ILE D 293 11.91 8.76 22.54
N ASP D 294 13.21 8.73 22.27
CA ASP D 294 14.19 9.39 23.10
C ASP D 294 14.71 10.64 22.39
N ASP D 295 14.28 11.79 22.90
CA ASP D 295 14.68 13.12 22.41
C ASP D 295 14.85 14.03 23.62
N GLY D 296 15.45 13.49 24.67
CA GLY D 296 15.58 14.19 25.95
C GLY D 296 16.86 15.01 26.07
N SER D 297 17.66 14.67 27.08
CA SER D 297 18.92 15.37 27.38
C SER D 297 19.98 15.18 26.31
N HIS D 298 19.90 14.05 25.59
CA HIS D 298 20.91 13.60 24.60
C HIS D 298 22.26 13.26 25.24
N ILE D 299 22.33 13.30 26.57
CA ILE D 299 23.50 12.81 27.29
C ILE D 299 23.60 11.31 27.04
N ASN D 300 24.80 10.86 26.65
CA ASN D 300 25.03 9.47 26.23
C ASN D 300 24.61 8.40 27.24
N ALA D 301 24.97 8.61 28.51
CA ALA D 301 24.64 7.66 29.58
C ALA D 301 23.14 7.60 29.84
N HIS D 302 22.45 8.72 29.62
CA HIS D 302 20.99 8.80 29.76
C HIS D 302 20.30 7.90 28.72
N VAL D 303 20.74 8.01 27.47
CA VAL D 303 20.18 7.22 26.38
C VAL D 303 20.33 5.73 26.69
N ARG D 304 21.51 5.32 27.11
CA ARG D 304 21.75 3.92 27.51
C ARG D 304 20.89 3.47 28.71
N THR D 305 20.70 4.35 29.69
CA THR D 305 19.87 4.02 30.87
C THR D 305 18.41 3.88 30.48
N SER D 306 17.92 4.83 29.67
CA SER D 306 16.54 4.84 29.22
C SER D 306 16.21 3.62 28.39
N PHE D 307 17.12 3.25 27.51
CA PHE D 307 16.91 2.13 26.60
C PHE D 307 16.86 0.80 27.34
N ALA D 308 17.81 0.58 28.25
CA ALA D 308 17.83 -0.66 29.00
C ALA D 308 16.58 -0.79 29.88
N ALA D 309 16.16 0.32 30.48
CA ALA D 309 14.99 0.33 31.36
C ALA D 309 13.68 0.26 30.59
N LEU D 310 13.61 0.89 29.42
CA LEU D 310 12.33 0.99 28.71
C LEU D 310 12.12 0.01 27.55
N PHE D 311 13.16 -0.66 27.11
CA PHE D 311 13.02 -1.60 26.01
C PHE D 311 12.12 -2.79 26.39
N PRO D 312 12.28 -3.33 27.62
CA PRO D 312 11.37 -4.39 28.10
C PRO D 312 9.88 -4.04 28.12
N HIS D 313 9.55 -2.74 28.10
CA HIS D 313 8.15 -2.30 28.15
C HIS D 313 7.59 -1.88 26.79
N VAL D 314 8.41 -2.01 25.75
CA VAL D 314 7.93 -1.86 24.37
C VAL D 314 7.26 -3.19 23.99
N ARG D 315 6.10 -3.10 23.34
CA ARG D 315 5.35 -4.30 22.94
C ARG D 315 6.08 -4.97 21.79
N PRO D 316 5.97 -6.31 21.71
CA PRO D 316 6.49 -7.00 20.51
C PRO D 316 5.82 -6.41 19.27
N GLY D 317 6.62 -6.09 18.26
CA GLY D 317 6.15 -5.41 17.07
C GLY D 317 6.22 -3.89 17.19
N GLY D 318 6.63 -3.39 18.35
CA GLY D 318 6.76 -1.95 18.54
C GLY D 318 8.15 -1.39 18.18
N LEU D 319 8.35 -0.12 18.45
CA LEU D 319 9.57 0.56 18.08
C LEU D 319 10.13 1.36 19.22
N TYR D 320 11.45 1.32 19.35
CA TYR D 320 12.16 2.23 20.21
C TYR D 320 13.01 3.14 19.33
N VAL D 321 12.82 4.45 19.49
CA VAL D 321 13.42 5.43 18.60
C VAL D 321 14.40 6.34 19.35
N ILE D 322 15.62 6.42 18.82
CA ILE D 322 16.63 7.29 19.38
C ILE D 322 16.94 8.41 18.39
N GLU D 323 16.71 9.65 18.82
CA GLU D 323 17.04 10.84 18.05
C GLU D 323 18.33 11.49 18.56
N ASP D 324 18.99 12.22 17.68
CA ASP D 324 20.11 13.11 18.03
C ASP D 324 21.33 12.36 18.55
N MET D 325 21.78 11.37 17.79
CA MET D 325 23.00 10.62 18.13
C MET D 325 24.27 11.43 17.90
N TRP D 326 24.13 12.65 17.38
CA TRP D 326 25.27 13.53 17.11
C TRP D 326 26.09 13.84 18.37
N THR D 327 25.44 13.77 19.53
CA THR D 327 26.07 14.02 20.81
C THR D 327 27.02 12.89 21.25
N ALA D 328 27.00 11.79 20.49
CA ALA D 328 27.90 10.66 20.74
C ALA D 328 29.35 11.02 20.44
N TYR D 329 29.54 12.06 19.63
CA TYR D 329 30.87 12.53 19.25
C TYR D 329 31.40 13.67 20.13
N TRP D 330 30.64 14.06 21.15
CA TRP D 330 30.96 15.26 21.96
C TRP D 330 31.10 15.04 23.48
N PRO D 331 32.24 15.46 24.05
CA PRO D 331 32.55 15.29 25.48
C PRO D 331 31.54 15.95 26.42
N GLY D 332 31.03 17.11 26.04
CA GLY D 332 30.04 17.85 26.85
C GLY D 332 28.74 17.08 27.08
N PHE D 333 28.54 16.02 26.32
CA PHE D 333 27.37 15.16 26.47
C PHE D 333 27.76 13.73 26.92
N GLY D 334 29.04 13.56 27.26
CA GLY D 334 29.57 12.27 27.72
C GLY D 334 30.01 11.34 26.61
N GLY D 335 30.31 11.91 25.44
CA GLY D 335 30.78 11.15 24.27
C GLY D 335 32.27 11.21 24.04
N GLN D 336 32.69 10.87 22.81
CA GLN D 336 34.10 10.74 22.46
C GLN D 336 34.45 11.33 21.09
N ALA D 337 35.59 12.01 21.01
CA ALA D 337 36.07 12.61 19.77
C ALA D 337 36.34 11.57 18.68
N ASP D 338 37.16 10.57 19.00
CA ASP D 338 37.42 9.44 18.13
C ASP D 338 36.16 8.56 18.03
N PRO D 339 35.63 8.37 16.80
CA PRO D 339 34.46 7.50 16.61
C PRO D 339 34.72 6.03 16.98
N GLN D 340 35.99 5.62 16.94
CA GLN D 340 36.39 4.25 17.29
C GLN D 340 36.17 3.93 18.77
N GLU D 341 36.46 4.89 19.64
CA GLU D 341 36.22 4.72 21.09
C GLU D 341 34.76 4.97 21.43
N CYS D 342 33.90 4.02 21.08
CA CYS D 342 32.45 4.15 21.24
C CYS D 342 31.93 3.40 22.49
N SER D 343 32.82 3.26 23.47
CA SER D 343 32.55 2.52 24.70
C SER D 343 31.18 2.81 25.32
N GLY D 344 30.90 4.10 25.58
CA GLY D 344 29.68 4.50 26.27
C GLY D 344 28.78 5.49 25.55
N THR D 345 28.89 5.54 24.22
CA THR D 345 28.09 6.46 23.41
C THR D 345 26.76 5.84 22.95
N SER D 346 25.86 6.67 22.44
CA SER D 346 24.62 6.19 21.83
C SER D 346 24.91 5.45 20.53
N LEU D 347 26.01 5.82 19.87
CA LEU D 347 26.48 5.11 18.68
C LEU D 347 27.06 3.75 19.02
N GLY D 348 27.72 3.67 20.17
CA GLY D 348 28.23 2.41 20.71
C GLY D 348 27.09 1.46 20.98
N LEU D 349 25.98 1.97 21.50
CA LEU D 349 24.77 1.18 21.68
C LEU D 349 24.26 0.62 20.36
N LEU D 350 24.12 1.48 19.36
CA LEU D 350 23.65 1.09 18.03
C LEU D 350 24.49 -0.02 17.42
N LYS D 351 25.80 0.16 17.44
CA LYS D 351 26.72 -0.86 16.96
C LYS D 351 26.52 -2.17 17.71
N SER D 352 26.36 -2.09 19.02
CA SER D 352 26.22 -3.30 19.84
C SER D 352 24.90 -4.00 19.52
N LEU D 353 23.91 -3.22 19.10
CA LEU D 353 22.61 -3.76 18.72
C LEU D 353 22.67 -4.66 17.47
N ILE D 354 23.68 -4.45 16.63
CA ILE D 354 23.93 -5.27 15.45
C ILE D 354 24.33 -6.67 15.90
N ASP D 355 25.24 -6.74 16.87
CA ASP D 355 25.61 -8.02 17.47
C ASP D 355 24.41 -8.63 18.21
N ALA D 356 23.59 -7.80 18.85
CA ALA D 356 22.42 -8.35 19.53
C ALA D 356 21.55 -9.07 18.50
N ILE D 357 21.37 -8.44 17.33
CA ILE D 357 20.61 -9.06 16.27
C ILE D 357 21.21 -10.41 15.86
N GLN D 358 22.54 -10.43 15.75
CA GLN D 358 23.26 -11.60 15.24
C GLN D 358 23.63 -12.64 16.30
N HIS D 359 23.11 -12.46 17.52
CA HIS D 359 23.65 -13.19 18.67
C HIS D 359 23.52 -14.71 18.58
N GLN D 360 22.51 -15.20 17.88
CA GLN D 360 22.32 -16.65 17.80
C GLN D 360 23.36 -17.32 16.91
N GLU D 361 24.18 -16.50 16.26
CA GLU D 361 25.23 -16.97 15.36
C GLU D 361 26.61 -17.14 16.04
N LEU D 362 26.71 -16.73 17.29
CA LEU D 362 27.97 -16.88 18.01
C LEU D 362 28.30 -18.35 18.26
N PRO D 363 29.61 -18.70 18.19
CA PRO D 363 29.98 -20.05 18.59
C PRO D 363 29.36 -20.38 19.95
N SER D 364 28.80 -21.59 20.05
CA SER D 364 28.21 -22.07 21.28
C SER D 364 29.15 -21.91 22.48
N ASP D 365 28.62 -21.39 23.58
CA ASP D 365 29.38 -21.24 24.82
C ASP D 365 28.49 -21.62 26.00
N PRO D 366 28.77 -22.78 26.62
CA PRO D 366 27.99 -23.33 27.75
C PRO D 366 27.82 -22.35 28.93
N ASN D 367 28.56 -21.25 28.95
CA ASN D 367 28.49 -20.29 30.06
C ASN D 367 27.72 -19.01 29.72
N ARG D 368 27.69 -18.65 28.44
CA ARG D 368 27.07 -17.40 27.99
C ARG D 368 25.56 -17.51 27.84
N SER D 369 24.86 -16.56 28.45
CA SER D 369 23.43 -16.38 28.19
C SER D 369 23.24 -15.13 27.34
N PRO D 370 22.39 -15.23 26.31
CA PRO D 370 21.92 -14.04 25.60
C PRO D 370 21.19 -13.10 26.56
N GLY D 371 21.50 -11.81 26.50
CA GLY D 371 20.85 -10.82 27.35
C GLY D 371 19.44 -10.57 26.88
N TYR D 372 18.71 -9.72 27.60
CA TYR D 372 17.32 -9.44 27.25
C TYR D 372 17.16 -8.80 25.86
N VAL D 373 18.01 -7.84 25.55
CA VAL D 373 17.98 -7.19 24.25
C VAL D 373 18.27 -8.22 23.12
N ASP D 374 19.33 -9.02 23.29
CA ASP D 374 19.64 -10.13 22.35
C ASP D 374 18.37 -10.85 21.89
N ARG D 375 17.53 -11.23 22.84
CA ARG D 375 16.36 -12.06 22.56
C ARG D 375 15.20 -11.27 21.97
N ASN D 376 15.29 -9.94 22.02
CA ASN D 376 14.14 -9.08 21.77
C ASN D 376 14.26 -7.98 20.71
N ILE D 377 15.41 -7.90 20.04
CA ILE D 377 15.59 -7.00 18.89
C ILE D 377 15.52 -7.78 17.57
N VAL D 378 14.71 -7.32 16.63
CA VAL D 378 14.61 -8.02 15.35
C VAL D 378 14.92 -7.15 14.16
N GLY D 379 15.22 -5.87 14.40
CA GLY D 379 15.60 -4.97 13.33
C GLY D 379 16.19 -3.68 13.85
N LEU D 380 17.11 -3.11 13.06
CA LEU D 380 17.71 -1.82 13.35
C LEU D 380 17.77 -0.95 12.09
N HIS D 381 17.24 0.26 12.20
CA HIS D 381 17.18 1.19 11.09
C HIS D 381 17.90 2.43 11.53
N VAL D 382 18.98 2.77 10.82
CA VAL D 382 19.80 3.91 11.20
C VAL D 382 19.81 4.93 10.07
N TYR D 383 19.43 6.16 10.41
CA TYR D 383 19.44 7.26 9.48
C TYR D 383 20.22 8.38 10.14
N HIS D 384 20.43 9.47 9.40
CA HIS D 384 21.14 10.61 9.96
C HIS D 384 20.41 11.14 11.20
N ASN D 385 21.07 11.01 12.35
CA ASN D 385 20.56 11.51 13.64
C ASN D 385 19.24 10.89 14.15
N VAL D 386 18.81 9.80 13.54
CA VAL D 386 17.69 9.04 14.08
C VAL D 386 17.82 7.56 13.79
N ALA D 387 17.49 6.73 14.78
CA ALA D 387 17.56 5.28 14.64
C ALA D 387 16.33 4.61 15.22
N PHE D 388 15.82 3.61 14.51
CA PHE D 388 14.62 2.88 14.92
C PHE D 388 14.99 1.43 15.26
N VAL D 389 14.57 0.99 16.45
CA VAL D 389 14.82 -0.36 16.92
C VAL D 389 13.53 -1.16 16.97
N GLU D 390 13.51 -2.32 16.32
CA GLU D 390 12.32 -3.15 16.25
C GLU D 390 12.30 -4.17 17.38
N LYS D 391 11.24 -4.13 18.17
CA LYS D 391 11.07 -5.05 19.29
C LYS D 391 10.33 -6.29 18.81
N GLY D 392 10.92 -7.47 19.07
CA GLY D 392 10.34 -8.70 18.58
C GLY D 392 11.11 -9.91 19.07
N ARG D 393 10.48 -11.07 18.96
CA ARG D 393 11.11 -12.30 19.41
C ARG D 393 12.23 -12.67 18.45
N ASN D 394 13.48 -12.55 18.92
CA ASN D 394 14.64 -12.87 18.11
C ASN D 394 15.08 -14.33 18.27
N ASP D 395 14.36 -15.23 17.61
CA ASP D 395 14.51 -16.66 17.88
C ASP D 395 14.33 -17.52 16.62
N GLU D 396 14.96 -17.07 15.55
CA GLU D 396 14.88 -17.72 14.26
C GLU D 396 15.75 -18.98 14.23
N GLY D 397 16.71 -19.05 15.15
CA GLY D 397 17.69 -20.13 15.18
C GLY D 397 18.93 -19.74 14.39
N GLY D 398 20.10 -20.02 14.94
CA GLY D 398 21.36 -19.77 14.26
C GLY D 398 21.64 -20.83 13.22
N ILE D 399 22.71 -20.63 12.45
CA ILE D 399 23.09 -21.59 11.43
C ILE D 399 23.48 -22.90 12.13
N PRO D 400 22.84 -24.02 11.75
CA PRO D 400 23.09 -25.29 12.43
C PRO D 400 24.58 -25.64 12.44
N THR D 401 25.01 -26.34 13.49
CA THR D 401 26.41 -26.67 13.66
C THR D 401 26.90 -27.61 12.55
N TRP D 402 25.96 -28.32 11.93
CA TRP D 402 26.27 -29.28 10.85
C TRP D 402 26.41 -28.68 9.45
N ILE D 403 26.24 -27.36 9.33
CA ILE D 403 26.70 -26.62 8.15
C ILE D 403 28.19 -26.37 8.39
N PRO D 404 29.07 -26.74 7.43
CA PRO D 404 30.51 -26.62 7.67
C PRO D 404 30.94 -25.20 8.07
N ARG D 405 31.97 -25.11 8.90
CA ARG D 405 32.38 -23.80 9.43
C ARG D 405 33.56 -23.14 8.70
N ASP D 406 33.81 -23.59 7.47
CA ASP D 406 34.74 -22.92 6.55
C ASP D 406 34.24 -23.06 5.13
N PHE D 407 34.75 -22.20 4.25
CA PHE D 407 34.24 -22.05 2.90
C PHE D 407 34.45 -23.26 1.98
N GLU D 408 35.68 -23.77 1.89
CA GLU D 408 35.93 -24.93 1.01
C GLU D 408 35.14 -26.18 1.41
N SER D 409 34.93 -26.37 2.72
CA SER D 409 34.06 -27.44 3.23
C SER D 409 32.60 -27.24 2.81
N LEU D 410 32.13 -26.00 2.88
CA LEU D 410 30.76 -25.63 2.50
C LEU D 410 30.51 -25.94 1.02
N VAL D 411 31.48 -25.60 0.18
CA VAL D 411 31.42 -25.89 -1.26
C VAL D 411 31.19 -27.38 -1.50
N GLN D 412 32.06 -28.20 -0.90
CA GLN D 412 31.97 -29.67 -0.99
C GLN D 412 30.59 -30.17 -0.57
N ALA D 413 30.12 -29.73 0.59
CA ALA D 413 28.85 -30.17 1.16
C ALA D 413 27.61 -29.64 0.42
N SER D 414 27.80 -28.64 -0.44
CA SER D 414 26.71 -27.97 -1.14
C SER D 414 26.64 -28.31 -2.62
N SER D 415 27.62 -29.07 -3.10
CA SER D 415 27.71 -29.40 -4.53
C SER D 415 27.03 -30.72 -4.88
N GLY D 416 26.29 -31.28 -3.92
CA GLY D 416 25.62 -32.58 -4.07
C GLY D 416 26.47 -33.67 -4.71
N GLY D 417 27.71 -33.80 -4.24
CA GLY D 417 28.66 -34.76 -4.81
C GLY D 417 29.19 -34.33 -6.15
#